data_6W9Y
# 
_entry.id   6W9Y 
# 
_audit_conform.dict_name       mmcif_pdbx.dic 
_audit_conform.dict_version    5.380 
_audit_conform.dict_location   http://mmcif.pdb.org/dictionaries/ascii/mmcif_pdbx.dic 
# 
loop_
_database_2.database_id 
_database_2.database_code 
_database_2.pdbx_database_accession 
_database_2.pdbx_DOI 
PDB   6W9Y         pdb_00006w9y 10.2210/pdb6w9y/pdb 
WWPDB D_1000247795 ?            ?                   
# 
_pdbx_database_status.status_code                     REL 
_pdbx_database_status.status_code_sf                  REL 
_pdbx_database_status.status_code_mr                  ? 
_pdbx_database_status.entry_id                        6W9Y 
_pdbx_database_status.recvd_initial_deposition_date   2020-03-24 
_pdbx_database_status.SG_entry                        N 
_pdbx_database_status.deposit_site                    RCSB 
_pdbx_database_status.process_site                    RCSB 
_pdbx_database_status.status_code_cs                  ? 
_pdbx_database_status.status_code_nmr_data            ? 
_pdbx_database_status.methods_development_category    ? 
_pdbx_database_status.pdb_format_compatible           Y 
# 
loop_
_audit_author.name 
_audit_author.pdbx_ordinal 
_audit_author.identifier_ORCID 
'Call, M.J.'     1 0000-0001-7684-5841 
'Call, M.E.'     2 0000-0001-5846-6469 
'Chandler, N.J.' 3 0000-0003-4093-7503 
'Nguyen, J.V.'   4 0000-0003-1855-1751 
'Trenker, R.'    5 0000-0003-1748-0517 
# 
_citation.abstract                  ? 
_citation.abstract_id_CAS           ? 
_citation.book_id_ISBN              ? 
_citation.book_publisher            ? 
_citation.book_publisher_city       ? 
_citation.book_title                ? 
_citation.coordinate_linkage        ? 
_citation.country                   ? 
_citation.database_id_Medline       ? 
_citation.details                   ? 
_citation.id                        primary 
_citation.journal_abbrev            'To Be Published' 
_citation.journal_id_ASTM           ? 
_citation.journal_id_CSD            0353 
_citation.journal_id_ISSN           ? 
_citation.journal_full              ? 
_citation.journal_issue             ? 
_citation.journal_volume            ? 
_citation.language                  ? 
_citation.page_first                ? 
_citation.page_last                 ? 
_citation.title                     
'De novo designed receptor transmembrane domains enhance CAR-T cytotoxicity and attenuate cytokine release' 
_citation.year                      ? 
_citation.database_id_CSD           ? 
_citation.pdbx_database_id_DOI      ? 
_citation.pdbx_database_id_PubMed   ? 
_citation.unpublished_flag          ? 
# 
loop_
_citation_author.citation_id 
_citation_author.name 
_citation_author.ordinal 
_citation_author.identifier_ORCID 
primary 'Elazar, A.'      1  0000-0002-5281-0908 
primary 'Chandler, N.J.'  2  0000-0003-4093-7503 
primary 'Davey, A.S.'     3  0000-0001-8372-7894 
primary 'Weinstein, J.Y.' 4  0000-0001-7581-965X 
primary 'Nguyen, J.V.'    5  0000-0003-1855-1751 
primary 'Trenker, R.'     6  0000-0003-1748-0517 
primary 'Jenkins, M.'     7  0000-0001-6564-2715 
primary 'Call, M.J.'      8  0000-0001-7684-5841 
primary 'Call, M.E.'      9  0000-0001-5846-6469 
primary 'Fleishman, S.J.' 10 0000-0002-6831-3770 
# 
_cell.angle_alpha                  90.000 
_cell.angle_alpha_esd              ? 
_cell.angle_beta                   90.000 
_cell.angle_beta_esd               ? 
_cell.angle_gamma                  90.000 
_cell.angle_gamma_esd              ? 
_cell.entry_id                     6W9Y 
_cell.details                      ? 
_cell.formula_units_Z              ? 
_cell.length_a                     41.489 
_cell.length_a_esd                 ? 
_cell.length_b                     64.975 
_cell.length_b_esd                 ? 
_cell.length_c                     85.160 
_cell.length_c_esd                 ? 
_cell.volume                       ? 
_cell.volume_esd                   ? 
_cell.Z_PDB                        32 
_cell.reciprocal_angle_alpha       ? 
_cell.reciprocal_angle_beta        ? 
_cell.reciprocal_angle_gamma       ? 
_cell.reciprocal_angle_alpha_esd   ? 
_cell.reciprocal_angle_beta_esd    ? 
_cell.reciprocal_angle_gamma_esd   ? 
_cell.reciprocal_length_a          ? 
_cell.reciprocal_length_b          ? 
_cell.reciprocal_length_c          ? 
_cell.reciprocal_length_a_esd      ? 
_cell.reciprocal_length_b_esd      ? 
_cell.reciprocal_length_c_esd      ? 
_cell.pdbx_unique_axis             ? 
# 
_symmetry.entry_id                         6W9Y 
_symmetry.cell_setting                     ? 
_symmetry.Int_Tables_number                20 
_symmetry.space_group_name_Hall            ? 
_symmetry.space_group_name_H-M             'C 2 2 21' 
_symmetry.pdbx_full_space_group_name_H-M   ? 
# 
loop_
_entity.id 
_entity.type 
_entity.src_method 
_entity.pdbx_description 
_entity.formula_weight 
_entity.pdbx_number_of_molecules 
_entity.pdbx_ec 
_entity.pdbx_mutation 
_entity.pdbx_fragment 
_entity.details 
1 polymer     man 'De novo designed receptor transmembrane domain proMP 1.2' 3290.124 4 ? ? ? ? 
2 non-polymer syn '(2S)-2,3-dihydroxypropyl (9Z)-octadec-9-enoate'           356.540  1 ? ? ? ? 
# 
_entity_poly.entity_id                      1 
_entity_poly.type                           'polypeptide(L)' 
_entity_poly.nstd_linkage                   no 
_entity_poly.nstd_monomer                   yes 
_entity_poly.pdbx_seq_one_letter_code       'EPELLFILVAILGGLFGAIVAFLLALRRL(SCH)' 
_entity_poly.pdbx_seq_one_letter_code_can   EPELLFILVAILGGLFGAIVAFLLALRRLC 
_entity_poly.pdbx_strand_id                 A,B,C,D 
_entity_poly.pdbx_target_identifier         ? 
# 
loop_
_entity_poly_seq.entity_id 
_entity_poly_seq.num 
_entity_poly_seq.mon_id 
_entity_poly_seq.hetero 
1 1  GLU n 
1 2  PRO n 
1 3  GLU n 
1 4  LEU n 
1 5  LEU n 
1 6  PHE n 
1 7  ILE n 
1 8  LEU n 
1 9  VAL n 
1 10 ALA n 
1 11 ILE n 
1 12 LEU n 
1 13 GLY n 
1 14 GLY n 
1 15 LEU n 
1 16 PHE n 
1 17 GLY n 
1 18 ALA n 
1 19 ILE n 
1 20 VAL n 
1 21 ALA n 
1 22 PHE n 
1 23 LEU n 
1 24 LEU n 
1 25 ALA n 
1 26 LEU n 
1 27 ARG n 
1 28 ARG n 
1 29 LEU n 
1 30 SCH n 
# 
_entity_src_gen.entity_id                          1 
_entity_src_gen.pdbx_src_id                        1 
_entity_src_gen.pdbx_alt_source_flag               sample 
_entity_src_gen.pdbx_seq_type                      'Biological sequence' 
_entity_src_gen.pdbx_beg_seq_num                   1 
_entity_src_gen.pdbx_end_seq_num                   30 
_entity_src_gen.gene_src_common_name               ? 
_entity_src_gen.gene_src_genus                     ? 
_entity_src_gen.pdbx_gene_src_gene                 ? 
_entity_src_gen.gene_src_species                   ? 
_entity_src_gen.gene_src_strain                    ? 
_entity_src_gen.gene_src_tissue                    ? 
_entity_src_gen.gene_src_tissue_fraction           ? 
_entity_src_gen.gene_src_details                   ? 
_entity_src_gen.pdbx_gene_src_fragment             ? 
_entity_src_gen.pdbx_gene_src_scientific_name      'synthetic construct' 
_entity_src_gen.pdbx_gene_src_ncbi_taxonomy_id     32630 
_entity_src_gen.pdbx_gene_src_variant              ? 
_entity_src_gen.pdbx_gene_src_cell_line            ? 
_entity_src_gen.pdbx_gene_src_atcc                 ? 
_entity_src_gen.pdbx_gene_src_organ                ? 
_entity_src_gen.pdbx_gene_src_organelle            ? 
_entity_src_gen.pdbx_gene_src_cell                 ? 
_entity_src_gen.pdbx_gene_src_cellular_location    ? 
_entity_src_gen.host_org_common_name               ? 
_entity_src_gen.pdbx_host_org_scientific_name      'Escherichia coli BL21(DE3)' 
_entity_src_gen.pdbx_host_org_ncbi_taxonomy_id     469008 
_entity_src_gen.host_org_genus                     ? 
_entity_src_gen.pdbx_host_org_gene                 ? 
_entity_src_gen.pdbx_host_org_organ                ? 
_entity_src_gen.host_org_species                   ? 
_entity_src_gen.pdbx_host_org_tissue               ? 
_entity_src_gen.pdbx_host_org_tissue_fraction      ? 
_entity_src_gen.pdbx_host_org_strain               'BL21(DE3)' 
_entity_src_gen.pdbx_host_org_variant              ? 
_entity_src_gen.pdbx_host_org_cell_line            ? 
_entity_src_gen.pdbx_host_org_atcc                 ? 
_entity_src_gen.pdbx_host_org_culture_collection   ? 
_entity_src_gen.pdbx_host_org_cell                 ? 
_entity_src_gen.pdbx_host_org_organelle            ? 
_entity_src_gen.pdbx_host_org_cellular_location    ? 
_entity_src_gen.pdbx_host_org_vector_type          ? 
_entity_src_gen.pdbx_host_org_vector               ? 
_entity_src_gen.host_org_details                   ? 
_entity_src_gen.expression_system_id               ? 
_entity_src_gen.plasmid_name                       'pMM-TrpLE fusion' 
_entity_src_gen.plasmid_details                    ? 
_entity_src_gen.pdbx_description                   ? 
# 
_struct_ref.id                         1 
_struct_ref.db_name                    PDB 
_struct_ref.db_code                    6W9Y 
_struct_ref.pdbx_db_accession          6W9Y 
_struct_ref.pdbx_db_isoform            ? 
_struct_ref.entity_id                  1 
_struct_ref.pdbx_seq_one_letter_code   ? 
_struct_ref.pdbx_align_begin           1 
# 
loop_
_struct_ref_seq.align_id 
_struct_ref_seq.ref_id 
_struct_ref_seq.pdbx_PDB_id_code 
_struct_ref_seq.pdbx_strand_id 
_struct_ref_seq.seq_align_beg 
_struct_ref_seq.pdbx_seq_align_beg_ins_code 
_struct_ref_seq.seq_align_end 
_struct_ref_seq.pdbx_seq_align_end_ins_code 
_struct_ref_seq.pdbx_db_accession 
_struct_ref_seq.db_align_beg 
_struct_ref_seq.pdbx_db_align_beg_ins_code 
_struct_ref_seq.db_align_end 
_struct_ref_seq.pdbx_db_align_end_ins_code 
_struct_ref_seq.pdbx_auth_seq_align_beg 
_struct_ref_seq.pdbx_auth_seq_align_end 
1 1 6W9Y A 1 ? 30 ? 6W9Y 1 ? 30 ? 1 30 
2 1 6W9Y B 1 ? 30 ? 6W9Y 1 ? 30 ? 1 30 
3 1 6W9Y C 1 ? 30 ? 6W9Y 1 ? 30 ? 1 30 
4 1 6W9Y D 1 ? 30 ? 6W9Y 1 ? 30 ? 1 30 
# 
loop_
_chem_comp.id 
_chem_comp.type 
_chem_comp.mon_nstd_flag 
_chem_comp.name 
_chem_comp.pdbx_synonyms 
_chem_comp.formula 
_chem_comp.formula_weight 
ALA 'L-peptide linking' y ALANINE                                          ? 'C3 H7 N O2'     89.093  
ARG 'L-peptide linking' y ARGININE                                         ? 'C6 H15 N4 O2 1' 175.209 
GLU 'L-peptide linking' y 'GLUTAMIC ACID'                                  ? 'C5 H9 N O4'     147.129 
GLY 'peptide linking'   y GLYCINE                                          ? 'C2 H5 N O2'     75.067  
ILE 'L-peptide linking' y ISOLEUCINE                                       ? 'C6 H13 N O2'    131.173 
LEU 'L-peptide linking' y LEUCINE                                          ? 'C6 H13 N O2'    131.173 
OLB non-polymer         . '(2S)-2,3-dihydroxypropyl (9Z)-octadec-9-enoate' ? 'C21 H40 O4'     356.540 
PHE 'L-peptide linking' y PHENYLALANINE                                    ? 'C9 H11 N O2'    165.189 
PRO 'L-peptide linking' y PROLINE                                          ? 'C5 H9 N O2'     115.130 
SCH 'L-peptide linking' n S-METHYL-THIO-CYSTEINE                           ? 'C4 H9 N O2 S2'  167.250 
VAL 'L-peptide linking' y VALINE                                           ? 'C5 H11 N O2'    117.146 
# 
_exptl.absorpt_coefficient_mu     ? 
_exptl.absorpt_correction_T_max   ? 
_exptl.absorpt_correction_T_min   ? 
_exptl.absorpt_correction_type    ? 
_exptl.absorpt_process_details    ? 
_exptl.entry_id                   6W9Y 
_exptl.crystals_number            1 
_exptl.details                    ? 
_exptl.method                     'X-RAY DIFFRACTION' 
_exptl.method_details             ? 
# 
_exptl_crystal.colour                      ? 
_exptl_crystal.density_diffrn              ? 
_exptl_crystal.density_Matthews            2.21 
_exptl_crystal.density_method              ? 
_exptl_crystal.density_percent_sol         44.38 
_exptl_crystal.description                 'hexagonal discs' 
_exptl_crystal.F_000                       ? 
_exptl_crystal.id                          1 
_exptl_crystal.preparation                 ? 
_exptl_crystal.size_max                    ? 
_exptl_crystal.size_mid                    ? 
_exptl_crystal.size_min                    ? 
_exptl_crystal.size_rad                    ? 
_exptl_crystal.colour_lustre               ? 
_exptl_crystal.colour_modifier             ? 
_exptl_crystal.colour_primary              ? 
_exptl_crystal.density_meas                ? 
_exptl_crystal.density_meas_esd            ? 
_exptl_crystal.density_meas_gt             ? 
_exptl_crystal.density_meas_lt             ? 
_exptl_crystal.density_meas_temp           ? 
_exptl_crystal.density_meas_temp_esd       ? 
_exptl_crystal.density_meas_temp_gt        ? 
_exptl_crystal.density_meas_temp_lt        ? 
_exptl_crystal.pdbx_crystal_image_url      ? 
_exptl_crystal.pdbx_crystal_image_format   ? 
_exptl_crystal.pdbx_mosaicity              ? 
_exptl_crystal.pdbx_mosaicity_esd          ? 
# 
_exptl_crystal_grow.apparatus       ? 
_exptl_crystal_grow.atmosphere      ? 
_exptl_crystal_grow.crystal_id      1 
_exptl_crystal_grow.details         ? 
_exptl_crystal_grow.method          'LIPIDIC CUBIC PHASE' 
_exptl_crystal_grow.method_ref      ? 
_exptl_crystal_grow.pH              6 
_exptl_crystal_grow.pressure        ? 
_exptl_crystal_grow.pressure_esd    ? 
_exptl_crystal_grow.seeding         ? 
_exptl_crystal_grow.seeding_ref     ? 
_exptl_crystal_grow.temp            293 
_exptl_crystal_grow.temp_details    ? 
_exptl_crystal_grow.temp_esd        ? 
_exptl_crystal_grow.time            ? 
_exptl_crystal_grow.pdbx_details    
;35 mg/ml peptide in LCP
25% w/v poly(ethylene glycol) 1500 
10% v/v succinate-phosphate-glycine pH 6.0
;
_exptl_crystal_grow.pdbx_pH_range   ? 
# 
_diffrn.ambient_environment              ? 
_diffrn.ambient_temp                     100 
_diffrn.ambient_temp_details             'Cryo Stream' 
_diffrn.ambient_temp_esd                 ? 
_diffrn.crystal_id                       1 
_diffrn.crystal_support                  ? 
_diffrn.crystal_treatment                ? 
_diffrn.details                          ? 
_diffrn.id                               1 
_diffrn.ambient_pressure                 ? 
_diffrn.ambient_pressure_esd             ? 
_diffrn.ambient_pressure_gt              ? 
_diffrn.ambient_pressure_lt              ? 
_diffrn.ambient_temp_gt                  ? 
_diffrn.ambient_temp_lt                  ? 
_diffrn.pdbx_serial_crystal_experiment   N 
# 
_diffrn_detector.details                      ? 
_diffrn_detector.detector                     PIXEL 
_diffrn_detector.diffrn_id                    1 
_diffrn_detector.type                         'DECTRIS EIGER X 16M' 
_diffrn_detector.area_resol_mean              ? 
_diffrn_detector.dtime                        ? 
_diffrn_detector.pdbx_frames_total            ? 
_diffrn_detector.pdbx_collection_time_total   ? 
_diffrn_detector.pdbx_collection_date         2017-11-07 
_diffrn_detector.pdbx_frequency               ? 
# 
_diffrn_radiation.collimation                      ? 
_diffrn_radiation.diffrn_id                        1 
_diffrn_radiation.filter_edge                      ? 
_diffrn_radiation.inhomogeneity                    ? 
_diffrn_radiation.monochromator                    ? 
_diffrn_radiation.polarisn_norm                    ? 
_diffrn_radiation.polarisn_ratio                   ? 
_diffrn_radiation.probe                            ? 
_diffrn_radiation.type                             ? 
_diffrn_radiation.xray_symbol                      ? 
_diffrn_radiation.wavelength_id                    1 
_diffrn_radiation.pdbx_monochromatic_or_laue_m_l   M 
_diffrn_radiation.pdbx_wavelength_list             ? 
_diffrn_radiation.pdbx_wavelength                  ? 
_diffrn_radiation.pdbx_diffrn_protocol             'SINGLE WAVELENGTH' 
_diffrn_radiation.pdbx_analyzer                    ? 
_diffrn_radiation.pdbx_scattering_type             x-ray 
# 
_diffrn_radiation_wavelength.id           1 
_diffrn_radiation_wavelength.wavelength   0.953737 
_diffrn_radiation_wavelength.wt           1.0 
# 
_diffrn_source.current                     ? 
_diffrn_source.details                     ? 
_diffrn_source.diffrn_id                   1 
_diffrn_source.power                       ? 
_diffrn_source.size                        ? 
_diffrn_source.source                      SYNCHROTRON 
_diffrn_source.target                      ? 
_diffrn_source.type                        'AUSTRALIAN SYNCHROTRON BEAMLINE MX2' 
_diffrn_source.voltage                     ? 
_diffrn_source.take-off_angle              ? 
_diffrn_source.pdbx_wavelength_list        0.953737 
_diffrn_source.pdbx_wavelength             ? 
_diffrn_source.pdbx_synchrotron_beamline   MX2 
_diffrn_source.pdbx_synchrotron_site       'Australian Synchrotron' 
# 
_reflns.B_iso_Wilson_estimate            60.27 
_reflns.entry_id                         6W9Y 
_reflns.data_reduction_details           ? 
_reflns.data_reduction_method            ? 
_reflns.d_resolution_high                2.550 
_reflns.d_resolution_low                 32.35 
_reflns.details                          ? 
_reflns.limit_h_max                      ? 
_reflns.limit_h_min                      ? 
_reflns.limit_k_max                      ? 
_reflns.limit_k_min                      ? 
_reflns.limit_l_max                      ? 
_reflns.limit_l_min                      ? 
_reflns.number_all                       ? 
_reflns.number_obs                       3956 
_reflns.observed_criterion               ? 
_reflns.observed_criterion_F_max         ? 
_reflns.observed_criterion_F_min         ? 
_reflns.observed_criterion_I_max         ? 
_reflns.observed_criterion_I_min         ? 
_reflns.observed_criterion_sigma_F       ? 
_reflns.observed_criterion_sigma_I       ? 
_reflns.percent_possible_obs             98.94 
_reflns.R_free_details                   ? 
_reflns.Rmerge_F_all                     ? 
_reflns.Rmerge_F_obs                     ? 
_reflns.Friedel_coverage                 ? 
_reflns.number_gt                        ? 
_reflns.threshold_expression             ? 
_reflns.pdbx_redundancy                  4.900 
_reflns.pdbx_Rmerge_I_obs                0.06635 
_reflns.pdbx_Rmerge_I_all                ? 
_reflns.pdbx_Rsym_value                  ? 
_reflns.pdbx_netI_over_av_sigmaI         ? 
_reflns.pdbx_netI_over_sigmaI            12.72 
_reflns.pdbx_res_netI_over_av_sigmaI_2   ? 
_reflns.pdbx_res_netI_over_sigmaI_2      ? 
_reflns.pdbx_chi_squared                 ? 
_reflns.pdbx_scaling_rejects             ? 
_reflns.pdbx_d_res_high_opt              ? 
_reflns.pdbx_d_res_low_opt               ? 
_reflns.pdbx_d_res_opt_method            ? 
_reflns.phase_calculation_details        ? 
_reflns.pdbx_Rrim_I_all                  .07495 
_reflns.pdbx_Rpim_I_all                  0.0338 
_reflns.pdbx_d_opt                       ? 
_reflns.pdbx_number_measured_all         ? 
_reflns.pdbx_diffrn_id                   1 
_reflns.pdbx_ordinal                     1 
_reflns.pdbx_CC_half                     0.995 
_reflns.pdbx_CC_star                     0.999 
_reflns.pdbx_R_split                     ? 
# 
_reflns_shell.d_res_high                  2.550 
_reflns_shell.d_res_low                   2.641 
_reflns_shell.meanI_over_sigI_all         ? 
_reflns_shell.meanI_over_sigI_obs         2.41 
_reflns_shell.number_measured_all         ? 
_reflns_shell.number_measured_obs         ? 
_reflns_shell.number_possible             ? 
_reflns_shell.number_unique_all           ? 
_reflns_shell.number_unique_obs           381 
_reflns_shell.percent_possible_all        97.14 
_reflns_shell.percent_possible_obs        ? 
_reflns_shell.Rmerge_F_all                ? 
_reflns_shell.Rmerge_F_obs                ? 
_reflns_shell.Rmerge_I_all                ? 
_reflns_shell.Rmerge_I_obs                0.5728 
_reflns_shell.meanI_over_sigI_gt          ? 
_reflns_shell.meanI_over_uI_all           ? 
_reflns_shell.meanI_over_uI_gt            ? 
_reflns_shell.number_measured_gt          ? 
_reflns_shell.number_unique_gt            ? 
_reflns_shell.percent_possible_gt         ? 
_reflns_shell.Rmerge_F_gt                 ? 
_reflns_shell.Rmerge_I_gt                 ? 
_reflns_shell.pdbx_redundancy             5 
_reflns_shell.pdbx_Rsym_value             ? 
_reflns_shell.pdbx_chi_squared            ? 
_reflns_shell.pdbx_netI_over_sigmaI_all   ? 
_reflns_shell.pdbx_netI_over_sigmaI_obs   ? 
_reflns_shell.pdbx_Rrim_I_all             0.6397 
_reflns_shell.pdbx_Rpim_I_all             0.2793 
_reflns_shell.pdbx_rejects                ? 
_reflns_shell.pdbx_ordinal                1 
_reflns_shell.pdbx_diffrn_id              1 
_reflns_shell.pdbx_CC_half                0.936 
_reflns_shell.pdbx_CC_star                0.983 
_reflns_shell.pdbx_R_split                ? 
# 
_refine.aniso_B[1][1]                            ? 
_refine.aniso_B[1][2]                            ? 
_refine.aniso_B[1][3]                            ? 
_refine.aniso_B[2][2]                            ? 
_refine.aniso_B[2][3]                            ? 
_refine.aniso_B[3][3]                            ? 
_refine.B_iso_max                                171.980 
_refine.B_iso_mean                               86.13 
_refine.B_iso_min                                41.720 
_refine.correlation_coeff_Fo_to_Fc               ? 
_refine.correlation_coeff_Fo_to_Fc_free          ? 
_refine.details                                  ? 
_refine.diff_density_max                         ? 
_refine.diff_density_max_esd                     ? 
_refine.diff_density_min                         ? 
_refine.diff_density_min_esd                     ? 
_refine.diff_density_rms                         ? 
_refine.diff_density_rms_esd                     ? 
_refine.entry_id                                 6W9Y 
_refine.pdbx_refine_id                           'X-RAY DIFFRACTION' 
_refine.ls_abs_structure_details                 ? 
_refine.ls_abs_structure_Flack                   ? 
_refine.ls_abs_structure_Flack_esd               ? 
_refine.ls_abs_structure_Rogers                  ? 
_refine.ls_abs_structure_Rogers_esd              ? 
_refine.ls_d_res_high                            2.5500 
_refine.ls_d_res_low                             32.35 
_refine.ls_extinction_coef                       ? 
_refine.ls_extinction_coef_esd                   ? 
_refine.ls_extinction_expression                 ? 
_refine.ls_extinction_method                     ? 
_refine.ls_goodness_of_fit_all                   ? 
_refine.ls_goodness_of_fit_all_esd               ? 
_refine.ls_goodness_of_fit_obs                   ? 
_refine.ls_goodness_of_fit_obs_esd               ? 
_refine.ls_hydrogen_treatment                    ? 
_refine.ls_matrix_type                           ? 
_refine.ls_number_constraints                    ? 
_refine.ls_number_parameters                     ? 
_refine.ls_number_reflns_all                     ? 
_refine.ls_number_reflns_obs                     3956 
_refine.ls_number_reflns_R_free                  395 
_refine.ls_number_reflns_R_work                  ? 
_refine.ls_number_restraints                     ? 
_refine.ls_percent_reflns_obs                    98.94 
_refine.ls_percent_reflns_R_free                 10.0400 
_refine.ls_R_factor_all                          ? 
_refine.ls_R_factor_obs                          ? 
_refine.ls_R_factor_R_free                       0.3259 
_refine.ls_R_factor_R_free_error                 ? 
_refine.ls_R_factor_R_free_error_details         ? 
_refine.ls_R_factor_R_work                       0.2773 
_refine.ls_R_Fsqd_factor_obs                     ? 
_refine.ls_R_I_factor_obs                        ? 
_refine.ls_redundancy_reflns_all                 ? 
_refine.ls_redundancy_reflns_obs                 ? 
_refine.ls_restrained_S_all                      ? 
_refine.ls_restrained_S_obs                      ? 
_refine.ls_shift_over_esd_max                    ? 
_refine.ls_shift_over_esd_mean                   ? 
_refine.ls_structure_factor_coef                 ? 
_refine.ls_weighting_details                     ? 
_refine.ls_weighting_scheme                      ? 
_refine.ls_wR_factor_all                         ? 
_refine.ls_wR_factor_obs                         ? 
_refine.ls_wR_factor_R_free                      ? 
_refine.ls_wR_factor_R_work                      ? 
_refine.occupancy_max                            ? 
_refine.occupancy_min                            ? 
_refine.solvent_model_details                    ? 
_refine.solvent_model_param_bsol                 ? 
_refine.solvent_model_param_ksol                 ? 
_refine.pdbx_R_complete                          ? 
_refine.ls_R_factor_gt                           ? 
_refine.ls_goodness_of_fit_gt                    ? 
_refine.ls_goodness_of_fit_ref                   ? 
_refine.ls_shift_over_su_max                     ? 
_refine.ls_shift_over_su_max_lt                  ? 
_refine.ls_shift_over_su_mean                    ? 
_refine.ls_shift_over_su_mean_lt                 ? 
_refine.pdbx_ls_sigma_I                          ? 
_refine.pdbx_ls_sigma_F                          1.350 
_refine.pdbx_ls_sigma_Fsqd                       ? 
_refine.pdbx_data_cutoff_high_absF               ? 
_refine.pdbx_data_cutoff_high_rms_absF           ? 
_refine.pdbx_data_cutoff_low_absF                ? 
_refine.pdbx_isotropic_thermal_model             ? 
_refine.pdbx_ls_cross_valid_method               THROUGHOUT 
_refine.pdbx_method_to_determine_struct          'MOLECULAR REPLACEMENT' 
_refine.pdbx_starting_model                      5EH6 
_refine.pdbx_stereochemistry_target_values       ? 
_refine.pdbx_R_Free_selection_details            ? 
_refine.pdbx_stereochem_target_val_spec_case     ? 
_refine.pdbx_overall_ESU_R                       ? 
_refine.pdbx_overall_ESU_R_Free                  ? 
_refine.pdbx_solvent_vdw_probe_radii             1.1100 
_refine.pdbx_solvent_ion_probe_radii             ? 
_refine.pdbx_solvent_shrinkage_radii             0.9000 
_refine.pdbx_real_space_R                        ? 
_refine.pdbx_density_correlation                 ? 
_refine.pdbx_pd_number_of_powder_patterns        ? 
_refine.pdbx_pd_number_of_points                 ? 
_refine.pdbx_pd_meas_number_of_points            ? 
_refine.pdbx_pd_proc_ls_prof_R_factor            ? 
_refine.pdbx_pd_proc_ls_prof_wR_factor           ? 
_refine.pdbx_pd_Marquardt_correlation_coeff      ? 
_refine.pdbx_pd_Fsqrd_R_factor                   ? 
_refine.pdbx_pd_ls_matrix_band_width             ? 
_refine.pdbx_overall_phase_error                 41.4100 
_refine.pdbx_overall_SU_R_free_Cruickshank_DPI   ? 
_refine.pdbx_overall_SU_R_free_Blow_DPI          ? 
_refine.pdbx_overall_SU_R_Blow_DPI               ? 
_refine.pdbx_TLS_residual_ADP_flag               ? 
_refine.pdbx_diffrn_id                           1 
_refine.overall_SU_B                             ? 
_refine.overall_SU_ML                            0.4300 
_refine.overall_SU_R_Cruickshank_DPI             ? 
_refine.overall_SU_R_free                        ? 
_refine.overall_FOM_free_R_set                   ? 
_refine.overall_FOM_work_R_set                   ? 
_refine.pdbx_average_fsc_overall                 ? 
_refine.pdbx_average_fsc_work                    ? 
_refine.pdbx_average_fsc_free                    ? 
# 
_refine_hist.pdbx_refine_id                   'X-RAY DIFFRACTION' 
_refine_hist.cycle_id                         final 
_refine_hist.details                          ? 
_refine_hist.d_res_high                       2.5500 
_refine_hist.d_res_low                        32.35 
_refine_hist.number_atoms_solvent             0 
_refine_hist.number_atoms_total               840 
_refine_hist.number_reflns_all                ? 
_refine_hist.number_reflns_obs                ? 
_refine_hist.number_reflns_R_free             ? 
_refine_hist.number_reflns_R_work             ? 
_refine_hist.R_factor_all                     ? 
_refine_hist.R_factor_obs                     ? 
_refine_hist.R_factor_R_free                  ? 
_refine_hist.R_factor_R_work                  ? 
_refine_hist.pdbx_number_residues_total       108 
_refine_hist.pdbx_B_iso_mean_ligand           88.42 
_refine_hist.pdbx_B_iso_mean_solvent          ? 
_refine_hist.pdbx_number_atoms_protein        815 
_refine_hist.pdbx_number_atoms_nucleic_acid   0 
_refine_hist.pdbx_number_atoms_ligand         25 
_refine_hist.pdbx_number_atoms_lipid          ? 
_refine_hist.pdbx_number_atoms_carb           ? 
_refine_hist.pdbx_pseudo_atom_details         ? 
# 
_refine_ls_shell.pdbx_refine_id                   'X-RAY DIFFRACTION' 
_refine_ls_shell.d_res_high                       2.55 
_refine_ls_shell.d_res_low                        2.641 
_refine_ls_shell.number_reflns_all                ? 
_refine_ls_shell.number_reflns_obs                ? 
_refine_ls_shell.number_reflns_R_free             37 
_refine_ls_shell.number_reflns_R_work             381 
_refine_ls_shell.percent_reflns_obs               97.14 
_refine_ls_shell.percent_reflns_R_free            10 
_refine_ls_shell.R_factor_all                     ? 
_refine_ls_shell.R_factor_obs                     ? 
_refine_ls_shell.R_factor_R_free                  0.2793 
_refine_ls_shell.R_factor_R_free_error            ? 
_refine_ls_shell.R_factor_R_work                  0.3131 
_refine_ls_shell.redundancy_reflns_all            ? 
_refine_ls_shell.redundancy_reflns_obs            ? 
_refine_ls_shell.wR_factor_all                    ? 
_refine_ls_shell.wR_factor_obs                    ? 
_refine_ls_shell.wR_factor_R_free                 ? 
_refine_ls_shell.wR_factor_R_work                 ? 
_refine_ls_shell.pdbx_R_complete                  ? 
_refine_ls_shell.pdbx_total_number_of_bins_used   ? 
_refine_ls_shell.pdbx_phase_error                 ? 
_refine_ls_shell.pdbx_fsc_work                    ? 
_refine_ls_shell.pdbx_fsc_free                    ? 
# 
_struct.entry_id                     6W9Y 
_struct.title                        
'De novo designed receptor transmembrane domains enhance CAR-T cytotoxicity and attenuate cytokine release' 
_struct.pdbx_model_details           ? 
_struct.pdbx_formula_weight          ? 
_struct.pdbx_formula_weight_method   ? 
_struct.pdbx_model_type_details      ? 
_struct.pdbx_CASP_flag               N 
# 
_struct_keywords.entry_id        6W9Y 
_struct_keywords.text            'Transmembrane domain, de novo design, BIOSYNTHETIC PROTEIN' 
_struct_keywords.pdbx_keywords   'BIOSYNTHETIC PROTEIN' 
# 
loop_
_struct_asym.id 
_struct_asym.pdbx_blank_PDB_chainid_flag 
_struct_asym.pdbx_modified 
_struct_asym.entity_id 
_struct_asym.details 
A N N 1 ? 
B N N 1 ? 
C N N 1 ? 
D N N 1 ? 
E N N 2 ? 
# 
loop_
_struct_conf.conf_type_id 
_struct_conf.id 
_struct_conf.pdbx_PDB_helix_id 
_struct_conf.beg_label_comp_id 
_struct_conf.beg_label_asym_id 
_struct_conf.beg_label_seq_id 
_struct_conf.pdbx_beg_PDB_ins_code 
_struct_conf.end_label_comp_id 
_struct_conf.end_label_asym_id 
_struct_conf.end_label_seq_id 
_struct_conf.pdbx_end_PDB_ins_code 
_struct_conf.beg_auth_comp_id 
_struct_conf.beg_auth_asym_id 
_struct_conf.beg_auth_seq_id 
_struct_conf.end_auth_comp_id 
_struct_conf.end_auth_asym_id 
_struct_conf.end_auth_seq_id 
_struct_conf.pdbx_PDB_helix_class 
_struct_conf.details 
_struct_conf.pdbx_PDB_helix_length 
HELX_P HELX_P1 AA1 PRO A 2 ? LEU A 29 ? PRO A 2 LEU A 29 1 ? 28 
HELX_P HELX_P2 AA2 GLU B 3 ? LEU B 29 ? GLU B 3 LEU B 29 1 ? 27 
HELX_P HELX_P3 AA3 GLU C 3 ? LEU C 29 ? GLU C 3 LEU C 29 1 ? 27 
HELX_P HELX_P4 AA4 LEU D 4 ? LEU D 26 ? LEU D 4 LEU D 26 1 ? 23 
# 
_struct_conf_type.id          HELX_P 
_struct_conf_type.criteria    ? 
_struct_conf_type.reference   ? 
# 
_struct_site.id                   AC1 
_struct_site.pdbx_evidence_code   Software 
_struct_site.pdbx_auth_asym_id    A 
_struct_site.pdbx_auth_comp_id    OLB 
_struct_site.pdbx_auth_seq_id     101 
_struct_site.pdbx_auth_ins_code   ? 
_struct_site.pdbx_num_residues    8 
_struct_site.details              'binding site for residue OLB A 101' 
# 
loop_
_struct_site_gen.id 
_struct_site_gen.site_id 
_struct_site_gen.pdbx_num_res 
_struct_site_gen.label_comp_id 
_struct_site_gen.label_asym_id 
_struct_site_gen.label_seq_id 
_struct_site_gen.pdbx_auth_ins_code 
_struct_site_gen.auth_comp_id 
_struct_site_gen.auth_asym_id 
_struct_site_gen.auth_seq_id 
_struct_site_gen.label_atom_id 
_struct_site_gen.label_alt_id 
_struct_site_gen.symmetry 
_struct_site_gen.details 
1 AC1 8 ALA A 18 ? ALA A 18 . ? 1_555 ? 
2 AC1 8 ILE A 19 ? ILE A 19 . ? 1_555 ? 
3 AC1 8 PHE A 22 ? PHE A 22 . ? 1_555 ? 
4 AC1 8 ALA B 21 ? ALA B 21 . ? 1_555 ? 
5 AC1 8 PHE B 22 ? PHE B 22 . ? 1_555 ? 
6 AC1 8 ALA B 25 ? ALA B 25 . ? 1_555 ? 
7 AC1 8 LEU B 29 ? LEU B 29 . ? 3_554 ? 
8 AC1 8 PHE C 22 ? PHE C 22 . ? 1_555 ? 
# 
_atom_sites.entry_id                    6W9Y 
_atom_sites.Cartn_transf_matrix[1][1]   ? 
_atom_sites.Cartn_transf_matrix[1][2]   ? 
_atom_sites.Cartn_transf_matrix[1][3]   ? 
_atom_sites.Cartn_transf_matrix[2][1]   ? 
_atom_sites.Cartn_transf_matrix[2][2]   ? 
_atom_sites.Cartn_transf_matrix[2][3]   ? 
_atom_sites.Cartn_transf_matrix[3][1]   ? 
_atom_sites.Cartn_transf_matrix[3][2]   ? 
_atom_sites.Cartn_transf_matrix[3][3]   ? 
_atom_sites.Cartn_transf_vector[1]      ? 
_atom_sites.Cartn_transf_vector[2]      ? 
_atom_sites.Cartn_transf_vector[3]      ? 
_atom_sites.fract_transf_matrix[1][1]   0.01498321 
_atom_sites.fract_transf_matrix[1][2]   0.01782611 
_atom_sites.fract_transf_matrix[1][3]   0.00621996 
_atom_sites.fract_transf_matrix[2][1]   -0.00853866 
_atom_sites.fract_transf_matrix[2][2]   0.00281843 
_atom_sites.fract_transf_matrix[2][3]   0.01249123 
_atom_sites.fract_transf_matrix[3][1]   0.00649367 
_atom_sites.fract_transf_matrix[3][2]   -0.00760568 
_atom_sites.fract_transf_matrix[3][3]   0.00615498 
_atom_sites.fract_transf_vector[1]      -0.025347 
_atom_sites.fract_transf_vector[2]      0.283272 
_atom_sites.fract_transf_vector[3]      -0.038517 
_atom_sites.solution_primary            ? 
_atom_sites.solution_secondary          ? 
_atom_sites.solution_hydrogens          ? 
_atom_sites.special_details             ? 
# 
loop_
_atom_type.symbol 
C 
N 
O 
# 
loop_
_atom_site.group_PDB 
_atom_site.id 
_atom_site.type_symbol 
_atom_site.label_atom_id 
_atom_site.label_alt_id 
_atom_site.label_comp_id 
_atom_site.label_asym_id 
_atom_site.label_entity_id 
_atom_site.label_seq_id 
_atom_site.pdbx_PDB_ins_code 
_atom_site.Cartn_x 
_atom_site.Cartn_y 
_atom_site.Cartn_z 
_atom_site.occupancy 
_atom_site.B_iso_or_equiv 
_atom_site.pdbx_formal_charge 
_atom_site.auth_seq_id 
_atom_site.auth_comp_id 
_atom_site.auth_asym_id 
_atom_site.auth_atom_id 
_atom_site.pdbx_PDB_model_num 
ATOM   1   N N   . PRO A 1 2  ? 18.097  -9.882  0.905   1.00 90.09  ?  2   PRO A N   1 
ATOM   2   C CA  . PRO A 1 2  ? 16.698  -9.944  1.339   1.00 86.59  ?  2   PRO A CA  1 
ATOM   3   C C   . PRO A 1 2  ? 16.133  -8.574  1.706   1.00 79.91  ?  2   PRO A C   1 
ATOM   4   O O   . PRO A 1 2  ? 14.928  -8.358  1.579   1.00 84.97  ?  2   PRO A O   1 
ATOM   5   C CB  . PRO A 1 2  ? 16.752  -10.860 2.566   1.00 95.69  ?  2   PRO A CB  1 
ATOM   6   C CG  . PRO A 1 2  ? 18.133  -10.700 3.089   1.00 100.76 ?  2   PRO A CG  1 
ATOM   7   C CD  . PRO A 1 2  ? 19.011  -10.481 1.892   1.00 99.82  ?  2   PRO A CD  1 
ATOM   8   N N   . GLU A 1 3  ? 16.994  -7.661  2.160   1.00 75.44  ?  3   GLU A N   1 
ATOM   9   C CA  . GLU A 1 3  ? 16.523  -6.320  2.493   1.00 67.82  ?  3   GLU A CA  1 
ATOM   10  C C   . GLU A 1 3  ? 16.106  -5.558  1.241   1.00 71.30  ?  3   GLU A C   1 
ATOM   11  O O   . GLU A 1 3  ? 15.108  -4.829  1.257   1.00 65.60  ?  3   GLU A O   1 
ATOM   12  C CB  . GLU A 1 3  ? 17.602  -5.550  3.256   1.00 66.05  ?  3   GLU A CB  1 
ATOM   13  C CG  . GLU A 1 3  ? 17.996  -6.166  4.592   1.00 79.27  ?  3   GLU A CG  1 
ATOM   14  C CD  . GLU A 1 3  ? 18.972  -7.315  4.436   1.00 86.44  ?  3   GLU A CD  1 
ATOM   15  O OE1 . GLU A 1 3  ? 18.844  -8.317  5.170   1.00 93.94  ?  3   GLU A OE1 1 
ATOM   16  O OE2 . GLU A 1 3  ? 19.862  -7.217  3.567   1.00 87.29  -1 3   GLU A OE2 1 
ATOM   17  N N   . LEU A 1 4  ? 16.851  -5.722  0.146   1.00 79.91  ?  4   LEU A N   1 
ATOM   18  C CA  . LEU A 1 4  ? 16.505  -5.032  -1.092  1.00 78.31  ?  4   LEU A CA  1 
ATOM   19  C C   . LEU A 1 4  ? 15.176  -5.528  -1.649  1.00 73.00  ?  4   LEU A C   1 
ATOM   20  O O   . LEU A 1 4  ? 14.388  -4.737  -2.179  1.00 73.64  ?  4   LEU A O   1 
ATOM   21  C CB  . LEU A 1 4  ? 17.622  -5.211  -2.123  1.00 84.38  ?  4   LEU A CB  1 
ATOM   22  C CG  . LEU A 1 4  ? 19.036  -4.816  -1.676  1.00 85.80  ?  4   LEU A CG  1 
ATOM   23  C CD1 . LEU A 1 4  ? 20.036  -5.025  -2.805  1.00 88.08  ?  4   LEU A CD1 1 
ATOM   24  C CD2 . LEU A 1 4  ? 19.078  -3.378  -1.171  1.00 81.73  ?  4   LEU A CD2 1 
ATOM   25  N N   . LEU A 1 5  ? 14.904  -6.831  -1.535  1.00 72.96  ?  5   LEU A N   1 
ATOM   26  C CA  . LEU A 1 5  ? 13.641  -7.362  -2.036  1.00 67.36  ?  5   LEU A CA  1 
ATOM   27  C C   . LEU A 1 5  ? 12.468  -6.941  -1.158  1.00 63.16  ?  5   LEU A C   1 
ATOM   28  O O   . LEU A 1 5  ? 11.349  -6.777  -1.660  1.00 71.48  ?  5   LEU A O   1 
ATOM   29  C CB  . LEU A 1 5  ? 13.711  -8.887  -2.140  1.00 72.80  ?  5   LEU A CB  1 
ATOM   30  C CG  . LEU A 1 5  ? 12.497  -9.606  -2.742  1.00 72.40  ?  5   LEU A CG  1 
ATOM   31  C CD1 . LEU A 1 5  ? 12.141  -9.051  -4.118  1.00 72.05  ?  5   LEU A CD1 1 
ATOM   32  C CD2 . LEU A 1 5  ? 12.739  -11.105 -2.818  1.00 65.52  ?  5   LEU A CD2 1 
ATOM   33  N N   . PHE A 1 6  ? 12.700  -6.755  0.143   1.00 58.60  ?  6   PHE A N   1 
ATOM   34  C CA  . PHE A 1 6  ? 11.633  -6.321  1.039   1.00 57.67  ?  6   PHE A CA  1 
ATOM   35  C C   . PHE A 1 6  ? 11.126  -4.936  0.657   1.00 53.35  ?  6   PHE A C   1 
ATOM   36  O O   . PHE A 1 6  ? 9.917   -4.719  0.515   1.00 56.43  ?  6   PHE A O   1 
ATOM   37  C CB  . PHE A 1 6  ? 12.131  -6.335  2.485   1.00 57.46  ?  6   PHE A CB  1 
ATOM   38  C CG  . PHE A 1 6  ? 11.114  -5.865  3.489   1.00 62.30  ?  6   PHE A CG  1 
ATOM   39  C CD1 . PHE A 1 6  ? 11.052  -4.532  3.866   1.00 51.57  ?  6   PHE A CD1 1 
ATOM   40  C CD2 . PHE A 1 6  ? 10.227  -6.759  4.064   1.00 57.93  ?  6   PHE A CD2 1 
ATOM   41  C CE1 . PHE A 1 6  ? 10.121  -4.100  4.789   1.00 52.62  ?  6   PHE A CE1 1 
ATOM   42  C CE2 . PHE A 1 6  ? 9.293   -6.333  4.989   1.00 58.87  ?  6   PHE A CE2 1 
ATOM   43  C CZ  . PHE A 1 6  ? 9.239   -5.001  5.352   1.00 56.28  ?  6   PHE A CZ  1 
ATOM   44  N N   . ILE A 1 7  ? 12.043  -3.980  0.490   1.00 54.20  ?  7   ILE A N   1 
ATOM   45  C CA  . ILE A 1 7  ? 11.643  -2.623  0.135   1.00 57.32  ?  7   ILE A CA  1 
ATOM   46  C C   . ILE A 1 7  ? 11.158  -2.562  -1.308  1.00 61.08  ?  7   ILE A C   1 
ATOM   47  O O   . ILE A 1 7  ? 10.360  -1.688  -1.665  1.00 58.53  ?  7   ILE A O   1 
ATOM   48  C CB  . ILE A 1 7  ? 12.807  -1.646  0.393   1.00 54.51  ?  7   ILE A CB  1 
ATOM   49  C CG1 . ILE A 1 7  ? 12.343  -0.193  0.251   1.00 61.39  ?  7   ILE A CG1 1 
ATOM   50  C CG2 . ILE A 1 7  ? 13.970  -1.932  -0.547  1.00 49.97  ?  7   ILE A CG2 1 
ATOM   51  C CD1 . ILE A 1 7  ? 11.275  0.208   1.247   1.00 65.80  ?  7   ILE A CD1 1 
ATOM   52  N N   . LEU A 1 8  ? 11.612  -3.488  -2.157  1.00 63.20  ?  8   LEU A N   1 
ATOM   53  C CA  . LEU A 1 8  ? 11.176  -3.499  -3.549  1.00 65.10  ?  8   LEU A CA  1 
ATOM   54  C C   . LEU A 1 8  ? 9.697   -3.847  -3.657  1.00 70.33  ?  8   LEU A C   1 
ATOM   55  O O   . LEU A 1 8  ? 8.902   -3.080  -4.213  1.00 62.96  ?  8   LEU A O   1 
ATOM   56  C CB  . LEU A 1 8  ? 12.021  -4.485  -4.358  1.00 66.91  ?  8   LEU A CB  1 
ATOM   57  C CG  . LEU A 1 8  ? 11.543  -4.756  -5.786  1.00 67.84  ?  8   LEU A CG  1 
ATOM   58  C CD1 . LEU A 1 8  ? 11.609  -3.492  -6.628  1.00 64.24  ?  8   LEU A CD1 1 
ATOM   59  C CD2 . LEU A 1 8  ? 12.353  -5.876  -6.425  1.00 69.16  ?  8   LEU A CD2 1 
ATOM   60  N N   . VAL A 1 9  ? 9.306   -5.009  -3.126  1.00 73.76  ?  9   VAL A N   1 
ATOM   61  C CA  . VAL A 1 9  ? 7.910   -5.423  -3.189  1.00 66.93  ?  9   VAL A CA  1 
ATOM   62  C C   . VAL A 1 9  ? 7.015   -4.517  -2.355  1.00 65.48  ?  9   VAL A C   1 
ATOM   63  O O   . VAL A 1 9  ? 5.799   -4.476  -2.580  1.00 61.24  ?  9   VAL A O   1 
ATOM   64  C CB  . VAL A 1 9  ? 7.761   -6.891  -2.747  1.00 62.05  ?  9   VAL A CB  1 
ATOM   65  C CG1 . VAL A 1 9  ? 8.598   -7.797  -3.635  1.00 58.26  ?  9   VAL A CG1 1 
ATOM   66  C CG2 . VAL A 1 9  ? 8.159   -7.048  -1.295  1.00 57.97  ?  9   VAL A CG2 1 
ATOM   67  N N   . ALA A 1 10 ? 7.581   -3.788  -1.389  1.00 46.51  ?  10  ALA A N   1 
ATOM   68  C CA  . ALA A 1 10 ? 6.801   -2.780  -0.682  1.00 57.76  ?  10  ALA A CA  1 
ATOM   69  C C   . ALA A 1 10 ? 6.490   -1.600  -1.591  1.00 57.41  ?  10  ALA A C   1 
ATOM   70  O O   . ALA A 1 10 ? 5.377   -1.062  -1.564  1.00 58.78  ?  10  ALA A O   1 
ATOM   71  C CB  . ALA A 1 10 ? 7.545   -2.314  0.569   1.00 45.27  ?  10  ALA A CB  1 
ATOM   72  N N   . ILE A 1 11 ? 7.464   -1.186  -2.405  1.00 55.00  ?  11  ILE A N   1 
ATOM   73  C CA  . ILE A 1 11 ? 7.223   -0.133  -3.385  1.00 56.90  ?  11  ILE A CA  1 
ATOM   74  C C   . ILE A 1 11 ? 6.315   -0.643  -4.497  1.00 55.73  ?  11  ILE A C   1 
ATOM   75  O O   . ILE A 1 11 ? 5.401   0.062   -4.943  1.00 53.16  ?  11  ILE A O   1 
ATOM   76  C CB  . ILE A 1 11 ? 8.558   0.396   -3.939  1.00 53.27  ?  11  ILE A CB  1 
ATOM   77  C CG1 . ILE A 1 11 ? 9.360   1.078   -2.830  1.00 52.61  ?  11  ILE A CG1 1 
ATOM   78  C CG2 . ILE A 1 11 ? 8.319   1.354   -5.097  1.00 55.57  ?  11  ILE A CG2 1 
ATOM   79  C CD1 . ILE A 1 11 ? 10.732  1.545   -3.267  1.00 48.56  ?  11  ILE A CD1 1 
ATOM   80  N N   . LEU A 1 12 ? 6.548   -1.874  -4.961  1.00 51.85  ?  12  LEU A N   1 
ATOM   81  C CA  . LEU A 1 12 ? 5.683   -2.449  -5.984  1.00 55.66  ?  12  LEU A CA  1 
ATOM   82  C C   . LEU A 1 12 ? 4.267   -2.648  -5.463  1.00 57.82  ?  12  LEU A C   1 
ATOM   83  O O   . LEU A 1 12 ? 3.300   -2.496  -6.219  1.00 53.98  ?  12  LEU A O   1 
ATOM   84  C CB  . LEU A 1 12 ? 6.264   -3.772  -6.486  1.00 62.38  ?  12  LEU A CB  1 
ATOM   85  C CG  . LEU A 1 12 ? 7.621   -3.688  -7.189  1.00 73.23  ?  12  LEU A CG  1 
ATOM   86  C CD1 . LEU A 1 12 ? 8.081   -5.065  -7.651  1.00 76.14  ?  12  LEU A CD1 1 
ATOM   87  C CD2 . LEU A 1 12 ? 7.572   -2.714  -8.359  1.00 74.56  ?  12  LEU A CD2 1 
ATOM   88  N N   . GLY A 1 13 ? 4.120   -2.983  -4.179  1.00 57.43  ?  13  GLY A N   1 
ATOM   89  C CA  . GLY A 1 13 ? 2.789   -3.091  -3.602  1.00 56.48  ?  13  GLY A CA  1 
ATOM   90  C C   . GLY A 1 13 ? 2.055   -1.763  -3.591  1.00 52.81  ?  13  GLY A C   1 
ATOM   91  O O   . GLY A 1 13 ? 0.866   -1.696  -3.916  1.00 59.18  ?  13  GLY A O   1 
ATOM   92  N N   . GLY A 1 14 ? 2.753   -0.692  -3.217  1.00 48.26  ?  14  GLY A N   1 
ATOM   93  C CA  . GLY A 1 14 ? 2.149   0.628   -3.281  1.00 53.84  ?  14  GLY A CA  1 
ATOM   94  C C   . GLY A 1 14 ? 1.922   1.089   -4.707  1.00 59.42  ?  14  GLY A C   1 
ATOM   95  O O   . GLY A 1 14 ? 0.935   1.769   -4.999  1.00 54.08  ?  14  GLY A O   1 
ATOM   96  N N   . LEU A 1 15 ? 2.838   0.733   -5.612  1.00 52.72  ?  15  LEU A N   1 
ATOM   97  C CA  . LEU A 1 15 ? 2.647   1.040   -7.026  1.00 55.87  ?  15  LEU A CA  1 
ATOM   98  C C   . LEU A 1 15 ? 1.453   0.281   -7.593  1.00 58.71  ?  15  LEU A C   1 
ATOM   99  O O   . LEU A 1 15 ? 0.674   0.828   -8.382  1.00 65.96  ?  15  LEU A O   1 
ATOM   100 C CB  . LEU A 1 15 ? 3.918   0.701   -7.804  1.00 59.65  ?  15  LEU A CB  1 
ATOM   101 C CG  . LEU A 1 15 ? 3.943   0.993   -9.305  1.00 63.17  ?  15  LEU A CG  1 
ATOM   102 C CD1 . LEU A 1 15 ? 4.106   2.481   -9.560  1.00 58.14  ?  15  LEU A CD1 1 
ATOM   103 C CD2 . LEU A 1 15 ? 5.048   0.204   -9.987  1.00 68.91  ?  15  LEU A CD2 1 
ATOM   104 N N   . PHE A 1 16 ? 1.294   -0.982  -7.194  1.00 61.19  ?  16  PHE A N   1 
ATOM   105 C CA  . PHE A 1 16 ? 0.173   -1.785  -7.672  1.00 62.44  ?  16  PHE A CA  1 
ATOM   106 C C   . PHE A 1 16 ? -1.133  -1.366  -7.008  1.00 63.21  ?  16  PHE A C   1 
ATOM   107 O O   . PHE A 1 16 ? -2.190  -1.370  -7.649  1.00 54.89  ?  16  PHE A O   1 
ATOM   108 C CB  . PHE A 1 16 ? 0.463   -3.267  -7.422  1.00 65.11  ?  16  PHE A CB  1 
ATOM   109 C CG  . PHE A 1 16 ? -0.720  -4.167  -7.622  1.00 68.02  ?  16  PHE A CG  1 
ATOM   110 C CD1 . PHE A 1 16 ? -1.097  -4.567  -8.893  1.00 81.38  ?  16  PHE A CD1 1 
ATOM   111 C CD2 . PHE A 1 16 ? -1.440  -4.634  -6.536  1.00 63.30  ?  16  PHE A CD2 1 
ATOM   112 C CE1 . PHE A 1 16 ? -2.182  -5.402  -9.078  1.00 86.11  ?  16  PHE A CE1 1 
ATOM   113 C CE2 . PHE A 1 16 ? -2.526  -5.471  -6.713  1.00 70.30  ?  16  PHE A CE2 1 
ATOM   114 C CZ  . PHE A 1 16 ? -2.896  -5.855  -7.986  1.00 80.07  ?  16  PHE A CZ  1 
ATOM   115 N N   . GLY A 1 17 ? -1.081  -0.999  -5.726  1.00 59.98  ?  17  GLY A N   1 
ATOM   116 C CA  . GLY A 1 17 ? -2.295  -0.616  -5.025  1.00 63.92  ?  17  GLY A CA  1 
ATOM   117 C C   . GLY A 1 17 ? -2.897  0.679   -5.529  1.00 62.47  ?  17  GLY A C   1 
ATOM   118 O O   . GLY A 1 17 ? -4.120  0.851   -5.500  1.00 67.95  ?  17  GLY A O   1 
ATOM   119 N N   . ALA A 1 18 ? -2.060  1.606   -5.997  1.00 50.45  ?  18  ALA A N   1 
ATOM   120 C CA  . ALA A 1 18 ? -2.577  2.867   -6.519  1.00 56.32  ?  18  ALA A CA  1 
ATOM   121 C C   . ALA A 1 18 ? -3.294  2.674   -7.848  1.00 58.87  ?  18  ALA A C   1 
ATOM   122 O O   . ALA A 1 18 ? -4.275  3.373   -8.130  1.00 54.42  ?  18  ALA A O   1 
ATOM   123 C CB  . ALA A 1 18 ? -1.443  3.878   -6.673  1.00 53.22  ?  18  ALA A CB  1 
ATOM   124 N N   . ILE A 1 19 ? -2.833  1.730   -8.668  1.00 52.55  ?  19  ILE A N   1 
ATOM   125 C CA  . ILE A 1 19 ? -3.473  1.491   -9.955  1.00 65.75  ?  19  ILE A CA  1 
ATOM   126 C C   . ILE A 1 19 ? -4.830  0.829   -9.759  1.00 74.75  ?  19  ILE A C   1 
ATOM   127 O O   . ILE A 1 19 ? -5.814  1.194   -10.414 1.00 79.56  ?  19  ILE A O   1 
ATOM   128 C CB  . ILE A 1 19 ? -2.556  0.647   -10.858 1.00 69.51  ?  19  ILE A CB  1 
ATOM   129 C CG1 . ILE A 1 19 ? -1.171  1.292   -10.966 1.00 71.96  ?  19  ILE A CG1 1 
ATOM   130 C CG2 . ILE A 1 19 ? -3.173  0.491   -12.233 1.00 67.06  ?  19  ILE A CG2 1 
ATOM   131 C CD1 . ILE A 1 19 ? -0.175  0.467   -11.747 1.00 71.76  ?  19  ILE A CD1 1 
ATOM   132 N N   . VAL A 1 20 ? -4.905  -0.159  -8.863  1.00 58.01  ?  20  VAL A N   1 
ATOM   133 C CA  . VAL A 1 20 ? -6.176  -0.825  -8.592  1.00 63.57  ?  20  VAL A CA  1 
ATOM   134 C C   . VAL A 1 20 ? -7.175  0.157   -7.993  1.00 62.14  ?  20  VAL A C   1 
ATOM   135 O O   . VAL A 1 20 ? -8.371  0.119   -8.306  1.00 65.27  ?  20  VAL A O   1 
ATOM   136 C CB  . VAL A 1 20 ? -5.954  -2.044  -7.676  1.00 61.39  ?  20  VAL A CB  1 
ATOM   137 C CG1 . VAL A 1 20 ? -7.273  -2.740  -7.380  1.00 64.72  ?  20  VAL A CG1 1 
ATOM   138 C CG2 . VAL A 1 20 ? -4.970  -3.010  -8.319  1.00 60.85  ?  20  VAL A CG2 1 
ATOM   139 N N   . ALA A 1 21 ? -6.700  1.055   -7.128  1.00 60.34  ?  21  ALA A N   1 
ATOM   140 C CA  . ALA A 1 21 ? -7.576  2.084   -6.581  1.00 71.55  ?  21  ALA A CA  1 
ATOM   141 C C   . ALA A 1 21 ? -8.034  3.053   -7.666  1.00 68.63  ?  21  ALA A C   1 
ATOM   142 O O   . ALA A 1 21 ? -9.179  3.520   -7.645  1.00 68.15  ?  21  ALA A O   1 
ATOM   143 C CB  . ALA A 1 21 ? -6.869  2.834   -5.453  1.00 64.14  ?  21  ALA A CB  1 
ATOM   144 N N   . PHE A 1 22 ? -7.154  3.364   -8.623  1.00 61.04  ?  22  PHE A N   1 
ATOM   145 C CA  . PHE A 1 22 ? -7.547  4.229   -9.732  1.00 70.44  ?  22  PHE A CA  1 
ATOM   146 C C   . PHE A 1 22 ? -8.591  3.553   -10.609 1.00 73.91  ?  22  PHE A C   1 
ATOM   147 O O   . PHE A 1 22 ? -9.552  4.197   -11.047 1.00 68.47  ?  22  PHE A O   1 
ATOM   148 C CB  . PHE A 1 22 ? -6.319  4.618   -10.556 1.00 62.85  ?  22  PHE A CB  1 
ATOM   149 C CG  . PHE A 1 22 ? -6.637  5.451   -11.770 1.00 66.37  ?  22  PHE A CG  1 
ATOM   150 C CD1 . PHE A 1 22 ? -6.853  6.816   -11.655 1.00 66.88  ?  22  PHE A CD1 1 
ATOM   151 C CD2 . PHE A 1 22 ? -6.706  4.872   -13.027 1.00 69.04  ?  22  PHE A CD2 1 
ATOM   152 C CE1 . PHE A 1 22 ? -7.142  7.584   -12.771 1.00 70.07  ?  22  PHE A CE1 1 
ATOM   153 C CE2 . PHE A 1 22 ? -6.990  5.636   -14.145 1.00 65.88  ?  22  PHE A CE2 1 
ATOM   154 C CZ  . PHE A 1 22 ? -7.209  6.993   -14.017 1.00 66.66  ?  22  PHE A CZ  1 
ATOM   155 N N   . LEU A 1 23 ? -8.418  2.258   -10.883 1.00 71.52  ?  23  LEU A N   1 
ATOM   156 C CA  . LEU A 1 23 ? -9.437  1.521   -11.622 1.00 68.97  ?  23  LEU A CA  1 
ATOM   157 C C   . LEU A 1 23 ? -10.714 1.375   -10.806 1.00 71.46  ?  23  LEU A C   1 
ATOM   158 O O   . LEU A 1 23 ? -11.813 1.351   -11.372 1.00 74.75  ?  23  LEU A O   1 
ATOM   159 C CB  . LEU A 1 23 ? -8.899  0.150   -12.030 1.00 70.34  ?  23  LEU A CB  1 
ATOM   160 C CG  . LEU A 1 23 ? -7.639  0.167   -12.895 1.00 73.44  ?  23  LEU A CG  1 
ATOM   161 C CD1 . LEU A 1 23 ? -7.180  -1.246  -13.212 1.00 74.65  ?  23  LEU A CD1 1 
ATOM   162 C CD2 . LEU A 1 23 ? -7.870  0.958   -14.174 1.00 76.84  ?  23  LEU A CD2 1 
ATOM   163 N N   . LEU A 1 24 ? -10.591 1.278   -9.479  1.00 72.55  ?  24  LEU A N   1 
ATOM   164 C CA  . LEU A 1 24 ? -11.771 1.319   -8.622  1.00 78.79  ?  24  LEU A CA  1 
ATOM   165 C C   . LEU A 1 24 ? -12.423 2.695   -8.642  1.00 81.79  ?  24  LEU A C   1 
ATOM   166 O O   . LEU A 1 24 ? -13.647 2.806   -8.504  1.00 83.63  ?  24  LEU A O   1 
ATOM   167 C CB  . LEU A 1 24 ? -11.398 0.934   -7.191  1.00 78.38  ?  24  LEU A CB  1 
ATOM   168 C CG  . LEU A 1 24 ? -11.763 -0.476  -6.724  1.00 85.74  ?  24  LEU A CG  1 
ATOM   169 C CD1 . LEU A 1 24 ? -11.162 -1.528  -7.644  1.00 89.49  ?  24  LEU A CD1 1 
ATOM   170 C CD2 . LEU A 1 24 ? -11.309 -0.697  -5.289  1.00 83.66  ?  24  LEU A CD2 1 
ATOM   171 N N   . ALA A 1 25 ? -11.624 3.751   -8.811  1.00 79.18  ?  25  ALA A N   1 
ATOM   172 C CA  . ALA A 1 25 ? -12.183 5.097   -8.863  1.00 76.49  ?  25  ALA A CA  1 
ATOM   173 C C   . ALA A 1 25 ? -12.918 5.336   -10.175 1.00 80.38  ?  25  ALA A C   1 
ATOM   174 O O   . ALA A 1 25 ? -13.983 5.969   -10.190 1.00 80.93  ?  25  ALA A O   1 
ATOM   175 C CB  . ALA A 1 25 ? -11.077 6.133   -8.667  1.00 71.68  ?  25  ALA A CB  1 
ATOM   176 N N   . LEU A 1 26 ? -12.367 4.840   -11.286 1.00 78.19  ?  26  LEU A N   1 
ATOM   177 C CA  . LEU A 1 26 ? -13.049 4.942   -12.570 1.00 89.94  ?  26  LEU A CA  1 
ATOM   178 C C   . LEU A 1 26 ? -14.367 4.184   -12.580 1.00 97.49  ?  26  LEU A C   1 
ATOM   179 O O   . LEU A 1 26 ? -15.251 4.511   -13.378 1.00 100.80 ?  26  LEU A O   1 
ATOM   180 C CB  . LEU A 1 26 ? -12.148 4.421   -13.692 1.00 90.61  ?  26  LEU A CB  1 
ATOM   181 C CG  . LEU A 1 26 ? -10.850 5.172   -13.980 1.00 88.59  ?  26  LEU A CG  1 
ATOM   182 C CD1 . LEU A 1 26 ? -10.142 4.550   -15.171 1.00 85.10  ?  26  LEU A CD1 1 
ATOM   183 C CD2 . LEU A 1 26 ? -11.131 6.645   -14.228 1.00 94.65  ?  26  LEU A CD2 1 
ATOM   184 N N   . ARG A 1 27 ? -14.511 3.177   -11.718 1.00 100.39 ?  27  ARG A N   1 
ATOM   185 C CA  . ARG A 1 27 ? -15.751 2.415   -11.657 1.00 108.33 ?  27  ARG A CA  1 
ATOM   186 C C   . ARG A 1 27 ? -16.903 3.267   -11.144 1.00 110.73 ?  27  ARG A C   1 
ATOM   187 O O   . ARG A 1 27 ? -18.064 2.993   -11.466 1.00 116.08 ?  27  ARG A O   1 
ATOM   188 C CB  . ARG A 1 27 ? -15.551 1.187   -10.770 1.00 109.20 ?  27  ARG A CB  1 
ATOM   189 C CG  . ARG A 1 27 ? -16.586 0.090   -10.961 1.00 116.02 ?  27  ARG A CG  1 
ATOM   190 C CD  . ARG A 1 27 ? -16.308 -1.068  -10.021 1.00 116.98 ?  27  ARG A CD  1 
ATOM   191 N NE  . ARG A 1 27 ? -17.103 -2.252  -10.331 1.00 122.96 ?  27  ARG A NE  1 
ATOM   192 C CZ  . ARG A 1 27 ? -16.680 -3.255  -11.094 1.00 124.66 ?  27  ARG A CZ  1 
ATOM   193 N NH1 . ARG A 1 27 ? -15.467 -3.219  -11.627 1.00 124.56 ?  27  ARG A NH1 1 
ATOM   194 N NH2 . ARG A 1 27 ? -17.469 -4.297  -11.320 1.00 124.74 ?  27  ARG A NH2 1 
ATOM   195 N N   . ARG A 1 28 ? -16.604 4.300   -10.354 1.00 107.77 ?  28  ARG A N   1 
ATOM   196 C CA  . ARG A 1 28 ? -17.655 5.161   -9.819  1.00 111.42 ?  28  ARG A CA  1 
ATOM   197 C C   . ARG A 1 28 ? -18.252 6.046   -10.909 1.00 109.66 ?  28  ARG A C   1 
ATOM   198 O O   . ARG A 1 28 ? -19.478 6.155   -11.037 1.00 116.95 ?  28  ARG A O   1 
ATOM   199 C CB  . ARG A 1 28 ? -17.098 6.014   -8.678  1.00 113.82 ?  28  ARG A CB  1 
ATOM   200 C CG  . ARG A 1 28 ? -16.569 5.221   -7.494  1.00 111.88 ?  28  ARG A CG  1 
ATOM   201 C CD  . ARG A 1 28 ? -17.665 4.938   -6.480  1.00 115.48 ?  28  ARG A CD  1 
ATOM   202 N NE  . ARG A 1 28 ? -18.208 3.588   -6.593  1.00 116.21 ?  28  ARG A NE  1 
ATOM   203 C CZ  . ARG A 1 28 ? -17.729 2.538   -5.934  1.00 113.26 ?  28  ARG A CZ  1 
ATOM   204 N NH1 . ARG A 1 28 ? -18.283 1.343   -6.089  1.00 112.78 ?  28  ARG A NH1 1 
ATOM   205 N NH2 . ARG A 1 28 ? -16.693 2.685   -5.119  1.00 111.05 ?  28  ARG A NH2 1 
ATOM   206 N N   . LEU A 1 29 ? -17.398 6.691   -11.698 1.00 102.88 ?  29  LEU A N   1 
ATOM   207 C CA  . LEU A 1 29 ? -17.849 7.616   -12.732 1.00 105.33 ?  29  LEU A CA  1 
ATOM   208 C C   . LEU A 1 29 ? -17.712 7.016   -14.128 1.00 104.60 ?  29  LEU A C   1 
ATOM   209 O O   . LEU A 1 29 ? -18.637 7.090   -14.938 1.00 109.81 ?  29  LEU A O   1 
ATOM   210 C CB  . LEU A 1 29 ? -17.070 8.932   -12.635 1.00 103.17 ?  29  LEU A CB  1 
ATOM   211 C CG  . LEU A 1 29 ? -15.587 8.841   -12.255 1.00 96.26  ?  29  LEU A CG  1 
ATOM   212 C CD1 . LEU A 1 29 ? -14.728 8.384   -13.428 1.00 96.36  ?  29  LEU A CD1 1 
ATOM   213 C CD2 . LEU A 1 29 ? -15.083 10.170  -11.704 1.00 98.07  ?  29  LEU A CD2 1 
ATOM   214 N N   . PRO B 1 2  ? 12.324  -4.435  16.481  1.00 105.47 ?  2   PRO B N   1 
ATOM   215 C CA  . PRO B 1 2  ? 12.646  -4.047  15.104  1.00 106.52 ?  2   PRO B CA  1 
ATOM   216 C C   . PRO B 1 2  ? 11.530  -4.394  14.124  1.00 105.87 ?  2   PRO B C   1 
ATOM   217 O O   . PRO B 1 2  ? 11.587  -3.994  12.961  1.00 106.48 ?  2   PRO B O   1 
ATOM   218 C CB  . PRO B 1 2  ? 13.907  -4.859  14.802  1.00 108.55 ?  2   PRO B CB  1 
ATOM   219 C CG  . PRO B 1 2  ? 13.773  -6.070  15.655  1.00 107.88 ?  2   PRO B CG  1 
ATOM   220 C CD  . PRO B 1 2  ? 13.098  -5.611  16.920  1.00 107.14 ?  2   PRO B CD  1 
ATOM   221 N N   . GLU B 1 3  ? 10.525  -5.133  14.600  1.00 102.20 ?  3   GLU B N   1 
ATOM   222 C CA  . GLU B 1 3  ? 9.426   -5.538  13.731  1.00 99.69  ?  3   GLU B CA  1 
ATOM   223 C C   . GLU B 1 3  ? 8.600   -4.335  13.291  1.00 93.71  ?  3   GLU B C   1 
ATOM   224 O O   . GLU B 1 3  ? 8.337   -4.156  12.097  1.00 96.87  ?  3   GLU B O   1 
ATOM   225 C CB  . GLU B 1 3  ? 8.542   -6.568  14.436  1.00 104.29 ?  3   GLU B CB  1 
ATOM   226 C CG  . GLU B 1 3  ? 9.185   -7.937  14.621  1.00 112.79 ?  3   GLU B CG  1 
ATOM   227 C CD  . GLU B 1 3  ? 10.221  -7.954  15.727  1.00 121.65 ?  3   GLU B CD  1 
ATOM   228 O OE1 . GLU B 1 3  ? 10.156  -7.078  16.616  1.00 124.43 ?  3   GLU B OE1 1 
ATOM   229 O OE2 . GLU B 1 3  ? 11.103  -8.838  15.704  1.00 125.62 -1 3   GLU B OE2 1 
ATOM   230 N N   . LEU B 1 4  ? 8.184   -3.498  14.246  1.00 86.02  ?  4   LEU B N   1 
ATOM   231 C CA  . LEU B 1 4  ? 7.341   -2.354  13.914  1.00 75.21  ?  4   LEU B CA  1 
ATOM   232 C C   . LEU B 1 4  ? 8.063   -1.361  13.013  1.00 77.54  ?  4   LEU B C   1 
ATOM   233 O O   . LEU B 1 4  ? 7.435   -0.737  12.150  1.00 71.50  ?  4   LEU B O   1 
ATOM   234 C CB  . LEU B 1 4  ? 6.866   -1.665  15.195  1.00 69.44  ?  4   LEU B CB  1 
ATOM   235 C CG  . LEU B 1 4  ? 6.041   -0.385  15.034  1.00 74.49  ?  4   LEU B CG  1 
ATOM   236 C CD1 . LEU B 1 4  ? 4.770   -0.652  14.243  1.00 67.62  ?  4   LEU B CD1 1 
ATOM   237 C CD2 . LEU B 1 4  ? 5.714   0.219   16.394  1.00 80.98  ?  4   LEU B CD2 1 
ATOM   238 N N   . LEU B 1 5  ? 9.376   -1.203  13.191  1.00 89.30  ?  5   LEU B N   1 
ATOM   239 C CA  . LEU B 1 5  ? 10.118  -0.251  12.372  1.00 93.82  ?  5   LEU B CA  1 
ATOM   240 C C   . LEU B 1 5  ? 10.184  -0.702  10.918  1.00 87.56  ?  5   LEU B C   1 
ATOM   241 O O   . LEU B 1 5  ? 10.075  0.120   10.002  1.00 93.64  ?  5   LEU B O   1 
ATOM   242 C CB  . LEU B 1 5  ? 11.523  -0.048  12.938  1.00 102.78 ?  5   LEU B CB  1 
ATOM   243 C CG  . LEU B 1 5  ? 11.615  0.602   14.323  1.00 110.87 ?  5   LEU B CG  1 
ATOM   244 C CD1 . LEU B 1 5  ? 11.593  -0.439  15.439  1.00 111.38 ?  5   LEU B CD1 1 
ATOM   245 C CD2 . LEU B 1 5  ? 12.854  1.474   14.423  1.00 117.88 ?  5   LEU B CD2 1 
ATOM   246 N N   . PHE B 1 6  ? 10.356  -2.006  10.687  1.00 75.40  ?  6   PHE B N   1 
ATOM   247 C CA  . PHE B 1 6  ? 10.353  -2.520  9.323   1.00 66.45  ?  6   PHE B CA  1 
ATOM   248 C C   . PHE B 1 6  ? 8.972   -2.454  8.686   1.00 63.82  ?  6   PHE B C   1 
ATOM   249 O O   . PHE B 1 6  ? 8.870   -2.462  7.455   1.00 63.84  ?  6   PHE B O   1 
ATOM   250 C CB  . PHE B 1 6  ? 10.881  -3.957  9.300   1.00 64.99  ?  6   PHE B CB  1 
ATOM   251 C CG  . PHE B 1 6  ? 12.355  -4.068  9.587   1.00 65.46  ?  6   PHE B CG  1 
ATOM   252 C CD1 . PHE B 1 6  ? 12.890  -5.243  10.092  1.00 67.92  ?  6   PHE B CD1 1 
ATOM   253 C CD2 . PHE B 1 6  ? 13.205  -3.000  9.349   1.00 60.26  ?  6   PHE B CD2 1 
ATOM   254 C CE1 . PHE B 1 6  ? 14.244  -5.349  10.357  1.00 76.40  ?  6   PHE B CE1 1 
ATOM   255 C CE2 . PHE B 1 6  ? 14.560  -3.100  9.610   1.00 70.21  ?  6   PHE B CE2 1 
ATOM   256 C CZ  . PHE B 1 6  ? 15.080  -4.277  10.115  1.00 77.85  ?  6   PHE B CZ  1 
ATOM   257 N N   . ILE B 1 7  ? 7.910   -2.389  9.492   1.00 60.89  ?  7   ILE B N   1 
ATOM   258 C CA  . ILE B 1 7  ? 6.574   -2.185  8.941   1.00 65.32  ?  7   ILE B CA  1 
ATOM   259 C C   . ILE B 1 7  ? 6.449   -0.777  8.375   1.00 65.05  ?  7   ILE B C   1 
ATOM   260 O O   . ILE B 1 7  ? 5.940   -0.576  7.266   1.00 69.01  ?  7   ILE B O   1 
ATOM   261 C CB  . ILE B 1 7  ? 5.499   -2.457  10.010  1.00 70.87  ?  7   ILE B CB  1 
ATOM   262 C CG1 . ILE B 1 7  ? 5.640   -3.869  10.575  1.00 71.24  ?  7   ILE B CG1 1 
ATOM   263 C CG2 . ILE B 1 7  ? 4.108   -2.240  9.434   1.00 75.72  ?  7   ILE B CG2 1 
ATOM   264 C CD1 . ILE B 1 7  ? 5.787   -4.933  9.523   1.00 69.10  ?  7   ILE B CD1 1 
ATOM   265 N N   . LEU B 1 8  ? 6.914   0.219   9.133   1.00 63.23  ?  8   LEU B N   1 
ATOM   266 C CA  . LEU B 1 8  ? 6.872   1.596   8.658   1.00 63.99  ?  8   LEU B CA  1 
ATOM   267 C C   . LEU B 1 8  ? 7.714   1.767   7.400   1.00 63.23  ?  8   LEU B C   1 
ATOM   268 O O   . LEU B 1 8  ? 7.368   2.558   6.516   1.00 68.26  ?  8   LEU B O   1 
ATOM   269 C CB  . LEU B 1 8  ? 7.346   2.544   9.759   1.00 65.86  ?  8   LEU B CB  1 
ATOM   270 C CG  . LEU B 1 8  ? 6.627   2.417   11.105  1.00 65.47  ?  8   LEU B CG  1 
ATOM   271 C CD1 . LEU B 1 8  ? 7.140   3.458   12.089  1.00 70.44  ?  8   LEU B CD1 1 
ATOM   272 C CD2 . LEU B 1 8  ? 5.123   2.540   10.926  1.00 65.28  ?  8   LEU B CD2 1 
ATOM   273 N N   . VAL B 1 9  ? 8.820   1.026   7.301   1.00 58.31  ?  9   VAL B N   1 
ATOM   274 C CA  . VAL B 1 9  ? 9.614   1.038   6.075   1.00 54.46  ?  9   VAL B CA  1 
ATOM   275 C C   . VAL B 1 9  ? 8.794   0.498   4.910   1.00 59.34  ?  9   VAL B C   1 
ATOM   276 O O   . VAL B 1 9  ? 8.806   1.059   3.807   1.00 59.29  ?  9   VAL B O   1 
ATOM   277 C CB  . VAL B 1 9  ? 10.915  0.239   6.272   1.00 58.37  ?  9   VAL B CB  1 
ATOM   278 C CG1 . VAL B 1 9  ? 11.683  0.144   4.964   1.00 48.38  ?  9   VAL B CG1 1 
ATOM   279 C CG2 . VAL B 1 9  ? 11.772  0.887   7.349   1.00 67.92  ?  9   VAL B CG2 1 
ATOM   280 N N   . ALA B 1 10 ? 8.063   -0.595  5.138   1.00 56.85  ?  10  ALA B N   1 
ATOM   281 C CA  . ALA B 1 10 ? 7.189   -1.128  4.098   1.00 50.01  ?  10  ALA B CA  1 
ATOM   282 C C   . ALA B 1 10 ? 6.029   -0.182  3.816   1.00 58.65  ?  10  ALA B C   1 
ATOM   283 O O   . ALA B 1 10 ? 5.626   -0.015  2.658   1.00 54.69  ?  10  ALA B O   1 
ATOM   284 C CB  . ALA B 1 10 ? 6.671   -2.508  4.500   1.00 49.28  ?  10  ALA B CB  1 
ATOM   285 N N   . ILE B 1 11 ? 5.476   0.444   4.857   1.00 61.58  ?  11  ILE B N   1 
ATOM   286 C CA  . ILE B 1 11 ? 4.396   1.404   4.651   1.00 54.11  ?  11  ILE B CA  1 
ATOM   287 C C   . ILE B 1 11 ? 4.911   2.633   3.912   1.00 62.36  ?  11  ILE B C   1 
ATOM   288 O O   . ILE B 1 11 ? 4.259   3.140   2.991   1.00 59.52  ?  11  ILE B O   1 
ATOM   289 C CB  . ILE B 1 11 ? 3.744   1.780   5.994   1.00 52.50  ?  11  ILE B CB  1 
ATOM   290 C CG1 . ILE B 1 11 ? 3.045   0.566   6.609   1.00 54.59  ?  11  ILE B CG1 1 
ATOM   291 C CG2 . ILE B 1 11 ? 2.753   2.919   5.808   1.00 51.36  ?  11  ILE B CG2 1 
ATOM   292 C CD1 . ILE B 1 11 ? 2.454   0.826   7.979   1.00 53.90  ?  11  ILE B CD1 1 
ATOM   293 N N   . LEU B 1 12 ? 6.094   3.123   4.292   1.00 61.55  ?  12  LEU B N   1 
ATOM   294 C CA  . LEU B 1 12 ? 6.667   4.280   3.610   1.00 59.95  ?  12  LEU B CA  1 
ATOM   295 C C   . LEU B 1 12 ? 7.010   3.950   2.163   1.00 59.44  ?  12  LEU B C   1 
ATOM   296 O O   . LEU B 1 12 ? 6.893   4.805   1.278   1.00 55.22  ?  12  LEU B O   1 
ATOM   297 C CB  . LEU B 1 12 ? 7.909   4.768   4.357   1.00 60.16  ?  12  LEU B CB  1 
ATOM   298 C CG  . LEU B 1 12 ? 8.298   6.235   4.177   1.00 65.70  ?  12  LEU B CG  1 
ATOM   299 C CD1 . LEU B 1 12 ? 7.251   7.143   4.807   1.00 70.93  ?  12  LEU B CD1 1 
ATOM   300 C CD2 . LEU B 1 12 ? 9.673   6.502   4.769   1.00 68.03  ?  12  LEU B CD2 1 
ATOM   301 N N   . GLY B 1 13 ? 7.436   2.712   1.903   1.00 59.41  ?  13  GLY B N   1 
ATOM   302 C CA  . GLY B 1 13 ? 7.698   2.306   0.532   1.00 56.49  ?  13  GLY B CA  1 
ATOM   303 C C   . GLY B 1 13 ? 6.436   2.242   -0.305  1.00 50.93  ?  13  GLY B C   1 
ATOM   304 O O   . GLY B 1 13 ? 6.444   2.592   -1.489  1.00 56.43  ?  13  GLY B O   1 
ATOM   305 N N   . GLY B 1 14 ? 5.331   1.792   0.295   1.00 43.37  ?  14  GLY B N   1 
ATOM   306 C CA  . GLY B 1 14 ? 4.065   1.795   -0.416  1.00 48.91  ?  14  GLY B CA  1 
ATOM   307 C C   . GLY B 1 14 ? 3.546   3.200   -0.659  1.00 49.42  ?  14  GLY B C   1 
ATOM   308 O O   . GLY B 1 14 ? 2.960   3.486   -1.707  1.00 51.25  ?  14  GLY B O   1 
ATOM   309 N N   . LEU B 1 15 ? 3.751   4.092   0.312   1.00 48.98  ?  15  LEU B N   1 
ATOM   310 C CA  . LEU B 1 15 ? 3.436   5.502   0.108   1.00 49.97  ?  15  LEU B CA  1 
ATOM   311 C C   . LEU B 1 15 ? 4.251   6.079   -1.041  1.00 53.23  ?  15  LEU B C   1 
ATOM   312 O O   . LEU B 1 15 ? 3.745   6.876   -1.839  1.00 52.73  ?  15  LEU B O   1 
ATOM   313 C CB  . LEU B 1 15 ? 3.700   6.283   1.395   1.00 50.78  ?  15  LEU B CB  1 
ATOM   314 C CG  . LEU B 1 15 ? 3.277   7.750   1.432   1.00 64.75  ?  15  LEU B CG  1 
ATOM   315 C CD1 . LEU B 1 15 ? 1.797   7.863   1.753   1.00 66.16  ?  15  LEU B CD1 1 
ATOM   316 C CD2 . LEU B 1 15 ? 4.109   8.523   2.441   1.00 64.10  ?  15  LEU B CD2 1 
ATOM   317 N N   . PHE B 1 16 ? 5.520   5.682   -1.140  1.00 52.62  ?  16  PHE B N   1 
ATOM   318 C CA  . PHE B 1 16 ? 6.371   6.167   -2.220  1.00 52.69  ?  16  PHE B CA  1 
ATOM   319 C C   . PHE B 1 16 ? 5.938   5.595   -3.564  1.00 52.44  ?  16  PHE B C   1 
ATOM   320 O O   . PHE B 1 16 ? 5.902   6.315   -4.569  1.00 51.45  ?  16  PHE B O   1 
ATOM   321 C CB  . PHE B 1 16 ? 7.828   5.815   -1.924  1.00 55.09  ?  16  PHE B CB  1 
ATOM   322 C CG  . PHE B 1 16 ? 8.781   6.197   -3.019  1.00 58.53  ?  16  PHE B CG  1 
ATOM   323 C CD1 . PHE B 1 16 ? 9.227   7.501   -3.142  1.00 66.86  ?  16  PHE B CD1 1 
ATOM   324 C CD2 . PHE B 1 16 ? 9.241   5.248   -3.919  1.00 55.72  ?  16  PHE B CD2 1 
ATOM   325 C CE1 . PHE B 1 16 ? 10.105  7.855   -4.147  1.00 70.50  ?  16  PHE B CE1 1 
ATOM   326 C CE2 . PHE B 1 16 ? 10.119  5.596   -4.925  1.00 60.75  ?  16  PHE B CE2 1 
ATOM   327 C CZ  . PHE B 1 16 ? 10.550  6.900   -5.039  1.00 69.10  ?  16  PHE B CZ  1 
ATOM   328 N N   . GLY B 1 17 ? 5.598   4.305   -3.599  1.00 51.67  ?  17  GLY B N   1 
ATOM   329 C CA  . GLY B 1 17 ? 5.213   3.686   -4.855  1.00 54.67  ?  17  GLY B CA  1 
ATOM   330 C C   . GLY B 1 17 ? 3.904   4.224   -5.401  1.00 54.17  ?  17  GLY B C   1 
ATOM   331 O O   . GLY B 1 17 ? 3.732   4.345   -6.617  1.00 54.01  ?  17  GLY B O   1 
ATOM   332 N N   . ALA B 1 18 ? 2.962   4.552   -4.514  1.00 55.31  ?  18  ALA B N   1 
ATOM   333 C CA  . ALA B 1 18 ? 1.689   5.107   -4.962  1.00 53.33  ?  18  ALA B CA  1 
ATOM   334 C C   . ALA B 1 18 ? 1.876   6.487   -5.585  1.00 54.85  ?  18  ALA B C   1 
ATOM   335 O O   . ALA B 1 18 ? 1.197   6.834   -6.560  1.00 51.71  ?  18  ALA B O   1 
ATOM   336 C CB  . ALA B 1 18 ? 0.705   5.174   -3.795  1.00 41.72  ?  18  ALA B CB  1 
ATOM   337 N N   . ILE B 1 19 ? 2.795   7.284   -5.037  1.00 56.02  ?  19  ILE B N   1 
ATOM   338 C CA  . ILE B 1 19 ? 3.072   8.600   -5.602  1.00 58.88  ?  19  ILE B CA  1 
ATOM   339 C C   . ILE B 1 19 ? 3.822   8.473   -6.921  1.00 57.58  ?  19  ILE B C   1 
ATOM   340 O O   . ILE B 1 19 ? 3.627   9.282   -7.837  1.00 62.04  ?  19  ILE B O   1 
ATOM   341 C CB  . ILE B 1 19 ? 3.839   9.453   -4.574  1.00 63.49  ?  19  ILE B CB  1 
ATOM   342 C CG1 . ILE B 1 19 ? 2.917   9.807   -3.405  1.00 66.26  ?  19  ILE B CG1 1 
ATOM   343 C CG2 . ILE B 1 19 ? 4.409   10.714  -5.214  1.00 60.95  ?  19  ILE B CG2 1 
ATOM   344 C CD1 . ILE B 1 19 ? 3.639   10.088  -2.114  1.00 66.58  ?  19  ILE B CD1 1 
ATOM   345 N N   . VAL B 1 20 ? 4.675   7.453   -7.053  1.00 51.40  ?  20  VAL B N   1 
ATOM   346 C CA  . VAL B 1 20 ? 5.329   7.194   -8.333  1.00 51.85  ?  20  VAL B CA  1 
ATOM   347 C C   . VAL B 1 20 ? 4.295   6.838   -9.393  1.00 56.18  ?  20  VAL B C   1 
ATOM   348 O O   . VAL B 1 20 ? 4.385   7.280   -10.545 1.00 61.74  ?  20  VAL B O   1 
ATOM   349 C CB  . VAL B 1 20 ? 6.391   6.089   -8.177  1.00 52.28  ?  20  VAL B CB  1 
ATOM   350 C CG1 . VAL B 1 20 ? 6.911   5.651   -9.540  1.00 47.77  ?  20  VAL B CG1 1 
ATOM   351 C CG2 . VAL B 1 20 ? 7.535   6.576   -7.304  1.00 56.61  ?  20  VAL B CG2 1 
ATOM   352 N N   . ALA B 1 21 ? 3.290   6.040   -9.019  1.00 53.87  ?  21  ALA B N   1 
ATOM   353 C CA  . ALA B 1 21 ? 2.218   5.713   -9.954  1.00 53.27  ?  21  ALA B CA  1 
ATOM   354 C C   . ALA B 1 21 ? 1.448   6.954   -10.378 1.00 56.76  ?  21  ALA B C   1 
ATOM   355 O O   . ALA B 1 21 ? 0.974   7.034   -11.517 1.00 53.54  ?  21  ALA B O   1 
ATOM   356 C CB  . ALA B 1 21 ? 1.265   4.692   -9.331  1.00 46.45  ?  21  ALA B CB  1 
ATOM   357 N N   . PHE B 1 22 ? 1.316   7.931   -9.480  1.00 60.07  ?  22  PHE B N   1 
ATOM   358 C CA  . PHE B 1 22 ? 0.632   9.172   -9.819  1.00 52.19  ?  22  PHE B CA  1 
ATOM   359 C C   . PHE B 1 22 ? 1.496   10.063  -10.703 1.00 55.47  ?  22  PHE B C   1 
ATOM   360 O O   . PHE B 1 22 ? 0.983   10.725  -11.612 1.00 68.76  ?  22  PHE B O   1 
ATOM   361 C CB  . PHE B 1 22 ? 0.229   9.913   -8.544  1.00 53.55  ?  22  PHE B CB  1 
ATOM   362 C CG  . PHE B 1 22 ? -0.434  11.239  -8.795  1.00 65.93  ?  22  PHE B CG  1 
ATOM   363 C CD1 . PHE B 1 22 ? -1.681  11.303  -9.394  1.00 61.02  ?  22  PHE B CD1 1 
ATOM   364 C CD2 . PHE B 1 22 ? 0.187   12.421  -8.424  1.00 62.59  ?  22  PHE B CD2 1 
ATOM   365 C CE1 . PHE B 1 22 ? -2.294  12.517  -9.624  1.00 66.73  ?  22  PHE B CE1 1 
ATOM   366 C CE2 . PHE B 1 22 ? -0.422  13.640  -8.652  1.00 74.46  ?  22  PHE B CE2 1 
ATOM   367 C CZ  . PHE B 1 22 ? -1.663  13.688  -9.255  1.00 70.47  ?  22  PHE B CZ  1 
ATOM   368 N N   . LEU B 1 23 ? 2.807   10.092  -10.452 1.00 57.18  ?  23  LEU B N   1 
ATOM   369 C CA  . LEU B 1 23 ? 3.693   10.914  -11.270 1.00 58.83  ?  23  LEU B CA  1 
ATOM   370 C C   . LEU B 1 23 ? 3.826   10.346  -12.678 1.00 59.03  ?  23  LEU B C   1 
ATOM   371 O O   . LEU B 1 23 ? 3.876   11.102  -13.654 1.00 70.47  ?  23  LEU B O   1 
ATOM   372 C CB  . LEU B 1 23 ? 5.064   11.038  -10.605 1.00 63.68  ?  23  LEU B CB  1 
ATOM   373 C CG  . LEU B 1 23 ? 5.121   11.907  -9.345  1.00 65.64  ?  23  LEU B CG  1 
ATOM   374 C CD1 . LEU B 1 23 ? 6.537   11.960  -8.793  1.00 67.39  ?  23  LEU B CD1 1 
ATOM   375 C CD2 . LEU B 1 23 ? 4.602   13.308  -9.635  1.00 67.10  ?  23  LEU B CD2 1 
ATOM   376 N N   . LEU B 1 24 ? 3.887   9.018   -12.800 1.00 61.74  ?  24  LEU B N   1 
ATOM   377 C CA  . LEU B 1 24 ? 3.897   8.400   -14.121 1.00 69.42  ?  24  LEU B CA  1 
ATOM   378 C C   . LEU B 1 24 ? 2.607   8.685   -14.877 1.00 72.33  ?  24  LEU B C   1 
ATOM   379 O O   . LEU B 1 24 ? 2.623   8.820   -16.105 1.00 71.64  ?  24  LEU B O   1 
ATOM   380 C CB  . LEU B 1 24 ? 4.112   6.892   -13.995 1.00 69.00  ?  24  LEU B CB  1 
ATOM   381 C CG  . LEU B 1 24 ? 5.478   6.425   -13.492 1.00 70.79  ?  24  LEU B CG  1 
ATOM   382 C CD1 . LEU B 1 24 ? 5.510   4.911   -13.372 1.00 72.24  ?  24  LEU B CD1 1 
ATOM   383 C CD2 . LEU B 1 24 ? 6.582   6.915   -14.416 1.00 72.21  ?  24  LEU B CD2 1 
ATOM   384 N N   . ALA B 1 25 ? 1.484   8.780   -14.163 1.00 66.88  ?  25  ALA B N   1 
ATOM   385 C CA  . ALA B 1 25 ? 0.222   9.100   -14.818 1.00 67.51  ?  25  ALA B CA  1 
ATOM   386 C C   . ALA B 1 25 ? 0.210   10.540  -15.310 1.00 68.49  ?  25  ALA B C   1 
ATOM   387 O O   . ALA B 1 25 ? -0.267  10.820  -16.417 1.00 67.70  ?  25  ALA B O   1 
ATOM   388 C CB  . ALA B 1 25 ? -0.944  8.844   -13.865 1.00 58.05  ?  25  ALA B CB  1 
ATOM   389 N N   . LEU B 1 26 ? 0.737   11.467  -14.506 1.00 70.92  ?  26  LEU B N   1 
ATOM   390 C CA  . LEU B 1 26 ? 0.842   12.855  -14.944 1.00 71.29  ?  26  LEU B CA  1 
ATOM   391 C C   . LEU B 1 26 ? 1.818   13.009  -16.101 1.00 77.03  ?  26  LEU B C   1 
ATOM   392 O O   . LEU B 1 26 ? 1.625   13.877  -16.960 1.00 86.52  ?  26  LEU B O   1 
ATOM   393 C CB  . LEU B 1 26 ? 1.270   13.746  -13.779 1.00 72.81  ?  26  LEU B CB  1 
ATOM   394 C CG  . LEU B 1 26 ? 0.291   13.913  -12.620 1.00 72.53  ?  26  LEU B CG  1 
ATOM   395 C CD1 . LEU B 1 26 ? 0.816   14.953  -11.647 1.00 80.66  ?  26  LEU B CD1 1 
ATOM   396 C CD2 . LEU B 1 26 ? -1.086  14.303  -13.135 1.00 80.07  ?  26  LEU B CD2 1 
ATOM   397 N N   . ARG B 1 27 ? 2.872   12.191  -16.132 1.00 76.46  ?  27  ARG B N   1 
ATOM   398 C CA  . ARG B 1 27 ? 3.810   12.233  -17.248 1.00 82.93  ?  27  ARG B CA  1 
ATOM   399 C C   . ARG B 1 27 ? 3.105   11.932  -18.564 1.00 78.59  ?  27  ARG B C   1 
ATOM   400 O O   . ARG B 1 27 ? 3.445   12.503  -19.606 1.00 85.29  ?  27  ARG B O   1 
ATOM   401 C CB  . ARG B 1 27 ? 4.952   11.244  -17.006 1.00 83.65  ?  27  ARG B CB  1 
ATOM   402 C CG  . ARG B 1 27 ? 5.972   11.169  -18.133 1.00 92.02  ?  27  ARG B CG  1 
ATOM   403 C CD  . ARG B 1 27 ? 6.748   12.469  -18.271 1.00 100.08 ?  27  ARG B CD  1 
ATOM   404 N NE  . ARG B 1 27 ? 7.748   12.398  -19.334 1.00 107.26 ?  27  ARG B NE  1 
ATOM   405 C CZ  . ARG B 1 27 ? 7.511   12.706  -20.605 1.00 115.84 ?  27  ARG B CZ  1 
ATOM   406 N NH1 . ARG B 1 27 ? 8.479   12.611  -21.505 1.00 122.05 ?  27  ARG B NH1 1 
ATOM   407 N NH2 . ARG B 1 27 ? 6.303   13.107  -20.976 1.00 117.72 ?  27  ARG B NH2 1 
ATOM   408 N N   . ARG B 1 28 ? 2.111   11.042  -18.531 1.00 75.16  ?  28  ARG B N   1 
ATOM   409 C CA  . ARG B 1 28 ? 1.316   10.773  -19.724 1.00 83.28  ?  28  ARG B CA  1 
ATOM   410 C C   . ARG B 1 28 ? 0.386   11.939  -20.040 1.00 89.14  ?  28  ARG B C   1 
ATOM   411 O O   . ARG B 1 28 ? 0.197   12.293  -21.210 1.00 90.50  ?  28  ARG B O   1 
ATOM   412 C CB  . ARG B 1 28 ? 0.518   9.483   -19.534 1.00 85.99  ?  28  ARG B CB  1 
ATOM   413 C CG  . ARG B 1 28 ? 1.349   8.326   -19.005 1.00 85.86  ?  28  ARG B CG  1 
ATOM   414 C CD  . ARG B 1 28 ? 1.828   7.418   -20.124 1.00 94.19  ?  28  ARG B CD  1 
ATOM   415 N NE  . ARG B 1 28 ? 0.807   6.445   -20.502 1.00 98.50  ?  28  ARG B NE  1 
ATOM   416 C CZ  . ARG B 1 28 ? 0.647   5.266   -19.908 1.00 95.92  ?  28  ARG B CZ  1 
ATOM   417 N NH1 . ARG B 1 28 ? -0.308  4.441   -20.316 1.00 97.10  ?  28  ARG B NH1 1 
ATOM   418 N NH2 . ARG B 1 28 ? 1.440   4.913   -18.907 1.00 94.39  ?  28  ARG B NH2 1 
ATOM   419 N N   . LEU B 1 29 ? -0.198  12.547  -19.012 1.00 92.66  ?  29  LEU B N   1 
ATOM   420 C CA  . LEU B 1 29 ? -1.099  13.679  -19.193 1.00 92.11  ?  29  LEU B CA  1 
ATOM   421 C C   . LEU B 1 29 ? -0.322  14.985  -19.318 1.00 97.53  ?  29  LEU B C   1 
ATOM   422 O O   . LEU B 1 29 ? -0.877  16.016  -19.697 1.00 104.44 ?  29  LEU B O   1 
ATOM   423 C CB  . LEU B 1 29 ? -2.090  13.764  -18.029 1.00 90.85  ?  29  LEU B CB  1 
ATOM   424 C CG  . LEU B 1 29 ? -2.977  12.537  -17.809 1.00 87.75  ?  29  LEU B CG  1 
ATOM   425 C CD1 . LEU B 1 29 ? -3.879  12.732  -16.599 1.00 86.27  ?  29  LEU B CD1 1 
ATOM   426 C CD2 . LEU B 1 29 ? -3.803  12.248  -19.052 1.00 95.45  ?  29  LEU B CD2 1 
ATOM   427 N N   . PRO C 1 2  ? 12.242  -17.270 8.089   1.00 140.50 ?  2   PRO C N   1 
ATOM   428 C CA  . PRO C 1 2  ? 10.981  -17.193 7.345   1.00 132.31 ?  2   PRO C CA  1 
ATOM   429 C C   . PRO C 1 2  ? 10.974  -16.057 6.329   1.00 122.30 ?  2   PRO C C   1 
ATOM   430 O O   . PRO C 1 2  ? 10.277  -15.062 6.519   1.00 119.23 ?  2   PRO C O   1 
ATOM   431 C CB  . PRO C 1 2  ? 9.943   -16.952 8.441   1.00 132.18 ?  2   PRO C CB  1 
ATOM   432 C CG  . PRO C 1 2  ? 10.701  -16.266 9.524   1.00 137.61 ?  2   PRO C CG  1 
ATOM   433 C CD  . PRO C 1 2  ? 12.080  -16.861 9.496   1.00 145.33 ?  2   PRO C CD  1 
ATOM   434 N N   . GLU C 1 3  ? 11.752  -16.216 5.255   1.00 121.15 ?  3   GLU C N   1 
ATOM   435 C CA  . GLU C 1 3  ? 11.837  -15.185 4.227   1.00 125.51 ?  3   GLU C CA  1 
ATOM   436 C C   . GLU C 1 3  ? 10.548  -15.064 3.424   1.00 120.32 ?  3   GLU C C   1 
ATOM   437 O O   . GLU C 1 3  ? 10.357  -14.064 2.724   1.00 116.10 ?  3   GLU C O   1 
ATOM   438 C CB  . GLU C 1 3  ? 13.019  -15.481 3.298   1.00 136.38 ?  3   GLU C CB  1 
ATOM   439 C CG  . GLU C 1 3  ? 13.477  -14.299 2.457   1.00 137.88 ?  3   GLU C CG  1 
ATOM   440 C CD  . GLU C 1 3  ? 14.737  -14.605 1.671   1.00 146.38 ?  3   GLU C CD  1 
ATOM   441 O OE1 . GLU C 1 3  ? 15.278  -15.721 1.821   1.00 153.52 ?  3   GLU C OE1 1 
ATOM   442 O OE2 . GLU C 1 3  ? 15.186  -13.727 0.904   1.00 144.98 -1 3   GLU C OE2 1 
ATOM   443 N N   . LEU C 1 4  ? 9.654   -16.051 3.521   1.00 120.63 ?  4   LEU C N   1 
ATOM   444 C CA  . LEU C 1 4  ? 8.410   -16.009 2.758   1.00 111.46 ?  4   LEU C CA  1 
ATOM   445 C C   . LEU C 1 4  ? 7.446   -14.972 3.324   1.00 98.60  ?  4   LEU C C   1 
ATOM   446 O O   . LEU C 1 4  ? 6.889   -14.156 2.579   1.00 90.41  ?  4   LEU C O   1 
ATOM   447 C CB  . LEU C 1 4  ? 7.761   -17.394 2.743   1.00 120.44 ?  4   LEU C CB  1 
ATOM   448 C CG  . LEU C 1 4  ? 6.364   -17.491 2.128   1.00 120.30 ?  4   LEU C CG  1 
ATOM   449 C CD1 . LEU C 1 4  ? 6.394   -17.062 0.671   1.00 116.43 ?  4   LEU C CD1 1 
ATOM   450 C CD2 . LEU C 1 4  ? 5.815   -18.901 2.267   1.00 127.07 ?  4   LEU C CD2 1 
ATOM   451 N N   . LEU C 1 5  ? 7.231   -14.991 4.641   1.00 99.41  ?  5   LEU C N   1 
ATOM   452 C CA  . LEU C 1 5  ? 6.266   -14.084 5.250   1.00 92.72  ?  5   LEU C CA  1 
ATOM   453 C C   . LEU C 1 5  ? 6.797   -12.666 5.405   1.00 83.75  ?  5   LEU C C   1 
ATOM   454 O O   . LEU C 1 5  ? 5.996   -11.739 5.567   1.00 73.96  ?  5   LEU C O   1 
ATOM   455 C CB  . LEU C 1 5  ? 5.817   -14.622 6.613   1.00 100.42 ?  5   LEU C CB  1 
ATOM   456 C CG  . LEU C 1 5  ? 4.524   -15.446 6.619   1.00 106.96 ?  5   LEU C CG  1 
ATOM   457 C CD1 . LEU C 1 5  ? 4.662   -16.703 5.771   1.00 112.05 ?  5   LEU C CD1 1 
ATOM   458 C CD2 . LEU C 1 5  ? 4.112   -15.799 8.041   1.00 115.25 ?  5   LEU C CD2 1 
ATOM   459 N N   . PHE C 1 6  ? 8.117   -12.469 5.366   1.00 81.89  ?  6   PHE C N   1 
ATOM   460 C CA  . PHE C 1 6  ? 8.651   -11.110 5.355   1.00 82.26  ?  6   PHE C CA  1 
ATOM   461 C C   . PHE C 1 6  ? 8.213   -10.364 4.100   1.00 75.77  ?  6   PHE C C   1 
ATOM   462 O O   . PHE C 1 6  ? 7.931   -9.161  4.150   1.00 69.40  ?  6   PHE C O   1 
ATOM   463 C CB  . PHE C 1 6  ? 10.177  -11.138 5.455   1.00 90.91  ?  6   PHE C CB  1 
ATOM   464 C CG  . PHE C 1 6  ? 10.694  -11.285 6.859   1.00 100.24 ?  6   PHE C CG  1 
ATOM   465 C CD1 . PHE C 1 6  ? 9.933   -10.880 7.942   1.00 102.46 ?  6   PHE C CD1 1 
ATOM   466 C CD2 . PHE C 1 6  ? 11.949  -11.823 7.094   1.00 102.23 ?  6   PHE C CD2 1 
ATOM   467 C CE1 . PHE C 1 6  ? 10.410  -11.011 9.233   1.00 107.31 ?  6   PHE C CE1 1 
ATOM   468 C CE2 . PHE C 1 6  ? 12.433  -11.958 8.381   1.00 105.87 ?  6   PHE C CE2 1 
ATOM   469 C CZ  . PHE C 1 6  ? 11.663  -11.551 9.453   1.00 110.00 ?  6   PHE C CZ  1 
ATOM   470 N N   . ILE C 1 7  ? 8.139   -11.065 2.968   1.00 74.82  ?  7   ILE C N   1 
ATOM   471 C CA  . ILE C 1 7  ? 7.738   -10.433 1.715   1.00 72.32  ?  7   ILE C CA  1 
ATOM   472 C C   . ILE C 1 7  ? 6.238   -10.164 1.706   1.00 68.91  ?  7   ILE C C   1 
ATOM   473 O O   . ILE C 1 7  ? 5.777   -9.159  1.152   1.00 61.39  ?  7   ILE C O   1 
ATOM   474 C CB  . ILE C 1 7  ? 8.164   -11.308 0.524   1.00 76.25  ?  7   ILE C CB  1 
ATOM   475 C CG1 . ILE C 1 7  ? 9.672   -11.562 0.561   1.00 85.91  ?  7   ILE C CG1 1 
ATOM   476 C CG2 . ILE C 1 7  ? 7.761   -10.663 -0.796  1.00 74.52  ?  7   ILE C CG2 1 
ATOM   477 C CD1 . ILE C 1 7  ? 10.159  -12.479 -0.537  1.00 88.70  ?  7   ILE C CD1 1 
ATOM   478 N N   . LEU C 1 8  ? 5.454   -11.052 2.321   1.00 71.94  ?  8   LEU C N   1 
ATOM   479 C CA  . LEU C 1 8  ? 4.005   -10.872 2.343   1.00 72.02  ?  8   LEU C CA  1 
ATOM   480 C C   . LEU C 1 8  ? 3.615   -9.636  3.143   1.00 73.59  ?  8   LEU C C   1 
ATOM   481 O O   . LEU C 1 8  ? 2.770   -8.843  2.712   1.00 76.67  ?  8   LEU C O   1 
ATOM   482 C CB  . LEU C 1 8  ? 3.335   -12.117 2.918   1.00 78.06  ?  8   LEU C CB  1 
ATOM   483 C CG  . LEU C 1 8  ? 3.598   -13.409 2.147   1.00 80.63  ?  8   LEU C CG  1 
ATOM   484 C CD1 . LEU C 1 8  ? 3.130   -14.602 2.955   1.00 82.34  ?  8   LEU C CD1 1 
ATOM   485 C CD2 . LEU C 1 8  ? 2.905   -13.361 0.793   1.00 75.99  ?  8   LEU C CD2 1 
ATOM   486 N N   . VAL C 1 9  ? 4.215   -9.462  4.323   1.00 69.25  ?  9   VAL C N   1 
ATOM   487 C CA  . VAL C 1 9  ? 3.943   -8.273  5.123   1.00 70.88  ?  9   VAL C CA  1 
ATOM   488 C C   . VAL C 1 9  ? 4.457   -7.025  4.417   1.00 63.80  ?  9   VAL C C   1 
ATOM   489 O O   . VAL C 1 9  ? 3.898   -5.934  4.584   1.00 58.48  ?  9   VAL C O   1 
ATOM   490 C CB  . VAL C 1 9  ? 4.552   -8.439  6.529   1.00 77.03  ?  9   VAL C CB  1 
ATOM   491 C CG1 . VAL C 1 9  ? 4.155   -7.279  7.437   1.00 81.19  ?  9   VAL C CG1 1 
ATOM   492 C CG2 . VAL C 1 9  ? 4.123   -9.773  7.134   1.00 80.16  ?  9   VAL C CG2 1 
ATOM   493 N N   . ALA C 1 10 ? 5.515   -7.158  3.613   1.00 59.08  ?  10  ALA C N   1 
ATOM   494 C CA  . ALA C 1 10 ? 5.962   -6.041  2.790   1.00 56.74  ?  10  ALA C CA  1 
ATOM   495 C C   . ALA C 1 10 ? 4.911   -5.673  1.749   1.00 65.84  ?  10  ALA C C   1 
ATOM   496 O O   . ALA C 1 10 ? 4.696   -4.489  1.469   1.00 50.28  ?  10  ALA C O   1 
ATOM   497 C CB  . ALA C 1 10 ? 7.289   -6.381  2.117   1.00 58.72  ?  10  ALA C CB  1 
ATOM   498 N N   . ILE C 1 11 ? 4.255   -6.675  1.162   1.00 56.39  ?  11  ILE C N   1 
ATOM   499 C CA  . ILE C 1 11 ? 3.152   -6.400  0.246   1.00 47.69  ?  11  ILE C CA  1 
ATOM   500 C C   . ILE C 1 11 ? 1.981   -5.787  1.001   1.00 58.86  ?  11  ILE C C   1 
ATOM   501 O O   . ILE C 1 11 ? 1.366   -4.817  0.541   1.00 53.62  ?  11  ILE C O   1 
ATOM   502 C CB  . ILE C 1 11 ? 2.737   -7.684  -0.496  1.00 61.62  ?  11  ILE C CB  1 
ATOM   503 C CG1 . ILE C 1 11 ? 3.899   -8.225  -1.332  1.00 65.48  ?  11  ILE C CG1 1 
ATOM   504 C CG2 . ILE C 1 11 ? 1.524   -7.426  -1.376  1.00 60.58  ?  11  ILE C CG2 1 
ATOM   505 C CD1 . ILE C 1 11 ? 3.599   -9.550  -2.001  1.00 69.19  ?  11  ILE C CD1 1 
ATOM   506 N N   . LEU C 1 12 ? 1.657   -6.338  2.174   1.00 61.36  ?  12  LEU C N   1 
ATOM   507 C CA  . LEU C 1 12 ? 0.586   -5.774  2.988   1.00 57.47  ?  12  LEU C CA  1 
ATOM   508 C C   . LEU C 1 12 ? 0.929   -4.360  3.440   1.00 58.84  ?  12  LEU C C   1 
ATOM   509 O O   . LEU C 1 12 ? 0.073   -3.466  3.418   1.00 62.29  ?  12  LEU C O   1 
ATOM   510 C CB  . LEU C 1 12 ? 0.317   -6.671  4.197   1.00 55.70  ?  12  LEU C CB  1 
ATOM   511 C CG  . LEU C 1 12 ? -0.239  -8.065  3.912   1.00 60.18  ?  12  LEU C CG  1 
ATOM   512 C CD1 . LEU C 1 12 ? -0.337  -8.870  5.198   1.00 66.27  ?  12  LEU C CD1 1 
ATOM   513 C CD2 . LEU C 1 12 ? -1.597  -7.972  3.228   1.00 60.84  ?  12  LEU C CD2 1 
ATOM   514 N N   . GLY C 1 13 ? 2.178   -4.137  3.853   1.00 55.07  ?  13  GLY C N   1 
ATOM   515 C CA  . GLY C 1 13 ? 2.589   -2.797  4.238   1.00 52.05  ?  13  GLY C CA  1 
ATOM   516 C C   . GLY C 1 13 ? 2.592   -1.830  3.068   1.00 53.52  ?  13  GLY C C   1 
ATOM   517 O O   . GLY C 1 13 ? 2.226   -0.660  3.216   1.00 48.30  ?  13  GLY C O   1 
ATOM   518 N N   . GLY C 1 14 ? 3.002   -2.303  1.891   1.00 58.97  ?  14  GLY C N   1 
ATOM   519 C CA  . GLY C 1 14 ? 2.976   -1.450  0.714   1.00 57.88  ?  14  GLY C CA  1 
ATOM   520 C C   . GLY C 1 14 ? 1.564   -1.095  0.290   1.00 62.90  ?  14  GLY C C   1 
ATOM   521 O O   . GLY C 1 14 ? 1.276   0.060   -0.039  1.00 62.49  ?  14  GLY C O   1 
ATOM   522 N N   . LEU C 1 15 ? 0.666   -2.083  0.284   1.00 55.36  ?  15  LEU C N   1 
ATOM   523 C CA  . LEU C 1 15 ? -0.736  -1.802  -0.009  1.00 57.08  ?  15  LEU C CA  1 
ATOM   524 C C   . LEU C 1 15 ? -1.329  -0.859  1.030   1.00 62.52  ?  15  LEU C C   1 
ATOM   525 O O   . LEU C 1 15 ? -2.135  0.019   0.698   1.00 67.86  ?  15  LEU C O   1 
ATOM   526 C CB  . LEU C 1 15 ? -1.534  -3.104  -0.069  1.00 51.65  ?  15  LEU C CB  1 
ATOM   527 C CG  . LEU C 1 15 ? -1.224  -4.066  -1.217  1.00 50.14  ?  15  LEU C CG  1 
ATOM   528 C CD1 . LEU C 1 15 ? -1.985  -5.372  -1.036  1.00 45.51  ?  15  LEU C CD1 1 
ATOM   529 C CD2 . LEU C 1 15 ? -1.555  -3.429  -2.560  1.00 52.75  ?  15  LEU C CD2 1 
ATOM   530 N N   . PHE C 1 16 ? -0.934  -1.023  2.294   1.00 55.89  ?  16  PHE C N   1 
ATOM   531 C CA  . PHE C 1 16 ? -1.366  -0.097  3.335   1.00 55.43  ?  16  PHE C CA  1 
ATOM   532 C C   . PHE C 1 16 ? -0.913  1.323   3.024   1.00 58.84  ?  16  PHE C C   1 
ATOM   533 O O   . PHE C 1 16 ? -1.674  2.281   3.205   1.00 70.13  ?  16  PHE C O   1 
ATOM   534 C CB  . PHE C 1 16 ? -0.825  -0.551  4.692   1.00 60.24  ?  16  PHE C CB  1 
ATOM   535 C CG  . PHE C 1 16 ? -1.325  0.261   5.855   1.00 57.06  ?  16  PHE C CG  1 
ATOM   536 C CD1 . PHE C 1 16 ? -2.439  -0.144  6.569   1.00 58.95  ?  16  PHE C CD1 1 
ATOM   537 C CD2 . PHE C 1 16 ? -0.671  1.420   6.244   1.00 54.25  ?  16  PHE C CD2 1 
ATOM   538 C CE1 . PHE C 1 16 ? -2.899  0.596   7.643   1.00 64.42  ?  16  PHE C CE1 1 
ATOM   539 C CE2 . PHE C 1 16 ? -1.126  2.165   7.315   1.00 60.47  ?  16  PHE C CE2 1 
ATOM   540 C CZ  . PHE C 1 16 ? -2.242  1.751   8.015   1.00 65.74  ?  16  PHE C CZ  1 
ATOM   541 N N   . GLY C 1 17 ? 0.322   1.478   2.546   1.00 55.51  ?  17  GLY C N   1 
ATOM   542 C CA  . GLY C 1 17 ? 0.827   2.807   2.242   1.00 58.56  ?  17  GLY C CA  1 
ATOM   543 C C   . GLY C 1 17 ? 0.131   3.444   1.054   1.00 59.21  ?  17  GLY C C   1 
ATOM   544 O O   . GLY C 1 17 ? -0.090  4.658   1.031   1.00 67.15  ?  17  GLY C O   1 
ATOM   545 N N   . ALA C 1 18 ? -0.225  2.637   0.051   1.00 60.49  ?  18  ALA C N   1 
ATOM   546 C CA  . ALA C 1 18 ? -0.920  3.172   -1.114  1.00 56.88  ?  18  ALA C CA  1 
ATOM   547 C C   . ALA C 1 18 ? -2.328  3.627   -0.756  1.00 61.56  ?  18  ALA C C   1 
ATOM   548 O O   . ALA C 1 18 ? -2.787  4.675   -1.226  1.00 64.95  ?  18  ALA C O   1 
ATOM   549 C CB  . ALA C 1 18 ? -0.960  2.128   -2.230  1.00 56.12  ?  18  ALA C CB  1 
ATOM   550 N N   . ILE C 1 19 ? -3.031  2.851   0.072   1.00 68.63  ?  19  ILE C N   1 
ATOM   551 C CA  . ILE C 1 19 ? -4.367  3.250   0.502   1.00 74.55  ?  19  ILE C CA  1 
ATOM   552 C C   . ILE C 1 19 ? -4.295  4.481   1.395   1.00 72.84  ?  19  ILE C C   1 
ATOM   553 O O   . ILE C 1 19 ? -5.220  5.303   1.410   1.00 77.39  ?  19  ILE C O   1 
ATOM   554 C CB  . ILE C 1 19 ? -5.074  2.071   1.198   1.00 79.90  ?  19  ILE C CB  1 
ATOM   555 C CG1 . ILE C 1 19 ? -5.173  0.878   0.244   1.00 86.25  ?  19  ILE C CG1 1 
ATOM   556 C CG2 . ILE C 1 19 ? -6.459  2.471   1.678   1.00 80.81  ?  19  ILE C CG2 1 
ATOM   557 C CD1 . ILE C 1 19 ? -5.874  1.195   -1.061  1.00 89.89  ?  19  ILE C CD1 1 
ATOM   558 N N   . VAL C 1 20 ? -3.200  4.642   2.142   1.00 68.18  ?  20  VAL C N   1 
ATOM   559 C CA  . VAL C 1 20 ? -3.014  5.851   2.941   1.00 69.77  ?  20  VAL C CA  1 
ATOM   560 C C   . VAL C 1 20 ? -2.927  7.074   2.035   1.00 75.70  ?  20  VAL C C   1 
ATOM   561 O O   . VAL C 1 20 ? -3.630  8.070   2.238   1.00 85.99  ?  20  VAL C O   1 
ATOM   562 C CB  . VAL C 1 20 ? -1.769  5.721   3.837   1.00 69.92  ?  20  VAL C CB  1 
ATOM   563 C CG1 . VAL C 1 20 ? -1.304  7.094   4.305   1.00 59.57  ?  20  VAL C CG1 1 
ATOM   564 C CG2 . VAL C 1 20 ? -2.068  4.829   5.031   1.00 77.82  ?  20  VAL C CG2 1 
ATOM   565 N N   . ALA C 1 21 ? -2.068  7.009   1.014   1.00 70.70  ?  21  ALA C N   1 
ATOM   566 C CA  . ALA C 1 21 ? -1.885  8.151   0.124   1.00 75.79  ?  21  ALA C CA  1 
ATOM   567 C C   . ALA C 1 21 ? -3.148  8.446   -0.675  1.00 74.11  ?  21  ALA C C   1 
ATOM   568 O O   . ALA C 1 21 ? -3.492  9.614   -0.892  1.00 62.21  ?  21  ALA C O   1 
ATOM   569 C CB  . ALA C 1 21 ? -0.708  7.902   -0.818  1.00 76.76  ?  21  ALA C CB  1 
ATOM   570 N N   . PHE C 1 22 ? -3.848  7.401   -1.124  1.00 83.11  ?  22  PHE C N   1 
ATOM   571 C CA  . PHE C 1 22 ? -5.053  7.611   -1.920  1.00 85.18  ?  22  PHE C CA  1 
ATOM   572 C C   . PHE C 1 22 ? -6.133  8.312   -1.106  1.00 86.19  ?  22  PHE C C   1 
ATOM   573 O O   . PHE C 1 22 ? -6.860  9.164   -1.628  1.00 89.08  ?  22  PHE C O   1 
ATOM   574 C CB  . PHE C 1 22 ? -5.565  6.277   -2.462  1.00 85.43  ?  22  PHE C CB  1 
ATOM   575 C CG  . PHE C 1 22 ? -6.445  6.413   -3.673  1.00 87.80  ?  22  PHE C CG  1 
ATOM   576 C CD1 . PHE C 1 22 ? -5.915  6.286   -4.947  1.00 86.32  ?  22  PHE C CD1 1 
ATOM   577 C CD2 . PHE C 1 22 ? -7.799  6.671   -3.539  1.00 90.65  ?  22  PHE C CD2 1 
ATOM   578 C CE1 . PHE C 1 22 ? -6.721  6.412   -6.063  1.00 93.32  ?  22  PHE C CE1 1 
ATOM   579 C CE2 . PHE C 1 22 ? -8.609  6.798   -4.651  1.00 98.01  ?  22  PHE C CE2 1 
ATOM   580 C CZ  . PHE C 1 22 ? -8.069  6.668   -5.915  1.00 100.66 ?  22  PHE C CZ  1 
ATOM   581 N N   . LEU C 1 23 ? -6.251  7.968   0.178   1.00 84.94  ?  23  LEU C N   1 
ATOM   582 C CA  . LEU C 1 23 ? -7.157  8.682   1.068   1.00 88.01  ?  23  LEU C CA  1 
ATOM   583 C C   . LEU C 1 23 ? -6.553  9.978   1.592   1.00 85.92  ?  23  LEU C C   1 
ATOM   584 O O   . LEU C 1 23 ? -7.301  10.878  1.989   1.00 89.48  ?  23  LEU C O   1 
ATOM   585 C CB  . LEU C 1 23 ? -7.563  7.787   2.241   1.00 92.84  ?  23  LEU C CB  1 
ATOM   586 C CG  . LEU C 1 23 ? -8.443  6.581   1.903   1.00 91.90  ?  23  LEU C CG  1 
ATOM   587 C CD1 . LEU C 1 23 ? -8.752  5.771   3.153   1.00 89.56  ?  23  LEU C CD1 1 
ATOM   588 C CD2 . LEU C 1 23 ? -9.727  7.029   1.222   1.00 93.01  ?  23  LEU C CD2 1 
ATOM   589 N N   . LEU C 1 24 ? -5.223  10.090  1.605   1.00 87.05  ?  24  LEU C N   1 
ATOM   590 C CA  . LEU C 1 24 ? -4.586  11.343  1.997   1.00 93.66  ?  24  LEU C CA  1 
ATOM   591 C C   . LEU C 1 24 ? -4.811  12.418  0.941   1.00 99.57  ?  24  LEU C C   1 
ATOM   592 O O   . LEU C 1 24 ? -5.189  13.551  1.263   1.00 106.08 ?  24  LEU C O   1 
ATOM   593 C CB  . LEU C 1 24 ? -3.092  11.116  2.237   1.00 93.75  ?  24  LEU C CB  1 
ATOM   594 C CG  . LEU C 1 24 ? -2.183  12.313  2.516   1.00 91.39  ?  24  LEU C CG  1 
ATOM   595 C CD1 . LEU C 1 24 ? -1.199  11.978  3.626   1.00 90.02  ?  24  LEU C CD1 1 
ATOM   596 C CD2 . LEU C 1 24 ? -1.435  12.717  1.255   1.00 88.72  ?  24  LEU C CD2 1 
ATOM   597 N N   . ALA C 1 25 ? -4.584  12.078  -0.329  1.00 95.31  ?  25  ALA C N   1 
ATOM   598 C CA  . ALA C 1 25 ? -4.828  13.033  -1.403  1.00 96.13  ?  25  ALA C CA  1 
ATOM   599 C C   . ALA C 1 25 ? -6.318  13.263  -1.619  1.00 100.42 ?  25  ALA C C   1 
ATOM   600 O O   . ALA C 1 25 ? -6.716  14.329  -2.100  1.00 95.93  ?  25  ALA C O   1 
ATOM   601 C CB  . ALA C 1 25 ? -4.169  12.548  -2.695  1.00 90.48  ?  25  ALA C CB  1 
ATOM   602 N N   . LEU C 1 26 ? -7.150  12.279  -1.270  1.00 107.48 ?  26  LEU C N   1 
ATOM   603 C CA  . LEU C 1 26 ? -8.595  12.452  -1.378  1.00 116.07 ?  26  LEU C CA  1 
ATOM   604 C C   . LEU C 1 26 ? -9.097  13.523  -0.421  1.00 123.50 ?  26  LEU C C   1 
ATOM   605 O O   . LEU C 1 26 ? -10.129 14.153  -0.679  1.00 128.19 ?  26  LEU C O   1 
ATOM   606 C CB  . LEU C 1 26 ? -9.297  11.118  -1.114  1.00 118.28 ?  26  LEU C CB  1 
ATOM   607 C CG  . LEU C 1 26 ? -10.794 10.988  -1.405  1.00 126.43 ?  26  LEU C CG  1 
ATOM   608 C CD1 . LEU C 1 26 ? -11.095 9.592   -1.920  1.00 124.65 ?  26  LEU C CD1 1 
ATOM   609 C CD2 . LEU C 1 26 ? -11.627 11.281  -0.164  1.00 131.40 ?  26  LEU C CD2 1 
ATOM   610 N N   . ARG C 1 27 ? -8.387  13.741  0.686   1.00 123.07 ?  27  ARG C N   1 
ATOM   611 C CA  . ARG C 1 27 ? -8.779  14.787  1.626   1.00 133.25 ?  27  ARG C CA  1 
ATOM   612 C C   . ARG C 1 27 ? -8.552  16.172  1.036   1.00 142.56 ?  27  ARG C C   1 
ATOM   613 O O   . ARG C 1 27 ? -9.365  17.081  1.241   1.00 147.94 ?  27  ARG C O   1 
ATOM   614 C CB  . ARG C 1 27 ? -8.000  14.633  2.931   1.00 132.26 ?  27  ARG C CB  1 
ATOM   615 C CG  . ARG C 1 27 ? -8.274  15.729  3.945   1.00 137.62 ?  27  ARG C CG  1 
ATOM   616 C CD  . ARG C 1 27 ? -7.008  16.140  4.680   1.00 139.22 ?  27  ARG C CD  1 
ATOM   617 N NE  . ARG C 1 27 ? -6.029  16.759  3.789   1.00 140.36 ?  27  ARG C NE  1 
ATOM   618 C CZ  . ARG C 1 27 ? -4.909  17.344  4.200   1.00 140.55 ?  27  ARG C CZ  1 
ATOM   619 N NH1 . ARG C 1 27 ? -4.076  17.882  3.321   1.00 138.27 ?  27  ARG C NH1 1 
ATOM   620 N NH2 . ARG C 1 27 ? -4.623  17.394  5.494   1.00 142.84 ?  27  ARG C NH2 1 
ATOM   621 N N   . ARG C 1 28 ? -7.456  16.345  0.294   1.00 142.07 ?  28  ARG C N   1 
ATOM   622 C CA  . ARG C 1 28 ? -7.094  17.654  -0.239  1.00 149.25 ?  28  ARG C CA  1 
ATOM   623 C C   . ARG C 1 28 ? -8.133  18.202  -1.208  1.00 146.89 ?  28  ARG C C   1 
ATOM   624 O O   . ARG C 1 28 ? -8.177  19.419  -1.425  1.00 156.54 ?  28  ARG C O   1 
ATOM   625 C CB  . ARG C 1 28 ? -5.730  17.572  -0.928  1.00 155.19 ?  28  ARG C CB  1 
ATOM   626 C CG  . ARG C 1 28 ? -4.551  17.461  0.026   1.00 158.91 ?  28  ARG C CG  1 
ATOM   627 C CD  . ARG C 1 28 ? -3.433  16.621  -0.572  1.00 160.17 ?  28  ARG C CD  1 
ATOM   628 N NE  . ARG C 1 28 ? -2.115  17.023  -0.087  1.00 164.48 ?  28  ARG C NE  1 
ATOM   629 C CZ  . ARG C 1 28 ? -1.592  16.641  1.073   1.00 165.09 ?  28  ARG C CZ  1 
ATOM   630 N NH1 . ARG C 1 28 ? -0.384  17.060  1.425   1.00 167.73 ?  28  ARG C NH1 1 
ATOM   631 N NH2 . ARG C 1 28 ? -2.276  15.846  1.884   1.00 162.68 ?  28  ARG C NH2 1 
ATOM   632 N N   . LEU C 1 29 ? -8.964  17.348  -1.794  1.00 129.12 ?  29  LEU C N   1 
ATOM   633 C CA  . LEU C 1 29 ? -9.975  17.806  -2.738  1.00 115.91 ?  29  LEU C CA  1 
ATOM   634 C C   . LEU C 1 29 ? -11.282 18.134  -2.022  1.00 113.57 ?  29  LEU C C   1 
ATOM   635 O O   . LEU C 1 29 ? -11.405 19.179  -1.384  1.00 117.75 ?  29  LEU C O   1 
ATOM   636 C CB  . LEU C 1 29 ? -10.216 16.754  -3.821  1.00 105.11 ?  29  LEU C CB  1 
ATOM   637 C CG  . LEU C 1 29 ? -8.973  16.267  -4.570  1.00 98.88  ?  29  LEU C CG  1 
ATOM   638 C CD1 . LEU C 1 29 ? -9.364  15.352  -5.723  1.00 96.41  ?  29  LEU C CD1 1 
ATOM   639 C CD2 . LEU C 1 29 ? -8.136  17.440  -5.065  1.00 104.12 ?  29  LEU C CD2 1 
ATOM   640 N N   . GLU D 1 3  ? -19.496 5.916   -0.348  1.00 136.72 ?  3   GLU D N   1 
ATOM   641 C CA  . GLU D 1 3  ? -19.324 5.070   -1.522  1.00 132.92 ?  3   GLU D CA  1 
ATOM   642 C C   . GLU D 1 3  ? -17.874 4.615   -1.650  1.00 137.95 ?  3   GLU D C   1 
ATOM   643 O O   . GLU D 1 3  ? -17.534 3.491   -1.284  1.00 119.35 ?  3   GLU D O   1 
ATOM   644 C CB  . GLU D 1 3  ? -19.769 5.810   -2.785  1.00 142.24 ?  3   GLU D CB  1 
ATOM   645 C CG  . GLU D 1 3  ? -21.246 6.180   -2.787  1.00 148.83 ?  3   GLU D CG  1 
ATOM   646 C CD  . GLU D 1 3  ? -21.652 6.978   -4.011  1.00 157.67 ?  3   GLU D CD  1 
ATOM   647 O OE1 . GLU D 1 3  ? -20.758 7.400   -4.772  1.00 156.18 ?  3   GLU D OE1 1 
ATOM   648 O OE2 . GLU D 1 3  ? -22.868 7.182   -4.210  1.00 166.97 -1 3   GLU D OE2 1 
ATOM   649 N N   . LEU D 1 4  ? -17.018 5.498   -2.170  1.00 135.52 ?  4   LEU D N   1 
ATOM   650 C CA  . LEU D 1 4  ? -15.599 5.172   -2.275  1.00 127.19 ?  4   LEU D CA  1 
ATOM   651 C C   . LEU D 1 4  ? -14.929 5.145   -0.907  1.00 122.59 ?  4   LEU D C   1 
ATOM   652 O O   . LEU D 1 4  ? -13.958 4.406   -0.708  1.00 116.34 ?  4   LEU D O   1 
ATOM   653 C CB  . LEU D 1 4  ? -14.896 6.172   -3.193  1.00 129.38 ?  4   LEU D CB  1 
ATOM   654 C CG  . LEU D 1 4  ? -13.408 5.932   -3.464  1.00 126.21 ?  4   LEU D CG  1 
ATOM   655 C CD1 . LEU D 1 4  ? -13.197 4.616   -4.195  1.00 119.76 ?  4   LEU D CD1 1 
ATOM   656 C CD2 . LEU D 1 4  ? -12.807 7.090   -4.245  1.00 132.36 ?  4   LEU D CD2 1 
ATOM   657 N N   . LEU D 1 5  ? -15.433 5.932   0.046   1.00 129.33 ?  5   LEU D N   1 
ATOM   658 C CA  . LEU D 1 5  ? -14.821 5.974   1.370   1.00 130.71 ?  5   LEU D CA  1 
ATOM   659 C C   . LEU D 1 5  ? -15.102 4.697   2.152   1.00 134.40 ?  5   LEU D C   1 
ATOM   660 O O   . LEU D 1 5  ? -14.199 4.142   2.788   1.00 120.11 ?  5   LEU D O   1 
ATOM   661 C CB  . LEU D 1 5  ? -15.320 7.199   2.137   1.00 132.24 ?  5   LEU D CB  1 
ATOM   662 C CG  . LEU D 1 5  ? -14.661 7.473   3.490   1.00 130.46 ?  5   LEU D CG  1 
ATOM   663 C CD1 . LEU D 1 5  ? -13.164 7.680   3.328   1.00 125.72 ?  5   LEU D CD1 1 
ATOM   664 C CD2 . LEU D 1 5  ? -15.301 8.678   4.163   1.00 136.78 ?  5   LEU D CD2 1 
ATOM   665 N N   . PHE D 1 6  ? -16.347 4.214   2.117   1.00 153.77 ?  6   PHE D N   1 
ATOM   666 C CA  . PHE D 1 6  ? -16.695 2.989   2.827   1.00 154.29 ?  6   PHE D CA  1 
ATOM   667 C C   . PHE D 1 6  ? -15.991 1.766   2.254   1.00 145.11 ?  6   PHE D C   1 
ATOM   668 O O   . PHE D 1 6  ? -15.813 0.775   2.970   1.00 145.31 ?  6   PHE D O   1 
ATOM   669 C CB  . PHE D 1 6  ? -18.213 2.785   2.801   1.00 167.56 ?  6   PHE D CB  1 
ATOM   670 C CG  . PHE D 1 6  ? -18.663 1.475   3.386   1.00 170.40 ?  6   PHE D CG  1 
ATOM   671 C CD1 . PHE D 1 6  ? -19.201 0.488   2.575   1.00 171.98 ?  6   PHE D CD1 1 
ATOM   672 C CD2 . PHE D 1 6  ? -18.540 1.227   4.743   1.00 171.19 ?  6   PHE D CD2 1 
ATOM   673 C CE1 . PHE D 1 6  ? -19.614 -0.719  3.109   1.00 171.70 ?  6   PHE D CE1 1 
ATOM   674 C CE2 . PHE D 1 6  ? -18.951 0.022   5.282   1.00 170.55 ?  6   PHE D CE2 1 
ATOM   675 C CZ  . PHE D 1 6  ? -19.488 -0.952  4.465   1.00 170.62 ?  6   PHE D CZ  1 
ATOM   676 N N   . ILE D 1 7  ? -15.575 1.817   0.991   1.00 129.84 ?  7   ILE D N   1 
ATOM   677 C CA  . ILE D 1 7  ? -14.916 0.674   0.372   1.00 120.82 ?  7   ILE D CA  1 
ATOM   678 C C   . ILE D 1 7  ? -13.402 0.700   0.582   1.00 111.23 ?  7   ILE D C   1 
ATOM   679 O O   . ILE D 1 7  ? -12.788 -0.356  0.769   1.00 91.35  ?  7   ILE D O   1 
ATOM   680 C CB  . ILE D 1 7  ? -15.275 0.619   -1.125  1.00 101.98 ?  7   ILE D CB  1 
ATOM   681 C CG1 . ILE D 1 7  ? -16.780 0.391   -1.289  1.00 115.26 ?  7   ILE D CG1 1 
ATOM   682 C CG2 . ILE D 1 7  ? -14.495 -0.477  -1.836  1.00 96.92  ?  7   ILE D CG2 1 
ATOM   683 C CD1 . ILE D 1 7  ? -17.267 0.506   -2.711  1.00 112.35 ?  7   ILE D CD1 1 
ATOM   684 N N   . LEU D 1 8  ? -12.785 1.883   0.580   1.00 120.86 ?  8   LEU D N   1 
ATOM   685 C CA  . LEU D 1 8  ? -11.338 1.958   0.763   1.00 116.53 ?  8   LEU D CA  1 
ATOM   686 C C   . LEU D 1 8  ? -10.940 1.775   2.223   1.00 116.44 ?  8   LEU D C   1 
ATOM   687 O O   . LEU D 1 8  ? -9.921  1.139   2.514   1.00 113.30 ?  8   LEU D O   1 
ATOM   688 C CB  . LEU D 1 8  ? -10.805 3.285   0.227   1.00 117.98 ?  8   LEU D CB  1 
ATOM   689 C CG  . LEU D 1 8  ? -10.785 3.426   -1.296  1.00 122.30 ?  8   LEU D CG  1 
ATOM   690 C CD1 . LEU D 1 8  ? -10.125 4.731   -1.707  1.00 129.22 ?  8   LEU D CD1 1 
ATOM   691 C CD2 . LEU D 1 8  ? -10.079 2.238   -1.934  1.00 116.44 ?  8   LEU D CD2 1 
ATOM   692 N N   . VAL D 1 9  ? -11.724 2.325   3.154   1.00 114.87 ?  9   VAL D N   1 
ATOM   693 C CA  . VAL D 1 9  ? -11.410 2.162   4.570   1.00 114.65 ?  9   VAL D CA  1 
ATOM   694 C C   . VAL D 1 9  ? -11.594 0.710   4.995   1.00 110.92 ?  9   VAL D C   1 
ATOM   695 O O   . VAL D 1 9  ? -10.833 0.187   5.819   1.00 109.60 ?  9   VAL D O   1 
ATOM   696 C CB  . VAL D 1 9  ? -12.262 3.120   5.423   1.00 121.05 ?  9   VAL D CB  1 
ATOM   697 C CG1 . VAL D 1 9  ? -11.998 2.895   6.902   1.00 118.67 ?  9   VAL D CG1 1 
ATOM   698 C CG2 . VAL D 1 9  ? -11.968 4.562   5.047   1.00 127.21 ?  9   VAL D CG2 1 
ATOM   699 N N   . ALA D 1 10 ? -12.600 0.031   4.434   1.00 107.39 ?  10  ALA D N   1 
ATOM   700 C CA  . ALA D 1 10 ? -12.789 -1.385  4.728   1.00 103.89 ?  10  ALA D CA  1 
ATOM   701 C C   . ALA D 1 10 ? -11.613 -2.218  4.238   1.00 99.84  ?  10  ALA D C   1 
ATOM   702 O O   . ALA D 1 10 ? -11.274 -3.237  4.851   1.00 92.51  ?  10  ALA D O   1 
ATOM   703 C CB  . ALA D 1 10 ? -14.092 -1.884  4.104   1.00 103.43 ?  10  ALA D CB  1 
ATOM   704 N N   . ILE D 1 11 ? -10.979 -1.804  3.138   1.00 102.92 ?  11  ILE D N   1 
ATOM   705 C CA  . ILE D 1 11 ? -9.778  -2.488  2.671   1.00 102.00 ?  11  ILE D CA  1 
ATOM   706 C C   . ILE D 1 11 ? -8.595  -2.155  3.570   1.00 98.81  ?  11  ILE D C   1 
ATOM   707 O O   . ILE D 1 11 ? -7.743  -3.009  3.841   1.00 96.90  ?  11  ILE D O   1 
ATOM   708 C CB  . ILE D 1 11 ? -9.498  -2.129  1.199   1.00 102.51 ?  11  ILE D CB  1 
ATOM   709 C CG1 . ILE D 1 11 ? -10.617 -2.657  0.301   1.00 105.29 ?  11  ILE D CG1 1 
ATOM   710 C CG2 . ILE D 1 11 ? -8.153  -2.683  0.752   1.00 99.81  ?  11  ILE D CG2 1 
ATOM   711 C CD1 . ILE D 1 11 ? -10.438 -2.315  -1.163  1.00 104.79 ?  11  ILE D CD1 1 
ATOM   712 N N   . LEU D 1 12 ? -8.528  -0.912  4.056   1.00 95.77  ?  12  LEU D N   1 
ATOM   713 C CA  . LEU D 1 12 ? -7.439  -0.520  4.946   1.00 90.96  ?  12  LEU D CA  1 
ATOM   714 C C   . LEU D 1 12 ? -7.469  -1.322  6.240   1.00 98.98  ?  12  LEU D C   1 
ATOM   715 O O   . LEU D 1 12 ? -6.422  -1.763  6.732   1.00 101.14 ?  12  LEU D O   1 
ATOM   716 C CB  . LEU D 1 12 ? -7.518  0.978   5.244   1.00 87.28  ?  12  LEU D CB  1 
ATOM   717 C CG  . LEU D 1 12 ? -6.330  1.580   5.995   1.00 85.54  ?  12  LEU D CG  1 
ATOM   718 C CD1 . LEU D 1 12 ? -5.116  1.673   5.083   1.00 81.23  ?  12  LEU D CD1 1 
ATOM   719 C CD2 . LEU D 1 12 ? -6.684  2.943   6.569   1.00 94.11  ?  12  LEU D CD2 1 
ATOM   720 N N   . GLY D 1 13 ? -8.659  -1.520  6.809   1.00 105.96 ?  13  GLY D N   1 
ATOM   721 C CA  . GLY D 1 13 ? -8.765  -2.326  8.014   1.00 110.11 ?  13  GLY D CA  1 
ATOM   722 C C   . GLY D 1 13 ? -8.398  -3.777  7.776   1.00 106.37 ?  13  GLY D C   1 
ATOM   723 O O   . GLY D 1 13 ? -7.733  -4.405  8.607   1.00 110.16 ?  13  GLY D O   1 
ATOM   724 N N   . GLY D 1 14 ? -8.822  -4.331  6.638   1.00 92.29  ?  14  GLY D N   1 
ATOM   725 C CA  . GLY D 1 14 ? -8.444  -5.687  6.286   1.00 86.13  ?  14  GLY D CA  1 
ATOM   726 C C   . GLY D 1 14 ? -6.964  -5.858  6.022   1.00 88.87  ?  14  GLY D C   1 
ATOM   727 O O   . GLY D 1 14 ? -6.449  -6.975  6.140   1.00 84.47  ?  14  GLY D O   1 
ATOM   728 N N   . LEU D 1 15 ? -6.268  -4.777  5.666   1.00 91.42  ?  15  LEU D N   1 
ATOM   729 C CA  . LEU D 1 15 ? -4.827  -4.850  5.461   1.00 93.31  ?  15  LEU D CA  1 
ATOM   730 C C   . LEU D 1 15 ? -4.070  -4.758  6.781   1.00 98.94  ?  15  LEU D C   1 
ATOM   731 O O   . LEU D 1 15 ? -3.104  -5.498  6.995   1.00 101.15 ?  15  LEU D O   1 
ATOM   732 C CB  . LEU D 1 15 ? -4.373  -3.745  4.508   1.00 84.95  ?  15  LEU D CB  1 
ATOM   733 C CG  . LEU D 1 15 ? -4.734  -3.921  3.032   1.00 84.52  ?  15  LEU D CG  1 
ATOM   734 C CD1 . LEU D 1 15 ? -4.368  -2.676  2.240   1.00 88.72  ?  15  LEU D CD1 1 
ATOM   735 C CD2 . LEU D 1 15 ? -4.045  -5.149  2.459   1.00 80.94  ?  15  LEU D CD2 1 
ATOM   736 N N   . PHE D 1 16 ? -4.493  -3.860  7.674   1.00 101.90 ?  16  PHE D N   1 
ATOM   737 C CA  . PHE D 1 16 ? -3.806  -3.721  8.955   1.00 109.96 ?  16  PHE D CA  1 
ATOM   738 C C   . PHE D 1 16 ? -4.024  -4.946  9.834   1.00 115.59 ?  16  PHE D C   1 
ATOM   739 O O   . PHE D 1 16 ? -3.103  -5.385  10.534  1.00 115.49 ?  16  PHE D O   1 
ATOM   740 C CB  . PHE D 1 16 ? -4.276  -2.457  9.673   1.00 115.38 ?  16  PHE D CB  1 
ATOM   741 C CG  . PHE D 1 16 ? -3.602  -2.228  10.996  1.00 117.86 ?  16  PHE D CG  1 
ATOM   742 C CD1 . PHE D 1 16 ? -2.313  -1.725  11.053  1.00 119.13 ?  16  PHE D CD1 1 
ATOM   743 C CD2 . PHE D 1 16 ? -4.257  -2.518  12.183  1.00 117.14 ?  16  PHE D CD2 1 
ATOM   744 C CE1 . PHE D 1 16 ? -1.689  -1.514  12.269  1.00 118.31 ?  16  PHE D CE1 1 
ATOM   745 C CE2 . PHE D 1 16 ? -3.638  -2.309  13.402  1.00 114.72 ?  16  PHE D CE2 1 
ATOM   746 C CZ  . PHE D 1 16 ? -2.352  -1.806  13.443  1.00 115.59 ?  16  PHE D CZ  1 
ATOM   747 N N   . GLY D 1 17 ? -5.235  -5.505  9.819   1.00 118.32 ?  17  GLY D N   1 
ATOM   748 C CA  . GLY D 1 17 ? -5.475  -6.734  10.557  1.00 117.41 ?  17  GLY D CA  1 
ATOM   749 C C   . GLY D 1 17 ? -4.652  -7.891  10.031  1.00 112.65 ?  17  GLY D C   1 
ATOM   750 O O   . GLY D 1 17 ? -4.202  -8.748  10.797  1.00 118.41 ?  17  GLY D O   1 
ATOM   751 N N   . ALA D 1 18 ? -4.439  -7.932  8.714   1.00 103.32 ?  18  ALA D N   1 
ATOM   752 C CA  . ALA D 1 18 ? -3.584  -8.960  8.132   1.00 91.88  ?  18  ALA D CA  1 
ATOM   753 C C   . ALA D 1 18 ? -2.126  -8.759  8.520   1.00 93.38  ?  18  ALA D C   1 
ATOM   754 O O   . ALA D 1 18 ? -1.377  -9.736  8.634   1.00 93.28  ?  18  ALA D O   1 
ATOM   755 C CB  . ALA D 1 18 ? -3.735  -8.971  6.612   1.00 90.07  ?  18  ALA D CB  1 
ATOM   756 N N   . ILE D 1 19 ? -1.707  -7.509  8.721   1.00 87.93  ?  19  ILE D N   1 
ATOM   757 C CA  . ILE D 1 19 ? -0.336  -7.242  9.147   1.00 85.19  ?  19  ILE D CA  1 
ATOM   758 C C   . ILE D 1 19 ? -0.111  -7.755  10.564  1.00 90.01  ?  19  ILE D C   1 
ATOM   759 O O   . ILE D 1 19 ? 0.856   -8.474  10.837  1.00 91.80  ?  19  ILE D O   1 
ATOM   760 C CB  . ILE D 1 19 ? -0.022  -5.739  9.034   1.00 77.39  ?  19  ILE D CB  1 
ATOM   761 C CG1 . ILE D 1 19 ? 0.049   -5.314  7.565   1.00 75.18  ?  19  ILE D CG1 1 
ATOM   762 C CG2 . ILE D 1 19 ? 1.274   -5.406  9.756   1.00 76.08  ?  19  ILE D CG2 1 
ATOM   763 C CD1 . ILE D 1 19 ? 0.374   -3.849  7.366   1.00 69.72  ?  19  ILE D CD1 1 
ATOM   764 N N   . VAL D 1 20 ? -1.009  -7.397  11.485  1.00 93.24  ?  20  VAL D N   1 
ATOM   765 C CA  . VAL D 1 20 ? -0.841  -7.795  12.879  1.00 101.39 ?  20  VAL D CA  1 
ATOM   766 C C   . VAL D 1 20 ? -1.004  -9.302  13.033  1.00 102.47 ?  20  VAL D C   1 
ATOM   767 O O   . VAL D 1 20 ? -0.268  -9.944  13.791  1.00 101.92 ?  20  VAL D O   1 
ATOM   768 C CB  . VAL D 1 20 ? -1.827  -7.022  13.773  1.00 103.92 ?  20  VAL D CB  1 
ATOM   769 C CG1 . VAL D 1 20 ? -1.629  -7.404  15.230  1.00 106.14 ?  20  VAL D CG1 1 
ATOM   770 C CG2 . VAL D 1 20 ? -1.651  -5.524  13.579  1.00 102.50 ?  20  VAL D CG2 1 
ATOM   771 N N   . ALA D 1 21 ? -1.967  -9.892  12.320  1.00 101.62 ?  21  ALA D N   1 
ATOM   772 C CA  . ALA D 1 21 ? -2.152  -11.338 12.387  1.00 100.08 ?  21  ALA D CA  1 
ATOM   773 C C   . ALA D 1 21 ? -0.925  -12.073 11.865  1.00 99.81  ?  21  ALA D C   1 
ATOM   774 O O   . ALA D 1 21 ? -0.547  -13.123 12.397  1.00 104.32 ?  21  ALA D O   1 
ATOM   775 C CB  . ALA D 1 21 ? -3.398  -11.751 11.605  1.00 98.19  ?  21  ALA D CB  1 
ATOM   776 N N   . PHE D 1 22 ? -0.289  -11.535 10.823  1.00 94.16  ?  22  PHE D N   1 
ATOM   777 C CA  . PHE D 1 22 ? 0.935   -12.138 10.309  1.00 91.32  ?  22  PHE D CA  1 
ATOM   778 C C   . PHE D 1 22 ? 2.073   -12.000 11.312  1.00 94.63  ?  22  PHE D C   1 
ATOM   779 O O   . PHE D 1 22 ? 2.640   -13.001 11.764  1.00 102.04 ?  22  PHE D O   1 
ATOM   780 C CB  . PHE D 1 22 ? 1.312   -11.501 8.968   1.00 93.74  ?  22  PHE D CB  1 
ATOM   781 C CG  . PHE D 1 22 ? 0.774   -12.238 7.771   1.00 98.93  ?  22  PHE D CG  1 
ATOM   782 C CD1 . PHE D 1 22 ? 1.592   -12.514 6.688   1.00 97.66  ?  22  PHE D CD1 1 
ATOM   783 C CD2 . PHE D 1 22 ? -0.545  -12.660 7.733   1.00 100.93 ?  22  PHE D CD2 1 
ATOM   784 C CE1 . PHE D 1 22 ? 1.104   -13.189 5.585   1.00 95.19  ?  22  PHE D CE1 1 
ATOM   785 C CE2 . PHE D 1 22 ? -1.039  -13.338 6.633   1.00 96.08  ?  22  PHE D CE2 1 
ATOM   786 C CZ  . PHE D 1 22 ? -0.213  -13.604 5.558   1.00 92.41  ?  22  PHE D CZ  1 
ATOM   787 N N   . LEU D 1 23 ? 2.406   -10.761 11.687  1.00 86.58  ?  23  LEU D N   1 
ATOM   788 C CA  . LEU D 1 23 ? 3.547   -10.515 12.569  1.00 87.45  ?  23  LEU D CA  1 
ATOM   789 C C   . LEU D 1 23 ? 3.439   -11.304 13.869  1.00 87.44  ?  23  LEU D C   1 
ATOM   790 O O   . LEU D 1 23 ? 4.451   -11.774 14.404  1.00 83.74  ?  23  LEU D O   1 
ATOM   791 C CB  . LEU D 1 23 ? 3.666   -9.020  12.869  1.00 87.45  ?  23  LEU D CB  1 
ATOM   792 C CG  . LEU D 1 23 ? 3.939   -8.085  11.689  1.00 90.39  ?  23  LEU D CG  1 
ATOM   793 C CD1 . LEU D 1 23 ? 3.875   -6.636  12.143  1.00 90.95  ?  23  LEU D CD1 1 
ATOM   794 C CD2 . LEU D 1 23 ? 5.286   -8.394  11.054  1.00 96.04  ?  23  LEU D CD2 1 
ATOM   795 N N   . LEU D 1 24 ? 2.222   -11.463 14.391  1.00 89.36  ?  24  LEU D N   1 
ATOM   796 C CA  . LEU D 1 24 ? 2.044   -12.224 15.623  1.00 92.21  ?  24  LEU D CA  1 
ATOM   797 C C   . LEU D 1 24 ? 2.217   -13.717 15.375  1.00 106.32 ?  24  LEU D C   1 
ATOM   798 O O   . LEU D 1 24 ? 2.927   -14.403 16.119  1.00 113.60 ?  24  LEU D O   1 
ATOM   799 C CB  . LEU D 1 24 ? 0.671   -11.928 16.229  1.00 86.70  ?  24  LEU D CB  1 
ATOM   800 C CG  . LEU D 1 24 ? 0.607   -10.835 17.302  1.00 87.93  ?  24  LEU D CG  1 
ATOM   801 C CD1 . LEU D 1 24 ? 1.302   -9.560  16.848  1.00 87.91  ?  24  LEU D CD1 1 
ATOM   802 C CD2 . LEU D 1 24 ? -0.838  -10.550 17.683  1.00 86.42  ?  24  LEU D CD2 1 
ATOM   803 N N   . ALA D 1 25 ? 1.579   -14.240 14.326  1.00 114.85 ?  25  ALA D N   1 
ATOM   804 C CA  . ALA D 1 25 ? 1.717   -15.655 14.004  1.00 127.15 ?  25  ALA D CA  1 
ATOM   805 C C   . ALA D 1 25 ? 3.070   -15.979 13.385  1.00 133.41 ?  25  ALA D C   1 
ATOM   806 O O   . ALA D 1 25 ? 3.492   -17.140 13.422  1.00 138.49 ?  25  ALA D O   1 
ATOM   807 C CB  . ALA D 1 25 ? 0.593   -16.096 13.064  1.00 128.32 ?  25  ALA D CB  1 
ATOM   808 N N   . LEU D 1 26 ? 3.755   -14.988 12.823  1.00 136.16 ?  26  LEU D N   1 
ATOM   809 C CA  . LEU D 1 26 ? 5.079   -15.198 12.247  1.00 141.92 ?  26  LEU D CA  1 
ATOM   810 C C   . LEU D 1 26 ? 6.142   -15.255 13.339  1.00 146.95 ?  26  LEU D C   1 
ATOM   811 O O   . LEU D 1 26 ? 6.941   -16.189 13.392  1.00 152.48 ?  26  LEU D O   1 
ATOM   812 C CB  . LEU D 1 26 ? 5.413   -14.091 11.244  1.00 142.78 ?  26  LEU D CB  1 
ATOM   813 C CG  . LEU D 1 26 ? 6.829   -14.045 10.676  1.00 146.99 ?  26  LEU D CG  1 
ATOM   814 C CD1 . LEU D 1 26 ? 7.162   -15.352 9.985   1.00 152.37 ?  26  LEU D CD1 1 
ATOM   815 C CD2 . LEU D 1 26 ? 6.980   -12.872 9.720   1.00 144.22 ?  26  LEU D CD2 1 
HETATM 816 C C1  . OLB E 2 .  ? -3.862  7.877   -9.044  1.00 97.30  ?  101 OLB A C1  1 
HETATM 817 C C2  . OLB E 2 .  ? -3.343  6.486   -9.255  1.00 86.94  ?  101 OLB A C2  1 
HETATM 818 C C3  . OLB E 2 .  ? -2.213  6.471   -10.268 1.00 82.86  ?  101 OLB A C3  1 
HETATM 819 C C4  . OLB E 2 .  ? -2.672  6.435   -11.709 1.00 80.59  ?  101 OLB A C4  1 
HETATM 820 C C5  . OLB E 2 .  ? -2.990  5.045   -12.214 1.00 75.61  ?  101 OLB A C5  1 
HETATM 821 O O19 . OLB E 2 .  ? -3.543  8.832   -9.695  1.00 103.05 ?  101 OLB A O19 1 
HETATM 822 O O20 . OLB E 2 .  ? -4.694  7.940   -8.001  1.00 101.92 ?  101 OLB A O20 1 
HETATM 823 C C21 . OLB E 2 .  ? -5.124  9.253   -7.530  1.00 104.54 ?  101 OLB A C21 1 
HETATM 824 C C22 . OLB E 2 .  ? -6.171  9.843   -8.444  1.00 103.88 ?  101 OLB A C22 1 
HETATM 825 O O23 . OLB E 2 .  ? -7.338  9.024   -8.428  1.00 103.87 ?  101 OLB A O23 1 
HETATM 826 C C24 . OLB E 2 .  ? -6.550  11.248  -8.011  1.00 102.62 ?  101 OLB A C24 1 
HETATM 827 O O25 . OLB E 2 .  ? -7.055  11.263  -6.677  1.00 100.44 ?  101 OLB A O25 1 
HETATM 828 C C6  . OLB E 2 .  ? -3.370  4.974   -13.675 1.00 74.05  ?  101 OLB A C6  1 
HETATM 829 C C7  . OLB E 2 .  ? -3.446  3.562   -14.211 1.00 73.60  ?  101 OLB A C7  1 
HETATM 830 C C8  . OLB E 2 .  ? -3.942  3.501   -15.646 1.00 71.86  ?  101 OLB A C8  1 
HETATM 831 C C9  . OLB E 2 .  ? -3.780  2.135   -16.235 1.00 77.65  ?  101 OLB A C9  1 
HETATM 832 C C10 . OLB E 2 .  ? -4.284  1.011   -15.741 1.00 80.58  ?  101 OLB A C10 1 
HETATM 833 C C11 . OLB E 2 .  ? -4.063  -0.360  -16.305 1.00 85.92  ?  101 OLB A C11 1 
HETATM 834 C C12 . OLB E 2 .  ? -3.039  -0.402  -17.432 1.00 89.14  ?  101 OLB A C12 1 
HETATM 835 C C13 . OLB E 2 .  ? -1.610  -0.274  -16.947 1.00 89.68  ?  101 OLB A C13 1 
HETATM 836 C C14 . OLB E 2 .  ? -1.072  -1.471  -16.196 1.00 86.55  ?  101 OLB A C14 1 
HETATM 837 C C15 . OLB E 2 .  ? 0.343   -1.286  -15.695 1.00 85.09  ?  101 OLB A C15 1 
HETATM 838 C C16 . OLB E 2 .  ? 0.995   -2.546  -15.175 1.00 81.22  ?  101 OLB A C16 1 
HETATM 839 C C17 . OLB E 2 .  ? 0.265   -3.232  -14.066 1.00 82.98  ?  101 OLB A C17 1 
HETATM 840 C C18 . OLB E 2 .  ? 0.912   -4.495  -13.601 1.00 88.64  ?  101 OLB A C18 1 
# 
loop_
_atom_site_anisotrop.id 
_atom_site_anisotrop.type_symbol 
_atom_site_anisotrop.pdbx_label_atom_id 
_atom_site_anisotrop.pdbx_label_alt_id 
_atom_site_anisotrop.pdbx_label_comp_id 
_atom_site_anisotrop.pdbx_label_asym_id 
_atom_site_anisotrop.pdbx_label_seq_id 
_atom_site_anisotrop.pdbx_PDB_ins_code 
_atom_site_anisotrop.U[1][1] 
_atom_site_anisotrop.U[2][2] 
_atom_site_anisotrop.U[3][3] 
_atom_site_anisotrop.U[1][2] 
_atom_site_anisotrop.U[1][3] 
_atom_site_anisotrop.U[2][3] 
_atom_site_anisotrop.pdbx_auth_seq_id 
_atom_site_anisotrop.pdbx_auth_comp_id 
_atom_site_anisotrop.pdbx_auth_asym_id 
_atom_site_anisotrop.pdbx_auth_atom_id 
1   N N   . PRO A 2  ? 1.2121 0.7218 1.4891 -0.0053 -0.3596 0.0209  2  PRO A N   
2   C CA  . PRO A 2  ? 1.1691 0.6921 1.4288 -0.0337 -0.3620 0.0611  2  PRO A CA  
3   C C   . PRO A 2  ? 1.1059 0.6774 1.2526 -0.0471 -0.3170 0.0618  2  PRO A C   
4   O O   . PRO A 2  ? 1.1761 0.7543 1.2982 -0.0588 -0.3063 0.0640  2  PRO A O   
5   C CB  . PRO A 2  ? 1.2576 0.7932 1.5848 -0.0635 -0.4022 0.1439  2  PRO A CB  
6   C CG  . PRO A 2  ? 1.3141 0.8677 1.6465 -0.0573 -0.4063 0.1562  2  PRO A CG  
7   C CD  . PRO A 2  ? 1.3110 0.8322 1.6495 -0.0153 -0.3907 0.0754  2  PRO A CD  
8   N N   . GLU A 3  ? 1.0585 0.6638 1.1440 -0.0455 -0.2914 0.0584  3  GLU A N   
9   C CA  . GLU A 3  ? 0.9804 0.6291 0.9673 -0.0566 -0.2470 0.0523  3  GLU A CA  
10  C C   . GLU A 3  ? 1.0463 0.6740 0.9886 -0.0318 -0.2189 -0.0121 3  GLU A C   
11  O O   . GLU A 3  ? 0.9829 0.6304 0.8791 -0.0410 -0.1944 -0.0143 3  GLU A O   
12  C CB  . GLU A 3  ? 0.9615 0.6496 0.8983 -0.0622 -0.2280 0.0611  3  GLU A CB  
13  C CG  . GLU A 3  ? 1.1074 0.8288 1.0757 -0.0940 -0.2558 0.1319  3  GLU A CG  
14  C CD  . GLU A 3  ? 1.1782 0.8651 1.2410 -0.0797 -0.3004 0.1450  3  GLU A CD  
15  O OE1 . GLU A 3  ? 1.2503 0.9402 1.3790 -0.1033 -0.3407 0.2075  3  GLU A OE1 
16  O OE2 . GLU A 3  ? 1.1942 0.8520 1.2702 -0.0456 -0.2956 0.0926  3  GLU A OE2 
17  N N   . LEU A 4  ? 1.1619 0.7529 1.1212 -0.0021 -0.2226 -0.0643 4  LEU A N   
18  C CA  . LEU A 4  ? 1.1620 0.7369 1.0764 0.0167  -0.1998 -0.1217 4  LEU A CA  
19  C C   . LEU A 4  ? 1.0925 0.6475 1.0338 0.0111  -0.2141 -0.1229 4  LEU A C   
20  O O   . LEU A 4  ? 1.1144 0.6763 1.0076 0.0123  -0.1934 -0.1419 4  LEU A O   
21  C CB  . LEU A 4  ? 1.2415 0.7937 1.1710 0.0435  -0.1997 -0.1758 4  LEU A CB  
22  C CG  . LEU A 4  ? 1.2602 0.8265 1.1735 0.0515  -0.1903 -0.1805 4  LEU A CG  
23  C CD1 . LEU A 4  ? 1.2689 0.8675 1.2103 0.0684  -0.1670 -0.2129 4  LEU A CD1 
24  C CD2 . LEU A 4  ? 1.2261 0.8312 1.0480 0.0432  -0.1521 -0.1743 4  LEU A CD2 
25  N N   . LEU A 5  ? 1.0728 0.6028 1.0965 0.0043  -0.2516 -0.1006 5  LEU A N   
26  C CA  . LEU A 5  ? 0.9980 0.5096 1.0520 -0.0036 -0.2674 -0.1005 5  LEU A CA  
27  C C   . LEU A 5  ? 0.9406 0.4897 0.9694 -0.0299 -0.2563 -0.0525 5  LEU A C   
28  O O   . LEU A 5  ? 1.0488 0.5970 1.0700 -0.0338 -0.2530 -0.0613 5  LEU A O   
29  C CB  . LEU A 5  ? 1.0424 0.5266 1.1971 -0.0042 -0.3065 -0.0891 5  LEU A CB  
30  C CG  . LEU A 5  ? 1.0252 0.5085 1.2171 -0.0109 -0.3186 -0.0897 5  LEU A CG  
31  C CD1 . LEU A 5  ? 1.0311 0.5336 1.1730 0.0043  -0.2890 -0.1414 5  LEU A CD1 
32  C CD2 . LEU A 5  ? 0.9082 0.3846 1.1969 -0.0088 -0.3486 -0.0798 5  LEU A CD2 
33  N N   . PHE A 6  ? 0.8743 0.4614 0.8907 -0.0502 -0.2500 -0.0035 6  PHE A N   
34  C CA  . PHE A 6  ? 0.8558 0.4882 0.8471 -0.0788 -0.2340 0.0369  6  PHE A CA  
35  C C   . PHE A 6  ? 0.8171 0.4719 0.7380 -0.0700 -0.1922 0.0034  6  PHE A C   
36  O O   . PHE A 6  ? 0.8517 0.5186 0.7737 -0.0784 -0.1850 0.0065  6  PHE A O   
37  C CB  . PHE A 6  ? 0.8414 0.5176 0.8242 -0.1059 -0.2329 0.0903  6  PHE A CB  
38  C CG  . PHE A 6  ? 0.8933 0.6269 0.8470 -0.1400 -0.2112 0.1269  6  PHE A CG  
39  C CD1 . PHE A 6  ? 0.7668 0.5441 0.6487 -0.1432 -0.1655 0.1091  6  PHE A CD1 
40  C CD2 . PHE A 6  ? 0.8172 0.5636 0.8201 -0.1705 -0.2353 0.1771  6  PHE A CD2 
41  C CE1 . PHE A 6  ? 0.7674 0.6026 0.6291 -0.1752 -0.1416 0.1348  6  PHE A CE1 
42  C CE2 . PHE A 6  ? 0.8176 0.6245 0.7946 -0.2047 -0.2120 0.2071  6  PHE A CE2 
43  C CZ  . PHE A 6  ? 0.7927 0.6456 0.7001 -0.2065 -0.1637 0.1831  6  PHE A CZ  
44  N N   . ILE A 7  ? 0.8443 0.5052 0.7099 -0.0534 -0.1659 -0.0274 7  ILE A N   
45  C CA  . ILE A 7  ? 0.8977 0.5761 0.7040 -0.0447 -0.1284 -0.0567 7  ILE A CA  
46  C C   . ILE A 7  ? 0.9560 0.5992 0.7656 -0.0243 -0.1356 -0.0969 7  ILE A C   
47  O O   . ILE A 7  ? 0.9281 0.5834 0.7125 -0.0219 -0.1161 -0.1089 7  ILE A O   
48  C CB  . ILE A 7  ? 0.8759 0.5697 0.6255 -0.0358 -0.1005 -0.0754 7  ILE A CB  
49  C CG1 . ILE A 7  ? 0.9731 0.6887 0.6705 -0.0315 -0.0612 -0.0980 7  ILE A CG1 
50  C CG2 . ILE A 7  ? 0.8304 0.4857 0.5825 -0.0105 -0.1135 -0.1116 7  ILE A CG2 
51  C CD1 . ILE A 7  ? 1.0133 0.7752 0.7117 -0.0563 -0.0407 -0.0708 7  ILE A CD1 
52  N N   . LEU A 8  ? 0.9851 0.5868 0.8294 -0.0113 -0.1644 -0.1185 8  LEU A N   
53  C CA  . LEU A 8  ? 1.0190 0.5928 0.8619 0.0022  -0.1730 -0.1585 8  LEU A CA  
54  C C   . LEU A 8  ? 1.0730 0.6500 0.9492 -0.0117 -0.1869 -0.1394 8  LEU A C   
55  O O   . LEU A 8  ? 0.9848 0.5716 0.8359 -0.0095 -0.1750 -0.1507 8  LEU A O   
56  C CB  . LEU A 8  ? 1.0283 0.5980 0.9161 0.0147  -0.1835 -0.1775 8  LEU A CB  
57  C CG  . LEU A 8  ? 1.0296 0.6166 0.9314 0.0184  -0.1777 -0.1979 8  LEU A CG  
58  C CD1 . LEU A 8  ? 0.9877 0.6143 0.8391 0.0207  -0.1405 -0.2094 8  LEU A CD1 
59  C CD2 . LEU A 8  ? 1.0326 0.6158 0.9792 0.0251  -0.1860 -0.2150 8  LEU A CD2 
60  N N   . VAL A 9  ? 1.0983 0.6677 1.0366 -0.0271 -0.2141 -0.1072 9  VAL A N   
61  C CA  . VAL A 9  ? 0.9978 0.5719 0.9733 -0.0428 -0.2288 -0.0871 9  VAL A CA  
62  C C   . VAL A 9  ? 0.9706 0.5939 0.9233 -0.0576 -0.2005 -0.0578 9  VAL A C   
63  O O   . VAL A 9  ? 0.9064 0.5411 0.8795 -0.0661 -0.2037 -0.0501 9  VAL A O   
64  C CB  . VAL A 9  ? 0.9172 0.4715 0.9687 -0.0587 -0.2655 -0.0557 9  VAL A CB  
65  C CG1 . VAL A 9  ? 0.8736 0.3779 0.9620 -0.0423 -0.2922 -0.0937 9  VAL A CG1 
66  C CG2 . VAL A 9  ? 0.8533 0.4365 0.9125 -0.0775 -0.2618 -0.0045 9  VAL A CG2 
67  N N   . ALA A 10 ? 0.7319 0.3879 0.6473 -0.0620 -0.1719 -0.0440 10 ALA A N   
68  C CA  . ALA A 10 ? 0.8654 0.5707 0.7584 -0.0741 -0.1381 -0.0300 10 ALA A CA  
69  C C   . ALA A 10 ? 0.8727 0.5759 0.7327 -0.0539 -0.1176 -0.0660 10 ALA A C   
70  O O   . ALA A 10 ? 0.8771 0.6058 0.7506 -0.0592 -0.1049 -0.0609 10 ALA A O   
71  C CB  . ALA A 10 ? 0.7059 0.4487 0.5657 -0.0871 -0.1125 -0.0117 10 ALA A CB  
72  N N   . ILE A 11 ? 0.8644 0.5396 0.6859 -0.0321 -0.1154 -0.1008 11 ILE A N   
73  C CA  . ILE A 11 ? 0.9002 0.5700 0.6917 -0.0157 -0.1029 -0.1298 11 ILE A CA  
74  C C   . ILE A 11 ? 0.8824 0.5315 0.7036 -0.0143 -0.1323 -0.1379 11 ILE A C   
75  O O   . ILE A 11 ? 0.8443 0.5062 0.6694 -0.0125 -0.1273 -0.1387 11 ILE A O   
76  C CB  . ILE A 11 ? 0.8781 0.5282 0.6178 0.0021  -0.0934 -0.1620 11 ILE A CB  
77  C CG1 . ILE A 11 ? 0.8715 0.5476 0.5799 -0.0010 -0.0622 -0.1544 11 ILE A CG1 
78  C CG2 . ILE A 11 ? 0.9047 0.5712 0.6355 0.0128  -0.0814 -0.1767 11 ILE A CG2 
79  C CD1 . ILE A 11 ? 0.8151 0.5144 0.5156 0.0113  -0.0456 -0.1682 11 ILE A CD1 
80  N N   . LEU A 12 ? 0.8347 0.4527 0.6828 -0.0161 -0.1644 -0.1446 12 LEU A N   
81  C CA  . LEU A 12 ? 0.8792 0.4797 0.7561 -0.0193 -0.1937 -0.1547 12 LEU A CA  
82  C C   . LEU A 12 ? 0.8820 0.5079 0.8071 -0.0362 -0.1989 -0.1203 12 LEU A C   
83  O O   . LEU A 12 ? 0.8276 0.4565 0.7669 -0.0380 -0.2114 -0.1241 12 LEU A O   
84  C CB  . LEU A 12 ? 0.9641 0.5352 0.8711 -0.0185 -0.2205 -0.1704 12 LEU A CB  
85  C CG  . LEU A 12 ? 1.1028 0.6948 0.9848 -0.0024 -0.1957 -0.1921 12 LEU A CG  
86  C CD1 . LEU A 12 ? 1.1283 0.7097 1.0551 -0.0019 -0.2122 -0.2027 12 LEU A CD1 
87  C CD2 . LEU A 12 ? 1.1223 0.7441 0.9666 0.0023  -0.1743 -0.2063 12 LEU A CD2 
88  N N   . GLY A 13 ? 0.8609 0.5099 0.8113 -0.0514 -0.1901 -0.0854 13 GLY A N   
89  C CA  . GLY A 13 ? 0.8231 0.5056 0.8175 -0.0704 -0.1892 -0.0536 13 GLY A CA  
90  C C   . GLY A 13 ? 0.7683 0.4867 0.7514 -0.0649 -0.1598 -0.0567 13 GLY A C   
91  O O   . GLY A 13 ? 0.8314 0.5653 0.8519 -0.0703 -0.1678 -0.0489 13 GLY A O   
92  N N   . GLY A 14 ? 0.7208 0.4529 0.6598 -0.0542 -0.1265 -0.0686 14 GLY A N   
93  C CA  . GLY A 14 ? 0.7829 0.5428 0.7199 -0.0458 -0.0993 -0.0761 14 GLY A CA  
94  C C   . GLY A 14 ? 0.8647 0.5997 0.7935 -0.0293 -0.1176 -0.0964 14 GLY A C   
95  O O   . GLY A 14 ? 0.7803 0.5351 0.7395 -0.0267 -0.1142 -0.0919 14 GLY A O   
96  N N   . LEU A 15 ? 0.8057 0.5012 0.6962 -0.0197 -0.1374 -0.1185 15 LEU A N   
97  C CA  . LEU A 15 ? 0.8567 0.5336 0.7323 -0.0114 -0.1588 -0.1363 15 LEU A CA  
98  C C   . LEU A 15 ? 0.8764 0.5541 0.8003 -0.0234 -0.1920 -0.1254 15 LEU A C   
99  O O   . LEU A 15 ? 0.9614 0.6480 0.8968 -0.0222 -0.2041 -0.1230 15 LEU A O   
100 C CB  . LEU A 15 ? 0.9333 0.5755 0.7575 -0.0038 -0.1698 -0.1671 15 LEU A CB  
101 C CG  . LEU A 15 ? 0.9925 0.6217 0.7860 -0.0009 -0.1899 -0.1892 15 LEU A CG  
102 C CD1 . LEU A 15 ? 0.9361 0.5770 0.6960 0.0092  -0.1697 -0.1886 15 LEU A CD1 
103 C CD2 . LEU A 15 ? 1.0624 0.7069 0.8491 -0.0007 -0.1801 -0.2003 15 LEU A CD2 
104 N N   . PHE A 16 ? 0.8997 0.5688 0.8567 -0.0367 -0.2095 -0.1158 16 PHE A N   
105 C CA  . PHE A 16 ? 0.8988 0.5680 0.9054 -0.0508 -0.2416 -0.1057 16 PHE A CA  
106 C C   . PHE A 16 ? 0.8767 0.5891 0.9359 -0.0593 -0.2298 -0.0750 16 PHE A C   
107 O O   . PHE A 16 ? 0.7560 0.4793 0.8502 -0.0650 -0.2507 -0.0683 16 PHE A O   
108 C CB  . PHE A 16 ? 0.9327 0.5758 0.9656 -0.0628 -0.2644 -0.1044 16 PHE A CB  
109 C CG  . PHE A 16 ? 0.9485 0.5945 1.0415 -0.0812 -0.2945 -0.0886 16 PHE A CG  
110 C CD1 . PHE A 16 ? 1.1228 0.7503 1.2191 -0.0852 -0.3270 -0.1111 16 PHE A CD1 
111 C CD2 . PHE A 16 ? 0.8634 0.5342 1.0074 -0.0984 -0.2905 -0.0517 16 PHE A CD2 
112 C CE1 . PHE A 16 ? 1.1628 0.7934 1.3157 -0.1038 -0.3557 -0.0976 16 PHE A CE1 
113 C CE2 . PHE A 16 ? 0.9317 0.6059 1.1333 -0.1171 -0.3185 -0.0360 16 PHE A CE2 
114 C CZ  . PHE A 16 ? 1.0609 0.7131 1.2685 -0.1189 -0.3516 -0.0594 16 PHE A CZ  
115 N N   . GLY A 17 ? 0.8232 0.5653 0.8904 -0.0624 -0.1960 -0.0581 17 GLY A N   
116 C CA  . GLY A 17 ? 0.8390 0.6294 0.9605 -0.0726 -0.1792 -0.0349 17 GLY A CA  
117 C C   . GLY A 17 ? 0.8096 0.6198 0.9441 -0.0578 -0.1674 -0.0413 17 GLY A C   
118 O O   . GLY A 17 ? 0.8480 0.6908 1.0430 -0.0638 -0.1697 -0.0266 17 GLY A O   
119 N N   . ALA A 18 ? 0.6798 0.4720 0.7651 -0.0391 -0.1560 -0.0613 18 ALA A N   
120 C CA  . ALA A 18 ? 0.7431 0.5496 0.8473 -0.0253 -0.1491 -0.0629 18 ALA A CA  
121 C C   . ALA A 18 ? 0.7731 0.5684 0.8954 -0.0269 -0.1923 -0.0576 18 ALA A C   
122 O O   . ALA A 18 ? 0.6908 0.5109 0.8658 -0.0232 -0.1965 -0.0446 18 ALA A O   
123 C CB  . ALA A 18 ? 0.7292 0.5175 0.7753 -0.0083 -0.1280 -0.0822 18 ALA A CB  
124 N N   . ILE A 19 ? 0.7167 0.4785 0.8014 -0.0340 -0.2251 -0.0689 19 ILE A N   
125 C CA  . ILE A 19 ? 0.8831 0.6386 0.9767 -0.0412 -0.2672 -0.0672 19 ILE A CA  
126 C C   . ILE A 19 ? 0.9637 0.7446 1.1319 -0.0564 -0.2855 -0.0453 19 ILE A C   
127 O O   . ILE A 19 ? 1.0046 0.8052 1.2130 -0.0593 -0.3074 -0.0308 19 ILE A O   
128 C CB  . ILE A 19 ? 0.9638 0.6807 0.9967 -0.0472 -0.2924 -0.0946 19 ILE A CB  
129 C CG1 . ILE A 19 ? 1.0252 0.7220 0.9871 -0.0331 -0.2707 -0.1167 19 ILE A CG1 
130 C CG2 . ILE A 19 ? 0.9331 0.6501 0.9649 -0.0595 -0.3346 -0.0967 19 ILE A CG2 
131 C CD1 . ILE A 19 ? 1.0515 0.7157 0.9595 -0.0381 -0.2882 -0.1503 19 ILE A CD1 
132 N N   . VAL A 20 ? 0.7436 0.5262 0.9344 -0.0683 -0.2790 -0.0392 20 VAL A N   
133 C CA  . VAL A 20 ? 0.7809 0.5903 1.0439 -0.0858 -0.2943 -0.0166 20 VAL A CA  
134 C C   . VAL A 20 ? 0.7251 0.5853 1.0506 -0.0809 -0.2691 0.0023  20 VAL A C   
135 O O   . VAL A 20 ? 0.7344 0.6219 1.1234 -0.0887 -0.2882 0.0189  20 VAL A O   
136 C CB  . VAL A 20 ? 0.7526 0.5539 1.0259 -0.1022 -0.2917 -0.0092 20 VAL A CB  
137 C CG1 . VAL A 20 ? 0.7598 0.5910 1.1084 -0.1237 -0.3072 0.0163  20 VAL A CG1 
138 C CG2 . VAL A 20 ? 0.7785 0.5275 1.0061 -0.1043 -0.3176 -0.0325 20 VAL A CG2 
139 N N   . ALA A 21 ? 0.7008 0.5768 1.0151 -0.0683 -0.2254 -0.0025 21 ALA A N   
140 C CA  . ALA A 21 ? 0.8047 0.7293 1.1846 -0.0614 -0.1970 0.0062  21 ALA A CA  
141 C C   . ALA A 21 ? 0.7598 0.6839 1.1639 -0.0461 -0.2173 0.0091  21 ALA A C   
142 O O   . ALA A 21 ? 0.7136 0.6761 1.1996 -0.0447 -0.2179 0.0234  21 ALA A O   
143 C CB  . ALA A 21 ? 0.7131 0.6530 1.0710 -0.0535 -0.1450 -0.0070 21 ALA A CB  
144 N N   . PHE A 22 ? 0.6992 0.5836 1.0365 -0.0363 -0.2354 -0.0022 22 PHE A N   
145 C CA  . PHE A 22 ? 0.8125 0.6969 1.1669 -0.0273 -0.2619 0.0080  22 PHE A CA  
146 C C   . PHE A 22 ? 0.8399 0.7347 1.2335 -0.0434 -0.3101 0.0261  22 PHE A C   
147 O O   . PHE A 22 ? 0.7400 0.6616 1.2002 -0.0402 -0.3272 0.0469  22 PHE A O   
148 C CB  . PHE A 22 ? 0.7594 0.6038 1.0246 -0.0199 -0.2705 -0.0071 22 PHE A CB  
149 C CG  . PHE A 22 ? 0.8016 0.6465 1.0736 -0.0170 -0.3033 0.0091  22 PHE A CG  
150 C CD1 . PHE A 22 ? 0.7882 0.6470 1.1062 0.0001  -0.2876 0.0217  22 PHE A CD1 
151 C CD2 . PHE A 22 ? 0.8518 0.6848 1.0865 -0.0341 -0.3510 0.0122  22 PHE A CD2 
152 C CE1 . PHE A 22 ? 0.8244 0.6839 1.1538 0.0003  -0.3227 0.0447  22 PHE A CE1 
153 C CE2 . PHE A 22 ? 0.8092 0.6486 1.0454 -0.0371 -0.3844 0.0329  22 PHE A CE2 
154 C CZ  . PHE A 22 ? 0.7987 0.6507 1.0834 -0.0198 -0.3723 0.0531  22 PHE A CZ  
155 N N   . LEU A 23 ? 0.8281 0.7023 1.1872 -0.0615 -0.3340 0.0179  23 LEU A N   
156 C CA  . LEU A 23 ? 0.7786 0.6647 1.1772 -0.0805 -0.3784 0.0319  23 LEU A CA  
157 C C   . LEU A 23 ? 0.7621 0.6937 1.2594 -0.0865 -0.3683 0.0534  23 LEU A C   
158 O O   . LEU A 23 ? 0.7748 0.7326 1.3327 -0.0953 -0.3997 0.0730  23 LEU A O   
159 C CB  . LEU A 23 ? 0.8256 0.6760 1.1710 -0.0985 -0.4026 0.0119  23 LEU A CB  
160 C CG  . LEU A 23 ? 0.9097 0.7204 1.1604 -0.0957 -0.4119 -0.0164 23 LEU A CG  
161 C CD1 . LEU A 23 ? 0.9467 0.7249 1.1649 -0.1127 -0.4327 -0.0422 23 LEU A CD1 
162 C CD2 . LEU A 23 ? 0.9557 0.7757 1.1883 -0.0983 -0.4429 -0.0083 23 LEU A CD2 
163 N N   . LEU A 24 ? 0.7650 0.7119 1.2797 -0.0846 -0.3251 0.0505  24 LEU A N   
164 C CA  . LEU A 24 ? 0.7947 0.7954 1.4036 -0.0911 -0.3067 0.0677  24 LEU A CA  
165 C C   . LEU A 24 ? 0.7973 0.8342 1.4760 -0.0719 -0.2915 0.0753  24 LEU A C   
166 O O   . LEU A 24 ? 0.7739 0.8567 1.5468 -0.0763 -0.2952 0.0916  24 LEU A O   
167 C CB  . LEU A 24 ? 0.7875 0.8021 1.3884 -0.0989 -0.2623 0.0623  24 LEU A CB  
168 C CG  . LEU A 24 ? 0.8743 0.8937 1.4898 -0.1271 -0.2752 0.0751  24 LEU A CG  
169 C CD1 . LEU A 24 ? 0.9599 0.9222 1.5182 -0.1358 -0.3194 0.0678  24 LEU A CD1 
170 C CD2 . LEU A 24 ? 0.8464 0.8848 1.4476 -0.1374 -0.2315 0.0755  24 LEU A CD2 
171 N N   . ALA A 25 ? 0.7833 0.8005 1.4247 -0.0506 -0.2749 0.0636  25 ALA A N   
172 C CA  . ALA A 25 ? 0.7148 0.7600 1.4315 -0.0308 -0.2629 0.0707  25 ALA A CA  
173 C C   . ALA A 25 ? 0.7506 0.7977 1.5057 -0.0315 -0.3175 0.0965  25 ALA A C   
174 O O   . ALA A 25 ? 0.7092 0.7962 1.5696 -0.0241 -0.3215 0.1137  25 ALA A O   
175 C CB  . ALA A 25 ? 0.6790 0.6989 1.3455 -0.0104 -0.2316 0.0521  25 ALA A CB  
176 N N   . LEU A 26 ? 0.7627 0.7715 1.4366 -0.0422 -0.3601 0.0986  26 LEU A N   
177 C CA  . LEU A 26 ? 0.9012 0.9170 1.5992 -0.0511 -0.4165 0.1248  26 LEU A CA  
178 C C   . LEU A 26 ? 0.9573 1.0110 1.7357 -0.0685 -0.4413 0.1426  26 LEU A C   
179 O O   . LEU A 26 ? 0.9712 1.0493 1.8095 -0.0728 -0.4816 0.1703  26 LEU A O   
180 C CB  . LEU A 26 ? 0.9612 0.9351 1.5465 -0.0658 -0.4521 0.1151  26 LEU A CB  
181 C CG  . LEU A 26 ? 0.9757 0.9145 1.4761 -0.0532 -0.4379 0.1011  26 LEU A CG  
182 C CD1 . LEU A 26 ? 0.9746 0.8846 1.3740 -0.0734 -0.4754 0.0892  26 LEU A CD1 
183 C CD2 . LEU A 26 ? 1.0288 0.9824 1.5851 -0.0355 -0.4394 0.1263  26 LEU A CD2 
184 N N   . ARG A 27 ? 0.9903 1.0510 1.7730 -0.0809 -0.4206 0.1306  27 ARG A N   
185 C CA  . ARG A 27 ? 1.0527 1.1506 1.9128 -0.0999 -0.4419 0.1476  27 ARG A CA  
186 C C   . ARG A 27 ? 1.0206 1.1771 2.0094 -0.0874 -0.4242 0.1651  27 ARG A C   
187 O O   . ARG A 27 ? 1.0495 1.2428 2.1183 -0.0994 -0.4541 0.1869  27 ARG A O   
188 C CB  . ARG A 27 ? 1.0744 1.1652 1.9096 -0.1175 -0.4215 0.1340  27 ARG A CB  
189 C CG  . ARG A 27 ? 1.1368 1.2490 2.0226 -0.1447 -0.4549 0.1492  27 ARG A CG  
190 C CD  . ARG A 27 ? 1.1595 1.2615 2.0236 -0.1627 -0.4346 0.1407  27 ARG A CD  
191 N NE  . ARG A 27 ? 1.2218 1.3303 2.1199 -0.1916 -0.4722 0.1527  27 ARG A NE  
192 C CZ  . ARG A 27 ? 1.2774 1.3404 2.1188 -0.2084 -0.5103 0.1411  27 ARG A CZ  
193 N NH1 . ARG A 27 ? 1.3242 1.3359 2.0725 -0.1988 -0.5142 0.1165  27 ARG A NH1 
194 N NH2 . ARG A 27 ? 1.2621 1.3331 2.1444 -0.2357 -0.5430 0.1509  27 ARG A NH2 
195 N N   . ARG A 28 ? 0.9707 1.1382 1.9860 -0.0639 -0.3757 0.1530  28 ARG A N   
196 C CA  . ARG A 28 ? 0.9537 1.1784 2.1015 -0.0499 -0.3528 0.1610  28 ARG A CA  
197 C C   . ARG A 28 ? 0.9061 1.1392 2.1212 -0.0377 -0.3973 0.1900  28 ARG A C   
198 O O   . ARG A 28 ? 0.9445 1.2252 2.2740 -0.0395 -0.4157 0.2112  28 ARG A O   
199 C CB  . ARG A 28 ? 0.9788 1.2119 2.1339 -0.0303 -0.2868 0.1326  28 ARG A CB  
200 C CG  . ARG A 28 ? 0.9727 1.2085 2.0698 -0.0457 -0.2422 0.1096  28 ARG A CG  
201 C CD  . ARG A 28 ? 0.9625 1.2680 2.1573 -0.0592 -0.2105 0.1082  28 ARG A CD  
202 N NE  . ARG A 28 ? 0.9709 1.2843 2.1603 -0.0889 -0.2407 0.1266  28 ARG A NE  
203 C CZ  . ARG A 28 ? 0.9595 1.2621 2.0818 -0.1122 -0.2280 0.1225  28 ARG A CZ  
204 N NH1 . ARG A 28 ? 0.9491 1.2567 2.0792 -0.1393 -0.2589 0.1410  28 ARG A NH1 
205 N NH2 . ARG A 28 ? 0.9604 1.2472 2.0116 -0.1096 -0.1866 0.1017  28 ARG A NH2 
206 N N   . LEU A 29 ? 0.8569 1.0471 2.0050 -0.0271 -0.4165 0.1942  29 LEU A N   
207 C CA  . LEU A 29 ? 0.8665 1.0630 2.0726 -0.0179 -0.4611 0.2282  29 LEU A CA  
208 C C   . LEU A 29 ? 0.8912 1.0648 2.0182 -0.0425 -0.5279 0.2510  29 LEU A C   
209 O O   . LEU A 29 ? 0.9264 1.1279 2.1179 -0.0526 -0.5786 0.2861  29 LEU A O   
210 C CB  . LEU A 29 ? 0.8488 1.0209 2.0502 0.0087  -0.4360 0.2218  29 LEU A CB  
211 C CG  . LEU A 29 ? 0.8215 0.9445 1.8915 0.0116  -0.4002 0.1883  29 LEU A CG  
212 C CD1 . LEU A 29 ? 0.8804 0.9592 1.8218 -0.0059 -0.4446 0.1963  29 LEU A CD1 
213 C CD2 . LEU A 29 ? 0.8360 0.9506 1.9396 0.0396  -0.3581 0.1743  29 LEU A CD2 
214 N N   . PRO B 2  ? 1.0482 1.5230 1.4364 0.0164  -0.2013 0.0052  2  PRO B N   
215 C CA  . PRO B 2  ? 1.0518 1.5170 1.4784 0.0218  -0.1846 -0.0001 2  PRO B CA  
216 C C   . PRO B 2  ? 1.0714 1.4644 1.4868 0.0484  -0.1523 -0.0203 2  PRO B C   
217 O O   . PRO B 2  ? 1.0791 1.4532 1.5133 0.0505  -0.1374 -0.0296 2  PRO B O   
218 C CB  . PRO B 2  ? 1.0276 1.5749 1.5218 0.0460  -0.1846 0.0445  2  PRO B CB  
219 C CG  . PRO B 2  ? 1.0194 1.5740 1.5056 0.0743  -0.1882 0.0693  2  PRO B CG  
220 C CD  . PRO B 2  ? 1.0362 1.5728 1.4620 0.0403  -0.2092 0.0511  2  PRO B CD  
221 N N   . GLU B 3  ? 1.0468 1.4069 1.4295 0.0623  -0.1443 -0.0231 3  GLU B N   
222 C CA  . GLU B 3  ? 1.0388 1.3409 1.4082 0.0780  -0.1189 -0.0363 3  GLU B CA  
223 C C   . GLU B 3  ? 0.9825 1.2501 1.3278 0.0647  -0.1124 -0.0714 3  GLU B C   
224 O O   . GLU B 3  ? 1.0286 1.2665 1.3858 0.0711  -0.0964 -0.0802 3  GLU B O   
225 C CB  . GLU B 3  ? 1.1129 1.3997 1.4500 0.0832  -0.1171 -0.0240 3  GLU B CB  
226 C CG  . GLU B 3  ? 1.2161 1.5035 1.5661 0.1047  -0.1208 0.0134  3  GLU B CG  
227 C CD  . GLU B 3  ? 1.3017 1.6534 1.6671 0.1026  -0.1454 0.0377  3  GLU B CD  
228 O OE1 . GLU B 3  ? 1.3323 1.7176 1.6778 0.0752  -0.1618 0.0239  3  GLU B OE1 
229 O OE2 . GLU B 3  ? 1.3381 1.7049 1.7298 0.1308  -0.1488 0.0709  3  GLU B OE2 
230 N N   . LEU B 4  ? 0.8991 1.1658 1.2035 0.0504  -0.1247 -0.0917 4  LEU B N   
231 C CA  . LEU B 4  ? 0.7875 1.0110 1.0593 0.0505  -0.1177 -0.1248 4  LEU B CA  
232 C C   . LEU B 4  ? 0.8211 1.0176 1.1076 0.0363  -0.1239 -0.1334 4  LEU B C   
233 O O   . LEU B 4  ? 0.7614 0.9156 1.0398 0.0439  -0.1124 -0.1493 4  LEU B O   
234 C CB  . LEU B 4  ? 0.7362 0.9549 0.9476 0.0466  -0.1281 -0.1475 4  LEU B CB  
235 C CG  . LEU B 4  ? 0.8346 0.9976 0.9979 0.0592  -0.1216 -0.1842 4  LEU B CG  
236 C CD1 . LEU B 4  ? 0.7420 0.9078 0.9193 0.0870  -0.0951 -0.1841 4  LEU B CD1 
237 C CD2 . LEU B 4  ? 0.9447 1.0973 1.0347 0.0618  -0.1300 -0.2093 4  LEU B CD2 
238 N N   . LEU B 5  ? 0.9517 1.1806 1.2606 0.0127  -0.1436 -0.1176 5  LEU B N   
239 C CA  . LEU B 5  ? 1.0096 1.2239 1.3312 -0.0122 -0.1525 -0.1187 5  LEU B CA  
240 C C   . LEU B 5  ? 0.9122 1.1336 1.2810 0.0044  -0.1285 -0.1055 5  LEU B C   
241 O O   . LEU B 5  ? 1.0038 1.1872 1.3670 -0.0061 -0.1253 -0.1148 5  LEU B O   
242 C CB  . LEU B 5  ? 1.0973 1.3706 1.4374 -0.0486 -0.1814 -0.0966 5  LEU B CB  
243 C CG  . LEU B 5  ? 1.2260 1.4825 1.5039 -0.0789 -0.2123 -0.1119 5  LEU B CG  
244 C CD1 . LEU B 5  ? 1.2130 1.5247 1.4943 -0.0634 -0.2153 -0.0964 5  LEU B CD1 
245 C CD2 . LEU B 5  ? 1.3084 1.5866 1.5841 -0.1371 -0.2473 -0.0988 5  LEU B CD2 
246 N N   . PHE B 6  ? 0.7333 0.9929 1.1386 0.0311  -0.1121 -0.0841 6  PHE B N   
247 C CA  . PHE B 6  ? 0.6129 0.8662 1.0454 0.0504  -0.0870 -0.0768 6  PHE B CA  
248 C C   . PHE B 6  ? 0.6103 0.8021 1.0122 0.0602  -0.0714 -0.0976 6  PHE B C   
249 O O   . PHE B 6  ? 0.6135 0.7883 1.0239 0.0646  -0.0555 -0.0979 6  PHE B O   
250 C CB  . PHE B 6  ? 0.5742 0.8606 1.0345 0.0823  -0.0746 -0.0520 6  PHE B CB  
251 C CG  . PHE B 6  ? 0.5366 0.9073 1.0435 0.0832  -0.0846 -0.0226 6  PHE B CG  
252 C CD1 . PHE B 6  ? 0.5497 0.9555 1.0756 0.1165  -0.0830 0.0035  6  PHE B CD1 
253 C CD2 . PHE B 6  ? 0.4467 0.8654 0.9774 0.0492  -0.0980 -0.0160 6  PHE B CD2 
254 C CE1 . PHE B 6  ? 0.6073 1.1114 1.1841 0.1233  -0.0924 0.0369  6  PHE B CE1 
255 C CE2 . PHE B 6  ? 0.5217 1.0434 1.1024 0.0448  -0.1092 0.0184  6  PHE B CE2 
256 C CZ  . PHE B 6  ? 0.5948 1.1646 1.1987 0.0854  -0.1046 0.0443  6  PHE B CZ  
257 N N   . ILE B 7  ? 0.5921 0.7627 0.9588 0.0632  -0.0753 -0.1120 7  ILE B N   
258 C CA  . ILE B 7  ? 0.6672 0.8034 1.0112 0.0717  -0.0630 -0.1262 7  ILE B CA  
259 C C   . ILE B 7  ? 0.6801 0.7809 1.0106 0.0642  -0.0679 -0.1425 7  ILE B C   
260 O O   . ILE B 7  ? 0.7365 0.8162 1.0693 0.0680  -0.0571 -0.1433 7  ILE B O   
261 C CB  . ILE B 7  ? 0.7436 0.8909 1.0581 0.0797  -0.0637 -0.1317 7  ILE B CB  
262 C CG1 . ILE B 7  ? 0.7388 0.9091 1.0587 0.0806  -0.0632 -0.1098 7  ILE B CG1 
263 C CG2 . ILE B 7  ? 0.8126 0.9513 1.1130 0.0897  -0.0512 -0.1390 7  ILE B CG2 
264 C CD1 . ILE B 7  ? 0.7148 0.8626 1.0481 0.0850  -0.0509 -0.0946 7  ILE B CD1 
265 N N   . LEU B 8  ? 0.6702 0.7547 0.9777 0.0503  -0.0871 -0.1544 8  LEU B N   
266 C CA  . LEU B 8  ? 0.7087 0.7345 0.9882 0.0402  -0.0968 -0.1686 8  LEU B CA  
267 C C   . LEU B 8  ? 0.6862 0.7172 0.9990 0.0188  -0.0952 -0.1510 8  LEU B C   
268 O O   . LEU B 8  ? 0.7699 0.7554 1.0684 0.0164  -0.0946 -0.1543 8  LEU B O   
269 C CB  . LEU B 8  ? 0.7602 0.7500 0.9922 0.0207  -0.1225 -0.1849 8  LEU B CB  
270 C CG  . LEU B 8  ? 0.7691 0.7598 0.9585 0.0419  -0.1227 -0.2040 8  LEU B CG  
271 C CD1 . LEU B 8  ? 0.8728 0.8075 0.9960 0.0185  -0.1502 -0.2253 8  LEU B CD1 
272 C CD2 . LEU B 8  ? 0.7786 0.7539 0.9477 0.0851  -0.1018 -0.2180 8  LEU B CD2 
273 N N   . VAL B 9  ? 0.5888 0.6814 0.9454 0.0071  -0.0934 -0.1292 9  VAL B N   
274 C CA  . VAL B 9  ? 0.5196 0.6388 0.9107 -0.0065 -0.0846 -0.1099 9  VAL B CA  
275 C C   . VAL B 9  ? 0.5863 0.6885 0.9797 0.0168  -0.0594 -0.1115 9  VAL B C   
276 O O   . VAL B 9  ? 0.5919 0.6769 0.9837 0.0052  -0.0549 -0.1070 9  VAL B O   
277 C CB  . VAL B 9  ? 0.5242 0.7295 0.9640 -0.0086 -0.0825 -0.0842 9  VAL B CB  
278 C CG1 . VAL B 9  ? 0.3715 0.6203 0.8467 -0.0124 -0.0651 -0.0639 9  VAL B CG1 
279 C CG2 . VAL B 9  ? 0.6371 0.8697 1.0737 -0.0442 -0.1138 -0.0773 9  VAL B CG2 
280 N N   . ALA B 10 ? 0.5549 0.6597 0.9453 0.0430  -0.0459 -0.1154 10 ALA B N   
281 C CA  . ALA B 10 ? 0.4789 0.5622 0.8593 0.0551  -0.0280 -0.1169 10 ALA B CA  
282 C C   . ALA B 10 ? 0.6095 0.6552 0.9638 0.0546  -0.0337 -0.1279 10 ALA B C   
283 O O   . ALA B 10 ? 0.5660 0.5970 0.9149 0.0518  -0.0262 -0.1242 10 ALA B O   
284 C CB  . ALA B 10 ? 0.4715 0.5571 0.8438 0.0717  -0.0190 -0.1148 10 ALA B CB  
285 N N   . ILE B 11 ? 0.6580 0.6898 0.9919 0.0622  -0.0461 -0.1407 11 ILE B N   
286 C CA  . ILE B 11 ? 0.5836 0.5813 0.8910 0.0760  -0.0497 -0.1501 11 ILE B CA  
287 C C   . ILE B 11 ? 0.7083 0.6572 1.0038 0.0604  -0.0608 -0.1485 11 ILE B C   
288 O O   . ILE B 11 ? 0.6834 0.6086 0.9694 0.0675  -0.0590 -0.1434 11 ILE B O   
289 C CB  . ILE B 11 ? 0.5741 0.5675 0.8532 0.0976  -0.0559 -0.1668 11 ILE B CB  
290 C CG1 . ILE B 11 ? 0.5785 0.6281 0.8675 0.1073  -0.0449 -0.1609 11 ILE B CG1 
291 C CG2 . ILE B 11 ? 0.5838 0.5367 0.8308 0.1255  -0.0579 -0.1769 11 ILE B CG2 
292 C CD1 . ILE B 11 ? 0.5743 0.6384 0.8351 0.1280  -0.0469 -0.1748 11 ILE B CD1 
293 N N   . LEU B 12 ? 0.7026 0.6393 0.9967 0.0337  -0.0756 -0.1478 12 LEU B N   
294 C CA  . LEU B 12 ? 0.7043 0.5922 0.9814 0.0056  -0.0907 -0.1403 12 LEU B CA  
295 C C   . LEU B 12 ? 0.6772 0.5970 0.9841 -0.0087 -0.0764 -0.1187 12 LEU B C   
296 O O   . LEU B 12 ? 0.6438 0.5218 0.9324 -0.0215 -0.0831 -0.1094 12 LEU B O   
297 C CB  . LEU B 12 ? 0.7106 0.5949 0.9804 -0.0332 -0.1132 -0.1382 12 LEU B CB  
298 C CG  . LEU B 12 ? 0.8258 0.6237 1.0467 -0.0694 -0.1411 -0.1367 12 LEU B CG  
299 C CD1 . LEU B 12 ? 0.9515 0.6427 1.1007 -0.0375 -0.1521 -0.1651 12 LEU B CD1 
300 C CD2 . LEU B 12 ? 0.8464 0.6688 1.0696 -0.1243 -0.1655 -0.1247 12 LEU B CD2 
301 N N   . GLY B 13 ? 0.6420 0.6289 0.9864 -0.0041 -0.0566 -0.1104 13 GLY B N   
302 C CA  . GLY B 13 ? 0.5913 0.6045 0.9507 -0.0105 -0.0384 -0.0953 13 GLY B CA  
303 C C   . GLY B 13 ? 0.5372 0.5225 0.8755 0.0046  -0.0310 -0.0981 13 GLY B C   
304 O O   . GLY B 13 ? 0.6116 0.5902 0.9421 -0.0089 -0.0271 -0.0857 13 GLY B O   
305 N N   . GLY B 14 ? 0.4463 0.4263 0.7751 0.0289  -0.0303 -0.1100 14 GLY B N   
306 C CA  . GLY B 14 ? 0.5245 0.4964 0.8374 0.0394  -0.0279 -0.1067 14 GLY B CA  
307 C C   . GLY B 14 ? 0.5522 0.4803 0.8452 0.0456  -0.0437 -0.1024 14 GLY B C   
308 O O   . GLY B 14 ? 0.5803 0.5031 0.8639 0.0443  -0.0444 -0.0890 14 GLY B O   
309 N N   . LEU B 15 ? 0.5653 0.4526 0.8430 0.0536  -0.0582 -0.1138 15 LEU B N   
310 C CA  . LEU B 15 ? 0.6136 0.4287 0.8563 0.0620  -0.0755 -0.1112 15 LEU B CA  
311 C C   . LEU B 15 ? 0.6650 0.4544 0.9030 0.0237  -0.0828 -0.0905 15 LEU B C   
312 O O   . LEU B 15 ? 0.6805 0.4273 0.8958 0.0285  -0.0919 -0.0761 15 LEU B O   
313 C CB  . LEU B 15 ? 0.6552 0.4106 0.8637 0.0708  -0.0912 -0.1320 15 LEU B CB  
314 C CG  . LEU B 15 ? 0.8873 0.5359 1.0371 0.0910  -0.1104 -0.1367 15 LEU B CG  
315 C CD1 . LEU B 15 ? 0.9051 0.5697 1.0391 0.1524  -0.0977 -0.1409 15 LEU B CD1 
316 C CD2 . LEU B 15 ? 0.9209 0.4949 1.0200 0.0687  -0.1298 -0.1529 15 LEU B CD2 
317 N N   . PHE B 16 ? 0.6381 0.4626 0.8986 -0.0131 -0.0786 -0.0843 16 PHE B N   
318 C CA  . PHE B 16 ? 0.6393 0.4632 0.8994 -0.0539 -0.0820 -0.0600 16 PHE B CA  
319 C C   . PHE B 16 ? 0.6206 0.4830 0.8887 -0.0515 -0.0636 -0.0462 16 PHE B C   
320 O O   . PHE B 16 ? 0.6233 0.4598 0.8717 -0.0705 -0.0712 -0.0251 16 PHE B O   
321 C CB  . PHE B 16 ? 0.6404 0.5218 0.9308 -0.0879 -0.0788 -0.0528 16 PHE B CB  
322 C CG  . PHE B 16 ? 0.6714 0.5835 0.9690 -0.1320 -0.0774 -0.0228 16 PHE B CG  
323 C CD1 . PHE B 16 ? 0.8073 0.6600 1.0732 -0.1764 -0.1060 -0.0043 16 PHE B CD1 
324 C CD2 . PHE B 16 ? 0.5980 0.5937 0.9254 -0.1301 -0.0475 -0.0125 16 PHE B CD2 
325 C CE1 . PHE B 16 ? 0.8374 0.7311 1.1104 -0.2242 -0.1052 0.0295  16 PHE B CE1 
326 C CE2 . PHE B 16 ? 0.6447 0.6852 0.9783 -0.1682 -0.0420 0.0169  16 PHE B CE2 
327 C CZ  . PHE B 16 ? 0.7719 0.7704 1.0830 -0.2185 -0.0711 0.0407  16 PHE B CZ  
328 N N   . GLY B 17 ? 0.5873 0.5021 0.8739 -0.0324 -0.0419 -0.0568 17 GLY B N   
329 C CA  . GLY B 17 ? 0.6193 0.5600 0.8980 -0.0360 -0.0264 -0.0476 17 GLY B CA  
330 C C   . GLY B 17 ? 0.6292 0.5434 0.8857 -0.0243 -0.0392 -0.0377 17 GLY B C   
331 O O   . GLY B 17 ? 0.6312 0.5502 0.8705 -0.0405 -0.0377 -0.0202 17 GLY B O   
332 N N   . ALA B 18 ? 0.6503 0.5455 0.9059 0.0068  -0.0510 -0.0464 18 ALA B N   
333 C CA  . ALA B 18 ? 0.6325 0.5195 0.8743 0.0285  -0.0628 -0.0317 18 ALA B CA  
334 C C   . ALA B 18 ? 0.6814 0.5048 0.8977 0.0220  -0.0812 -0.0111 18 ALA B C   
335 O O   . ALA B 18 ? 0.6452 0.4707 0.8485 0.0241  -0.0890 0.0126  18 ALA B O   
336 C CB  . ALA B 18 ? 0.4805 0.3760 0.7288 0.0722  -0.0665 -0.0443 18 ALA B CB  
337 N N   . ILE B 19 ? 0.7210 0.4837 0.9240 0.0088  -0.0921 -0.0165 19 ILE B N   
338 C CA  . ILE B 19 ? 0.7960 0.4787 0.9624 -0.0080 -0.1141 0.0059  19 ILE B CA  
339 C C   . ILE B 19 ? 0.7678 0.4839 0.9362 -0.0578 -0.1083 0.0320  19 ILE B C   
340 O O   . ILE B 19 ? 0.8469 0.5233 0.9870 -0.0703 -0.1233 0.0609  19 ILE B O   
341 C CB  . ILE B 19 ? 0.8912 0.4909 1.0302 -0.0194 -0.1322 -0.0075 19 ILE B CB  
342 C CG1 . ILE B 19 ? 0.9504 0.5000 1.0673 0.0396  -0.1380 -0.0329 19 ILE B CG1 
343 C CG2 . ILE B 19 ? 0.9046 0.4135 0.9977 -0.0584 -0.1582 0.0197  19 ILE B CG2 
344 C CD1 . ILE B 19 ? 0.9791 0.4774 1.0733 0.0294  -0.1479 -0.0592 19 ILE B CD1 
345 N N   . VAL B 20 ? 0.6552 0.4452 0.8525 -0.0823 -0.0853 0.0241  20 VAL B N   
346 C CA  . VAL B 20 ? 0.6459 0.4830 0.8413 -0.1200 -0.0717 0.0457  20 VAL B CA  
347 C C   . VAL B 20 ? 0.6997 0.5567 0.8782 -0.1097 -0.0674 0.0564  20 VAL B C   
348 O O   . VAL B 20 ? 0.7781 0.6350 0.9327 -0.1365 -0.0716 0.0842  20 VAL B O   
349 C CB  . VAL B 20 ? 0.6155 0.5290 0.8419 -0.1303 -0.0431 0.0317  20 VAL B CB  
350 C CG1 . VAL B 20 ? 0.5430 0.5128 0.7592 -0.1546 -0.0206 0.0481  20 VAL B CG1 
351 C CG2 . VAL B 20 ? 0.6643 0.5773 0.9094 -0.1531 -0.0526 0.0334  20 VAL B CG2 
352 N N   . ALA B 21 ? 0.6597 0.5396 0.8474 -0.0772 -0.0618 0.0383  21 ALA B N   
353 C CA  . ALA B 21 ? 0.6494 0.5555 0.8194 -0.0746 -0.0643 0.0519  21 ALA B CA  
354 C C   . ALA B 21 ? 0.7125 0.5786 0.8654 -0.0626 -0.0915 0.0831  21 ALA B C   
355 O O   . ALA B 21 ? 0.6726 0.5578 0.8038 -0.0776 -0.0981 0.1089  21 ALA B O   
356 C CB  . ALA B 21 ? 0.5461 0.4890 0.7298 -0.0505 -0.0588 0.0325  21 ALA B CB  
357 N N   . PHE B 22 ? 0.7751 0.5784 0.9289 -0.0331 -0.1082 0.0815  22 PHE B N   
358 C CA  . PHE B 22 ? 0.7037 0.4473 0.8319 -0.0101 -0.1342 0.1110  22 PHE B CA  
359 C C   . PHE B 22 ? 0.7753 0.4625 0.8697 -0.0548 -0.1476 0.1405  22 PHE B C   
360 O O   . PHE B 22 ? 0.9595 0.6249 1.0282 -0.0544 -0.1655 0.1764  22 PHE B O   
361 C CB  . PHE B 22 ? 0.7456 0.4209 0.8681 0.0427  -0.1455 0.0944  22 PHE B CB  
362 C CG  . PHE B 22 ? 0.9434 0.5337 1.0281 0.0804  -0.1715 0.1221  22 PHE B CG  
363 C CD1 . PHE B 22 ? 0.8621 0.5014 0.9551 0.1190  -0.1784 0.1500  22 PHE B CD1 
364 C CD2 . PHE B 22 ? 0.9617 0.4190 0.9974 0.0768  -0.1917 0.1228  22 PHE B CD2 
365 C CE1 . PHE B 22 ? 0.9726 0.5325 1.0302 0.1650  -0.2019 0.1790  22 PHE B CE1 
366 C CE2 . PHE B 22 ? 1.1622 0.5172 1.1499 0.1179  -0.2168 0.1480  22 PHE B CE2 
367 C CZ  . PHE B 22 ? 1.0896 0.4973 1.0906 0.1679  -0.2204 0.1766  22 PHE B CZ  
368 N N   . LEU B 23 ? 0.8016 0.4745 0.8966 -0.0963 -0.1409 0.1314  23 LEU B N   
369 C CA  . LEU B 23 ? 0.8453 0.4804 0.9096 -0.1498 -0.1537 0.1651  23 LEU B CA  
370 C C   . LEU B 23 ? 0.8222 0.5374 0.8831 -0.1838 -0.1378 0.1872  23 LEU B C   
371 O O   . LEU B 23 ? 0.9875 0.6758 1.0144 -0.2129 -0.1540 0.2269  23 LEU B O   
372 C CB  . LEU B 23 ? 0.9069 0.5333 0.9795 -0.1906 -0.1514 0.1549  23 LEU B CB  
373 C CG  . LEU B 23 ? 0.9758 0.4935 1.0249 -0.1759 -0.1764 0.1392  23 LEU B CG  
374 C CD1 . LEU B 23 ? 0.9903 0.5213 1.0490 -0.2307 -0.1778 0.1360  23 LEU B CD1 
375 C CD2 . LEU B 23 ? 1.0601 0.4434 1.0459 -0.1686 -0.2123 0.1671  23 LEU B CD2 
376 N N   . LEU B 24 ? 0.8188 0.6229 0.9043 -0.1810 -0.1068 0.1619  24 LEU B N   
377 C CA  . LEU B 24 ? 0.9014 0.7695 0.9667 -0.2072 -0.0903 0.1753  24 LEU B CA  
378 C C   . LEU B 24 ? 0.9492 0.8097 0.9895 -0.1939 -0.1113 0.2006  24 LEU B C   
379 O O   . LEU B 24 ? 0.9445 0.8267 0.9509 -0.2258 -0.1133 0.2297  24 LEU B O   
380 C CB  . LEU B 24 ? 0.8691 0.8040 0.9487 -0.1987 -0.0557 0.1376  24 LEU B CB  
381 C CG  . LEU B 24 ? 0.8717 0.8413 0.9769 -0.2085 -0.0294 0.1189  24 LEU B CG  
382 C CD1 . LEU B 24 ? 0.8752 0.8873 0.9824 -0.1872 0.0020  0.0823  24 LEU B CD1 
383 C CD2 . LEU B 24 ? 0.8826 0.8877 0.9734 -0.2539 -0.0202 0.1494  24 LEU B CD2 
384 N N   . ALA B 25 ? 0.8806 0.7228 0.9378 -0.1465 -0.1267 0.1934  25 ALA B N   
385 C CA  . ALA B 25 ? 0.8892 0.7434 0.9324 -0.1281 -0.1490 0.2246  25 ALA B CA  
386 C C   . ALA B 25 ? 0.9365 0.7160 0.9499 -0.1295 -0.1786 0.2695  25 ALA B C   
387 O O   . ALA B 25 ? 0.9293 0.7270 0.9160 -0.1442 -0.1938 0.3084  25 ALA B O   
388 C CB  . ALA B 25 ? 0.7513 0.6268 0.8273 -0.0724 -0.1546 0.2100  25 ALA B CB  
389 N N   . LEU B 26 ? 1.0002 0.6860 1.0084 -0.1181 -0.1902 0.2663  26 LEU B N   
390 C CA  . LEU B 26 ? 1.0532 0.6385 1.0170 -0.1262 -0.2216 0.3091  26 LEU B CA  
391 C C   . LEU B 26 ? 1.1303 0.7319 1.0646 -0.2007 -0.2198 0.3406  26 LEU B C   
392 O O   . LEU B 26 ? 1.2793 0.8350 1.1731 -0.2163 -0.2454 0.3889  26 LEU B O   
393 C CB  . LEU B 26 ? 1.1184 0.5821 1.0659 -0.1076 -0.2362 0.2932  26 LEU B CB  
394 C CG  . LEU B 26 ? 1.1241 0.5488 1.0828 -0.0255 -0.2404 0.2670  26 LEU B CG  
395 C CD1 . LEU B 26 ? 1.2919 0.5670 1.2059 -0.0168 -0.2594 0.2536  26 LEU B CD1 
396 C CD2 . LEU B 26 ? 1.2181 0.6526 1.1718 0.0333  -0.2570 0.3006  26 LEU B CD2 
397 N N   . ARG B 27 ? 1.0938 0.7646 1.0467 -0.2433 -0.1891 0.3171  27 ARG B N   
398 C CA  . ARG B 27 ? 1.1696 0.8837 1.0975 -0.3096 -0.1796 0.3466  27 ARG B CA  
399 C C   . ARG B 27 ? 1.1053 0.8754 1.0052 -0.3185 -0.1800 0.3731  27 ARG B C   
400 O O   . ARG B 27 ? 1.2037 0.9730 1.0639 -0.3642 -0.1902 0.4176  27 ARG B O   
401 C CB  . ARG B 27 ? 1.1401 0.9397 1.0985 -0.3341 -0.1397 0.3133  27 ARG B CB  
402 C CG  . ARG B 27 ? 1.2293 1.1009 1.1661 -0.3944 -0.1203 0.3411  27 ARG B CG  
403 C CD  . ARG B 27 ? 1.3579 1.1732 1.2715 -0.4493 -0.1476 0.3889  27 ARG B CD  
404 N NE  . ARG B 27 ? 1.4236 1.3310 1.3209 -0.5084 -0.1262 0.4194  27 ARG B NE  
405 C CZ  . ARG B 27 ? 1.5407 1.4672 1.3936 -0.5292 -0.1318 0.4519  27 ARG B CZ  
406 N NH1 . ARG B 27 ? 1.5911 1.6137 1.4324 -0.5661 -0.1084 0.4651  27 ARG B NH1 
407 N NH2 . ARG B 27 ? 1.5980 1.4554 1.4193 -0.5095 -0.1618 0.4730  27 ARG B NH2 
408 N N   . ARG B 28 ? 1.0398 0.8611 0.9549 -0.2819 -0.1718 0.3495  28 ARG B N   
409 C CA  . ARG B 28 ? 1.1362 1.0090 1.0190 -0.2938 -0.1797 0.3759  28 ARG B CA  
410 C C   . ARG B 28 ? 1.2349 1.0514 1.1006 -0.2711 -0.2226 0.4282  28 ARG B C   
411 O O   . ARG B 28 ? 1.2605 1.0927 1.0854 -0.3017 -0.2384 0.4732  28 ARG B O   
412 C CB  . ARG B 28 ? 1.1429 1.0829 1.0415 -0.2715 -0.1645 0.3387  28 ARG B CB  
413 C CG  . ARG B 28 ? 1.1259 1.0967 1.0396 -0.2773 -0.1244 0.2846  28 ARG B CG  
414 C CD  . ARG B 28 ? 1.2299 1.2558 1.0932 -0.3180 -0.0968 0.2748  28 ARG B CD  
415 N NE  . ARG B 28 ? 1.2827 1.3421 1.1178 -0.3183 -0.1002 0.2604  28 ARG B NE  
416 C CZ  . ARG B 28 ? 1.2456 1.3134 1.0855 -0.3042 -0.0822 0.2149  28 ARG B CZ  
417 N NH1 . ARG B 28 ? 1.2650 1.3562 1.0682 -0.3181 -0.0921 0.2081  28 ARG B NH1 
418 N NH2 . ARG B 28 ? 1.2192 1.2704 1.0966 -0.2812 -0.0578 0.1800  28 ARG B NH2 
419 N N   . LEU B 29 ? 1.2933 1.0431 1.1844 -0.2129 -0.2412 0.4238  29 LEU B N   
420 C CA  . LEU B 29 ? 1.3138 0.9991 1.1869 -0.1723 -0.2800 0.4717  29 LEU B CA  
421 C C   . LEU B 29 ? 1.4399 0.9984 1.2674 -0.1974 -0.3032 0.5059  29 LEU B C   
422 O O   . LEU B 29 ? 1.5639 1.0470 1.3572 -0.1736 -0.3378 0.5544  29 LEU B O   
423 C CB  . LEU B 29 ? 1.2904 0.9595 1.2022 -0.0887 -0.2858 0.4508  29 LEU B CB  
424 C CG  . LEU B 29 ? 1.1939 0.9892 1.1509 -0.0677 -0.2692 0.4249  29 LEU B CG  
425 C CD1 . LEU B 29 ? 1.1647 0.9529 1.1605 0.0149  -0.2724 0.4093  29 LEU B CD1 
426 C CD2 . LEU B 29 ? 1.2655 1.1523 1.2088 -0.0884 -0.2851 0.4672  29 LEU B CD2 
427 N N   . PRO C 2  ? 1.5913 1.4746 2.2722 0.4873  -0.4956 0.2870  2  PRO C N   
428 C CA  . PRO C 2  ? 1.5177 1.3434 2.1659 0.4347  -0.4351 0.2995  2  PRO C CA  
429 C C   . PRO C 2  ? 1.3383 1.2330 2.0754 0.3839  -0.4112 0.2403  2  PRO C C   
430 O O   . PRO C 2  ? 1.3137 1.2244 1.9921 0.3564  -0.4082 0.2431  2  PRO C O   
431 C CB  . PRO C 2  ? 1.5865 1.3643 2.0713 0.4344  -0.4414 0.3562  2  PRO C CB  
432 C CG  . PRO C 2  ? 1.6425 1.4891 2.0970 0.4669  -0.5048 0.3487  2  PRO C CG  
433 C CD  . PRO C 2  ? 1.6921 1.5813 2.2484 0.5118  -0.5411 0.3249  2  PRO C CD  
434 N N   . GLU C 3  ? 1.2667 1.1964 2.1399 0.3718  -0.3905 0.1865  3  GLU C N   
435 C CA  . GLU C 3  ? 1.2750 1.2623 2.2317 0.3233  -0.3606 0.1262  3  GLU C CA  
436 C C   . GLU C 3  ? 1.2381 1.1725 2.1609 0.2751  -0.3023 0.1438  3  GLU C C   
437 O O   . GLU C 3  ? 1.1671 1.1380 2.1060 0.2307  -0.2726 0.1036  3  GLU C O   
438 C CB  . GLU C 3  ? 1.3497 1.3802 2.4519 0.3193  -0.3451 0.0630  3  GLU C CB  
439 C CG  . GLU C 3  ? 1.3171 1.4196 2.5022 0.2746  -0.3222 -0.0109 3  GLU C CG  
440 C CD  . GLU C 3  ? 1.3662 1.5107 2.6850 0.2691  -0.3060 -0.0753 3  GLU C CD  
441 O OE1 . GLU C 3  ? 1.4511 1.5762 2.8059 0.3064  -0.3192 -0.0613 3  GLU C OE1 
442 O OE2 . GLU C 3  ? 1.3113 1.5033 2.6938 0.2264  -0.2766 -0.1401 3  GLU C OE2 
443 N N   . LEU C 4  ? 1.2942 1.1427 2.1464 0.2748  -0.2771 0.1987  4  LEU C N   
444 C CA  . LEU C 4  ? 1.2057 1.0110 2.0182 0.2228  -0.2178 0.2123  4  LEU C CA  
445 C C   . LEU C 4  ? 1.0760 0.8991 1.7712 0.2001  -0.2174 0.2310  4  LEU C C   
446 O O   . LEU C 4  ? 0.9682 0.8161 1.6509 0.1532  -0.1803 0.2035  4  LEU C O   
447 C CB  . LEU C 4  ? 1.3637 1.0778 2.1347 0.2229  -0.1875 0.2584  4  LEU C CB  
448 C CG  . LEU C 4  ? 1.3941 1.0653 2.1114 0.1680  -0.1290 0.2772  4  LEU C CG  
449 C CD1 . LEU C 4  ? 1.3105 1.0167 2.0965 0.1161  -0.0842 0.2180  4  LEU C CD1 
450 C CD2 . LEU C 4  ? 1.5251 1.1121 2.1908 0.1661  -0.0999 0.3147  4  LEU C CD2 
451 N N   . LEU C 5  ? 1.1225 0.9282 1.7262 0.2346  -0.2577 0.2781  5  LEU C N   
452 C CA  . LEU C 5  ? 1.0722 0.8881 1.5625 0.2148  -0.2518 0.2966  5  LEU C CA  
453 C C   . LEU C 5  ? 0.9303 0.8237 1.4281 0.2102  -0.2761 0.2500  5  LEU C C   
454 O O   . LEU C 5  ? 0.8266 0.7329 1.2505 0.1851  -0.2574 0.2500  5  LEU C O   
455 C CB  . LEU C 5  ? 1.2266 0.9863 1.6025 0.2474  -0.2786 0.3620  5  LEU C CB  
456 C CG  . LEU C 5  ? 1.3595 1.0420 1.6622 0.2228  -0.2285 0.4115  5  LEU C CG  
457 C CD1 . LEU C 5  ? 1.4183 1.0483 1.7910 0.2167  -0.1976 0.4117  5  LEU C CD1 
458 C CD2 . LEU C 5  ? 1.5284 1.1564 1.6942 0.2476  -0.2462 0.4642  5  LEU C CD2 
459 N N   . PHE C 6  ? 0.8589 0.8047 1.4479 0.2331  -0.3146 0.2075  6  PHE C N   
460 C CA  . PHE C 6  ? 0.8341 0.8511 1.4406 0.2175  -0.3270 0.1534  6  PHE C CA  
461 C C   . PHE C 6  ? 0.7424 0.7665 1.3699 0.1626  -0.2671 0.1143  6  PHE C C   
462 O O   . PHE C 6  ? 0.6705 0.7171 1.2494 0.1397  -0.2568 0.0929  6  PHE C O   
463 C CB  . PHE C 6  ? 0.8848 0.9648 1.6047 0.2475  -0.3751 0.1082  6  PHE C CB  
464 C CG  . PHE C 6  ? 1.0104 1.1090 1.6893 0.3004  -0.4502 0.1334  6  PHE C CG  
465 C CD1 . PHE C 6  ? 1.0941 1.1678 1.6309 0.3051  -0.4666 0.1746  6  PHE C CD1 
466 C CD2 . PHE C 6  ? 0.9948 1.1348 1.7545 0.3371  -0.4906 0.1113  6  PHE C CD2 
467 C CE1 . PHE C 6  ? 1.1715 1.2571 1.6486 0.3480  -0.5304 0.1963  6  PHE C CE1 
468 C CE2 . PHE C 6  ? 1.0570 1.2143 1.7514 0.3777  -0.5476 0.1328  6  PHE C CE2 
469 C CZ  . PHE C 6  ? 1.1667 1.2957 1.7171 0.3820  -0.5670 0.1754  6  PHE C CZ  
470 N N   . ILE C 7  ? 0.7178 0.7156 1.4095 0.1416  -0.2268 0.1054  7  ILE C N   
471 C CA  . ILE C 7  ? 0.6831 0.6800 1.3845 0.0903  -0.1730 0.0709  7  ILE C CA  
472 C C   . ILE C 7  ? 0.6855 0.6501 1.2827 0.0683  -0.1437 0.1090  7  ILE C C   
473 O O   . ILE C 7  ? 0.5987 0.5715 1.1625 0.0379  -0.1175 0.0883  7  ILE C O   
474 C CB  . ILE C 7  ? 0.7072 0.6854 1.5045 0.0729  -0.1399 0.0461  7  ILE C CB  
475 C CG1 . ILE C 7  ? 0.7756 0.7962 1.6924 0.0988  -0.1678 0.0031  7  ILE C CG1 
476 C CG2 . ILE C 7  ? 0.6902 0.6598 1.4813 0.0184  -0.0868 0.0118  7  ILE C CG2 
477 C CD1 . ILE C 7  ? 0.7839 0.7846 1.8018 0.0856  -0.1323 -0.0246 7  ILE C CD1 
478 N N   . LEU C 8  ? 0.7539 0.6802 1.2994 0.0840  -0.1463 0.1643  8  LEU C N   
479 C CA  . LEU C 8  ? 0.7894 0.6964 1.2508 0.0624  -0.1164 0.1968  8  LEU C CA  
480 C C   . LEU C 8  ? 0.8268 0.7600 1.2093 0.0685  -0.1292 0.1984  8  LEU C C   
481 O O   . LEU C 8  ? 0.8754 0.8171 1.2206 0.0451  -0.1016 0.1918  8  LEU C O   
482 C CB  . LEU C 8  ? 0.8945 0.7522 1.3192 0.0742  -0.1120 0.2517  8  LEU C CB  
483 C CG  . LEU C 8  ? 0.9170 0.7347 1.4119 0.0664  -0.0922 0.2523  8  LEU C CG  
484 C CD1 . LEU C 8  ? 0.9751 0.7304 1.4232 0.0848  -0.0927 0.3087  8  LEU C CD1 
485 C CD2 . LEU C 8  ? 0.8498 0.6699 1.3675 0.0166  -0.0442 0.2286  8  LEU C CD2 
486 N N   . VAL C 9  ? 0.7776 0.7222 1.1314 0.1018  -0.1724 0.2065  9  VAL C N   
487 C CA  . VAL C 9  ? 0.8166 0.7827 1.0940 0.1057  -0.1831 0.2017  9  VAL C CA  
488 C C   . VAL C 9  ? 0.7050 0.7035 1.0157 0.0844  -0.1731 0.1447  9  VAL C C   
489 O O   . VAL C 9  ? 0.6561 0.6592 0.9068 0.0746  -0.1585 0.1363  9  VAL C O   
490 C CB  . VAL C 9  ? 0.9077 0.8771 1.1419 0.1436  -0.2357 0.2203  9  VAL C CB  
491 C CG1 . VAL C 9  ? 0.9869 0.9704 1.1277 0.1439  -0.2414 0.2164  9  VAL C CG1 
492 C CG2 . VAL C 9  ? 0.9776 0.8954 1.1726 0.1643  -0.2420 0.2796  9  VAL C CG2 
493 N N   . ALA C 10 ? 0.6083 0.6233 1.0133 0.0757  -0.1755 0.1037  10 ALA C N   
494 C CA  . ALA C 10 ? 0.5644 0.5953 0.9961 0.0467  -0.1540 0.0492  10 ALA C CA  
495 C C   . ALA C 10 ? 0.7007 0.7022 1.0988 0.0161  -0.1061 0.0540  10 ALA C C   
496 O O   . ALA C 10 ? 0.5190 0.5149 0.8765 0.0002  -0.0878 0.0318  10 ALA C O   
497 C CB  . ALA C 10 ? 0.5441 0.5984 1.0887 0.0398  -0.1589 0.0024  10 ALA C CB  
498 N N   . ILE C 11 ? 0.5835 0.5633 0.9957 0.0081  -0.0869 0.0819  11 ILE C N   
499 C CA  . ILE C 11 ? 0.4912 0.4525 0.8682 -0.0177 -0.0503 0.0898  11 ILE C CA  
500 C C   . ILE C 11 ? 0.6596 0.6248 0.9522 -0.0049 -0.0490 0.1210  11 ILE C C   
501 O O   . ILE C 11 ? 0.6078 0.5688 0.8605 -0.0149 -0.0301 0.1122  11 ILE C O   
502 C CB  . ILE C 11 ? 0.6609 0.6045 1.0760 -0.0330 -0.0318 0.1076  11 ILE C CB  
503 C CG1 . ILE C 11 ? 0.6831 0.6200 1.1851 -0.0471 -0.0253 0.0699  11 ILE C CG1 
504 C CG2 . ILE C 11 ? 0.6625 0.5992 1.0399 -0.0583 -0.0023 0.1159  11 ILE C CG2 
505 C CD1 . ILE C 11 ? 0.7252 0.6373 1.2661 -0.0625 -0.0050 0.0832  11 ILE C CD1 
506 N N   . LEU C 12 ? 0.7006 0.6692 0.9618 0.0188  -0.0672 0.1577  12 LEU C N   
507 C CA  . LEU C 12 ? 0.6755 0.6494 0.8587 0.0298  -0.0608 0.1831  12 LEU C CA  
508 C C   . LEU C 12 ? 0.7040 0.6855 0.8460 0.0378  -0.0683 0.1550  12 LEU C C   
509 O O   . LEU C 12 ? 0.7637 0.7447 0.8582 0.0378  -0.0483 0.1556  12 LEU C O   
510 C CB  . LEU C 12 ? 0.6681 0.6329 0.8154 0.0494  -0.0755 0.2257  12 LEU C CB  
511 C CG  . LEU C 12 ? 0.7238 0.6683 0.8945 0.0391  -0.0593 0.2585  12 LEU C CG  
512 C CD1 . LEU C 12 ? 0.8273 0.7448 0.9459 0.0598  -0.0739 0.3011  12 LEU C CD1 
513 C CD2 . LEU C 12 ? 0.7294 0.6880 0.8942 0.0153  -0.0218 0.2657  12 LEU C CD2 
514 N N   . GLY C 13 ? 0.6466 0.6361 0.8097 0.0452  -0.0966 0.1275  13 GLY C N   
515 C CA  . GLY C 13 ? 0.6188 0.6128 0.7459 0.0454  -0.1005 0.0931  13 GLY C CA  
516 C C   . GLY C 13 ? 0.6407 0.6161 0.7768 0.0216  -0.0692 0.0586  13 GLY C C   
517 O O   . GLY C 13 ? 0.5985 0.5579 0.6787 0.0217  -0.0538 0.0460  13 GLY C O   
518 N N   . GLY C 14 ? 0.6913 0.6594 0.8900 0.0008  -0.0570 0.0434  14 GLY C N   
519 C CA  . GLY C 14 ? 0.6901 0.6274 0.8813 -0.0241 -0.0254 0.0153  14 GLY C CA  
520 C C   . GLY C 14 ? 0.7787 0.6973 0.9139 -0.0198 -0.0037 0.0443  14 GLY C C   
521 O O   . GLY C 14 ? 0.8006 0.6881 0.8857 -0.0217 0.0145  0.0311  14 GLY C O   
522 N N   . LEU C 15 ? 0.6738 0.6107 0.8188 -0.0135 -0.0049 0.0826  15 LEU C N   
523 C CA  . LEU C 15 ? 0.7081 0.6469 0.8137 -0.0065 0.0109  0.1080  15 LEU C CA  
524 C C   . LEU C 15 ? 0.7958 0.7387 0.8411 0.0195  0.0120  0.1164  15 LEU C C   
525 O O   . LEU C 15 ? 0.8797 0.8111 0.8873 0.0295  0.0273  0.1181  15 LEU C O   
526 C CB  . LEU C 15 ? 0.6204 0.5861 0.7559 -0.0103 0.0115  0.1417  15 LEU C CB  
527 C CG  . LEU C 15 ? 0.5859 0.5437 0.7756 -0.0386 0.0178  0.1341  15 LEU C CG  
528 C CD1 . LEU C 15 ? 0.5118 0.4909 0.7265 -0.0438 0.0207  0.1660  15 LEU C CD1 
529 C CD2 . LEU C 15 ? 0.6312 0.5696 0.8034 -0.0562 0.0331  0.1178  15 LEU C CD2 
530 N N   . PHE C 16 ? 0.7119 0.6679 0.7438 0.0326  -0.0047 0.1210  16 PHE C N   
531 C CA  . PHE C 16 ? 0.7277 0.6822 0.6961 0.0530  -0.0004 0.1220  16 PHE C CA  
532 C C   . PHE C 16 ? 0.7937 0.7114 0.7304 0.0504  0.0114  0.0845  16 PHE C C   
533 O O   . PHE C 16 ? 0.9585 0.8598 0.8462 0.0664  0.0301  0.0853  16 PHE C O   
534 C CB  . PHE C 16 ? 0.7903 0.7585 0.7400 0.0628  -0.0250 0.1294  16 PHE C CB  
535 C CG  . PHE C 16 ? 0.7756 0.7409 0.6512 0.0800  -0.0177 0.1309  16 PHE C CG  
536 C CD1 . PHE C 16 ? 0.8060 0.7858 0.6479 0.0918  -0.0039 0.1652  16 PHE C CD1 
537 C CD2 . PHE C 16 ? 0.7586 0.7049 0.5976 0.0797  -0.0197 0.0938  16 PHE C CD2 
538 C CE1 . PHE C 16 ? 0.9004 0.8752 0.6720 0.1053  0.0088  0.1629  16 PHE C CE1 
539 C CE2 . PHE C 16 ? 0.8639 0.8029 0.6307 0.0930  -0.0092 0.0913  16 PHE C CE2 
540 C CZ  . PHE C 16 ? 0.9376 0.8905 0.6699 0.1068  0.0054  0.1261  16 PHE C CZ  
541 N N   . GLY C 17 ? 0.7474 0.6482 0.7137 0.0295  0.0048  0.0496  17 GLY C N   
542 C CA  . GLY C 17 ? 0.8122 0.6680 0.7448 0.0194  0.0223  0.0107  17 GLY C CA  
543 C C   . GLY C 17 ? 0.8445 0.6548 0.7504 0.0179  0.0497  0.0149  17 GLY C C   
544 O O   . GLY C 17 ? 0.9801 0.7424 0.8288 0.0256  0.0699  0.0016  17 GLY C O   
545 N N   . ALA C 18 ? 0.8459 0.6655 0.7869 0.0089  0.0498  0.0334  18 ALA C N   
546 C CA  . ALA C 18 ? 0.8249 0.6036 0.7330 0.0097  0.0678  0.0408  18 ALA C CA  
547 C C   . ALA C 18 ? 0.8922 0.6836 0.7631 0.0465  0.0710  0.0706  18 ALA C C   
548 O O   . ALA C 18 ? 0.9688 0.7113 0.7878 0.0622  0.0854  0.0693  18 ALA C O   
549 C CB  . ALA C 18 ? 0.7961 0.5878 0.7485 -0.0125 0.0646  0.0500  18 ALA C CB  
550 N N   . ILE C 19 ? 0.9526 0.8057 0.8494 0.0615  0.0603  0.0969  19 ILE C N   
551 C CA  . ILE C 19 ? 1.0268 0.9040 0.9018 0.0950  0.0682  0.1194  19 ILE C CA  
552 C C   . ILE C 19 ? 1.0356 0.8779 0.8541 0.1161  0.0826  0.1028  19 ILE C C   
553 O O   . ILE C 19 ? 1.1065 0.9379 0.8959 0.1470  0.0968  0.1096  19 ILE C O   
554 C CB  . ILE C 19 ? 1.0581 1.0051 0.9727 0.0970  0.0618  0.1473  19 ILE C CB  
555 C CG1 . ILE C 19 ? 1.1116 1.0851 1.0803 0.0727  0.0524  0.1598  19 ILE C CG1 
556 C CG2 . ILE C 19 ? 1.0612 1.0436 0.9654 0.1285  0.0760  0.1642  19 ILE C CG2 
557 C CD1 . ILE C 19 ? 1.1588 1.1286 1.1280 0.0753  0.0531  0.1626  19 ILE C CD1 
558 N N   . VAL C 20 ? 0.9867 0.8121 0.7917 0.1006  0.0785  0.0779  20 VAL C N   
559 C CA  . VAL C 20 ? 1.0399 0.8250 0.7860 0.1125  0.0943  0.0540  20 VAL C CA  
560 C C   . VAL C 20 ? 1.1553 0.8615 0.8595 0.1154  0.1159  0.0354  20 VAL C C   
561 O O   . VAL C 20 ? 1.3130 0.9835 0.9708 0.1447  0.1364  0.0358  20 VAL C O   
562 C CB  . VAL C 20 ? 1.0403 0.8312 0.7849 0.0902  0.0791  0.0261  20 VAL C CB  
563 C CG1 . VAL C 20 ? 0.9480 0.6826 0.6328 0.0882  0.0984  -0.0124 20 VAL C CG1 
564 C CG2 . VAL C 20 ? 1.1202 0.9679 0.8689 0.0991  0.0618  0.0493  20 VAL C CG2 
565 N N   . ALA C 21 ? 1.0999 0.7703 0.8161 0.0856  0.1151  0.0186  21 ALA C N   
566 C CA  . ALA C 21 ? 1.2137 0.7913 0.8747 0.0825  0.1397  0.0015  21 ALA C CA  
567 C C   . ALA C 21 ? 1.2067 0.7659 0.8432 0.1182  0.1428  0.0351  21 ALA C C   
568 O O   . ALA C 21 ? 1.1023 0.5859 0.6755 0.1417  0.1633  0.0325  21 ALA C O   
569 C CB  . ALA C 21 ? 1.2303 0.7766 0.9099 0.0372  0.1430  -0.0245 21 ALA C CB  
570 N N   . PHE C 22 ? 1.2817 0.9079 0.9680 0.1237  0.1215  0.0655  22 PHE C N   
571 C CA  . PHE C 22 ? 1.3126 0.9382 0.9857 0.1574  0.1162  0.0946  22 PHE C CA  
572 C C   . PHE C 22 ? 1.3244 0.9667 0.9839 0.2075  0.1250  0.1063  22 PHE C C   
573 O O   . PHE C 22 ? 1.3877 0.9875 1.0095 0.2455  0.1294  0.1177  22 PHE C O   
574 C CB  . PHE C 22 ? 1.2674 0.9738 1.0048 0.1459  0.0923  0.1176  22 PHE C CB  
575 C CG  . PHE C 22 ? 1.3053 1.0041 1.0267 0.1647  0.0796  0.1386  22 PHE C CG  
576 C CD1 . PHE C 22 ? 1.3135 0.9597 1.0064 0.1353  0.0760  0.1337  22 PHE C CD1 
577 C CD2 . PHE C 22 ? 1.3210 1.0679 1.0555 0.2118  0.0705  0.1608  22 PHE C CD2 
578 C CE1 . PHE C 22 ? 1.4145 1.0513 1.0798 0.1527  0.0586  0.1538  22 PHE C CE1 
579 C CE2 . PHE C 22 ? 1.4177 1.1663 1.1397 0.2330  0.0501  0.1792  22 PHE C CE2 
580 C CZ  . PHE C 22 ? 1.4841 1.1752 1.1653 0.2035  0.0415  0.1774  22 PHE C CZ  
581 N N   . LEU C 23 ? 1.2803 0.9803 0.9668 0.2103  0.1284  0.1035  23 LEU C N   
582 C CA  . LEU C 23 ? 1.3209 1.0313 0.9916 0.2525  0.1461  0.1063  23 LEU C CA  
583 C C   . LEU C 23 ? 1.3485 0.9677 0.9483 0.2572  0.1732  0.0764  23 LEU C C   
584 O O   . LEU C 23 ? 1.4109 1.0059 0.9832 0.2981  0.1940  0.0757  23 LEU C O   
585 C CB  . LEU C 23 ? 1.3381 1.1377 1.0518 0.2487  0.1450  0.1148  23 LEU C CB  
586 C CG  . LEU C 23 ? 1.2718 1.1638 1.0562 0.2473  0.1285  0.1431  23 LEU C CG  
587 C CD1 . LEU C 23 ? 1.2124 1.1701 1.0203 0.2386  0.1363  0.1504  23 LEU C CD1 
588 C CD2 . LEU C 23 ? 1.2705 1.1878 1.0757 0.2899  0.1279  0.1580  23 LEU C CD2 
589 N N   . LEU C 24 ? 1.3870 0.9579 0.9625 0.2154  0.1757  0.0477  24 LEU C N   
590 C CA  . LEU C 24 ? 1.5237 1.0032 1.0316 0.2109  0.2044  0.0129  24 LEU C CA  
591 C C   . LEU C 24 ? 1.6534 1.0271 1.1030 0.2321  0.2232  0.0158  24 LEU C C   
592 O O   . LEU C 24 ? 1.7766 1.0816 1.1723 0.2630  0.2509  0.0071  24 LEU C O   
593 C CB  . LEU C 24 ? 1.5268 0.9972 1.0381 0.1569  0.1997  -0.0233 24 LEU C CB  
594 C CG  . LEU C 24 ? 1.5477 0.9272 0.9976 0.1344  0.2295  -0.0699 24 LEU C CG  
595 C CD1 . LEU C 24 ? 1.5075 0.9366 0.9761 0.1000  0.2166  -0.1039 24 LEU C CD1 
596 C CD2 . LEU C 24 ? 1.5499 0.8451 0.9760 0.1049  0.2439  -0.0849 24 LEU C CD2 
597 N N   . ALA C 25 ? 1.6059 0.9570 1.0582 0.2162  0.2101  0.0287  25 ALA C N   
598 C CA  . ALA C 25 ? 1.6765 0.9178 1.0582 0.2375  0.2242  0.0384  25 ALA C CA  
599 C C   . ALA C 25 ? 1.7216 0.9862 1.1079 0.3044  0.2119  0.0759  25 ALA C C   
600 O O   . ALA C 25 ? 1.7196 0.8868 1.0386 0.3424  0.2263  0.0845  25 ALA C O   
601 C CB  . ALA C 25 ? 1.6176 0.8282 0.9919 0.1978  0.2145  0.0406  25 ALA C CB  
602 N N   . LEU C 26 ? 1.7418 1.1334 1.2086 0.3201  0.1862  0.0971  26 LEU C N   
603 C CA  . LEU C 26 ? 1.8266 1.2642 1.3191 0.3825  0.1745  0.1256  26 LEU C CA  
604 C C   . LEU C 26 ? 1.9410 1.3438 1.4077 0.4274  0.2059  0.1138  26 LEU C C   
605 O O   . LEU C 26 ? 2.0045 1.3971 1.4688 0.4887  0.2048  0.1313  26 LEU C O   
606 C CB  . LEU C 26 ? 1.7733 1.3577 1.3630 0.3774  0.1488  0.1424  26 LEU C CB  
607 C CG  . LEU C 26 ? 1.8308 1.4976 1.4755 0.4306  0.1295  0.1684  26 LEU C CG  
608 C CD1 . LEU C 26 ? 1.7487 1.5214 1.4662 0.4014  0.0981  0.1838  26 LEU C CD1 
609 C CD2 . LEU C 26 ? 1.8625 1.5858 1.5443 0.4670  0.1535  0.1614  26 LEU C CD2 
610 N N   . ARG C 27 ? 1.9472 1.3330 1.3959 0.3994  0.2328  0.0823  27 ARG C N   
611 C CA  . ARG C 27 ? 2.1019 1.4442 1.5169 0.4350  0.2690  0.0645  27 ARG C CA  
612 C C   . ARG C 27 ? 2.3009 1.4901 1.6258 0.4582  0.2946  0.0567  27 ARG C C   
613 O O   . ARG C 27 ? 2.3851 1.5416 1.6943 0.5095  0.3122  0.0608  27 ARG C O   
614 C CB  . ARG C 27 ? 2.0858 1.4467 1.4928 0.3923  0.2873  0.0301  27 ARG C CB  
615 C CG  . ARG C 27 ? 2.1873 1.4937 1.5478 0.4187  0.3299  0.0037  27 ARG C CG  
616 C CD  . ARG C 27 ? 2.2464 1.4936 1.5496 0.3661  0.3501  -0.0412 27 ARG C CD  
617 N NE  . ARG C 27 ? 2.3158 1.4519 1.5651 0.3372  0.3575  -0.0569 27 ARG C NE  
618 C CZ  . ARG C 27 ? 2.3420 1.4366 1.5616 0.2805  0.3682  -0.0941 27 ARG C CZ  
619 N NH1 . ARG C 27 ? 2.3439 1.3694 1.5402 0.2426  0.3701  -0.1004 27 ARG C NH1 
620 N NH2 . ARG C 27 ? 2.3607 1.4906 1.5760 0.2600  0.3768  -0.1251 27 ARG C NH2 
621 N N   . ARG C 28 ? 2.3426 1.4430 1.6126 0.4133  0.2972  0.0453  28 ARG C N   
622 C CA  . ARG C 28 ? 2.5007 1.4798 1.6905 0.4044  0.3190  0.0386  28 ARG C CA  
623 C C   . ARG C 28 ? 2.4854 1.4395 1.6565 0.4599  0.3023  0.0759  28 ARG C C   
624 O O   . ARG C 28 ? 2.6579 1.5231 1.7667 0.4704  0.3229  0.0747  28 ARG C O   
625 C CB  . ARG C 28 ? 2.6064 1.5297 1.7605 0.3334  0.3230  0.0201  28 ARG C CB  
626 C CG  . ARG C 28 ? 2.6423 1.5838 1.8117 0.2715  0.3393  -0.0253 28 ARG C CG  
627 C CD  . ARG C 28 ? 2.6441 1.6046 1.8369 0.2110  0.3262  -0.0397 28 ARG C CD  
628 N NE  . ARG C 28 ? 2.6976 1.6551 1.8966 0.1451  0.3421  -0.0826 28 ARG C NE  
629 C CZ  . ARG C 28 ? 2.6707 1.6926 1.9093 0.1223  0.3374  -0.1157 28 ARG C CZ  
630 N NH1 . ARG C 28 ? 2.6979 1.7249 1.9502 0.0657  0.3460  -0.1550 28 ARG C NH1 
631 N NH2 . ARG C 28 ? 2.6111 1.6972 1.8731 0.1580  0.3244  -0.1094 28 ARG C NH2 
632 N N   . LEU C 29 ? 2.2145 1.2511 1.4405 0.4933  0.2632  0.1080  29 LEU C N   
633 C CA  . LEU C 29 ? 2.0506 1.0845 1.2690 0.5433  0.2371  0.1392  29 LEU C CA  
634 C C   . LEU C 29 ? 1.9769 1.0821 1.2560 0.6082  0.2363  0.1465  29 LEU C C   
635 O O   . LEU C 29 ? 2.0590 1.1071 1.3079 0.6263  0.2691  0.1317  29 LEU C O   
636 C CB  . LEU C 29 ? 1.8810 0.9795 1.1331 0.5372  0.1903  0.1658  29 LEU C CB  
637 C CG  . LEU C 29 ? 1.8367 0.8782 1.0420 0.4701  0.1916  0.1569  29 LEU C CG  
638 C CD1 . LEU C 29 ? 1.7775 0.8774 1.0082 0.4669  0.1453  0.1838  29 LEU C CD1 
639 C CD2 . LEU C 29 ? 1.9859 0.8852 1.0848 0.4419  0.2244  0.1401  29 LEU C CD2 
640 N N   . GLU D 3  ? 1.7088 1.7851 1.7009 0.9973  0.1435  0.3922  3  GLU D N   
641 C CA  . GLU D 3  ? 1.6376 1.7614 1.6514 0.9516  0.1048  0.4202  3  GLU D CA  
642 C C   . GLU D 3  ? 1.7533 1.7507 1.7372 0.8792  0.1061  0.4200  3  GLU D C   
643 O O   . GLU D 3  ? 1.4761 1.5480 1.5107 0.8029  0.0916  0.4110  3  GLU D O   
644 C CB  . GLU D 3  ? 1.7856 1.8661 1.7526 0.9923  0.0890  0.4386  3  GLU D CB  
645 C CG  . GLU D 3  ? 1.8113 2.0324 1.8114 1.0652  0.0827  0.4416  3  GLU D CG  
646 C CD  . GLU D 3  ? 1.9587 2.1245 1.9077 1.1109  0.0668  0.4617  3  GLU D CD  
647 O OE1 . GLU D 3  ? 2.0185 2.0192 1.8963 1.0878  0.0651  0.4707  3  GLU D OE1 
648 O OE2 . GLU D 3  ? 2.0241 2.3170 2.0029 1.1684  0.0557  0.4687  3  GLU D OE2 
649 N N   . LEU D 4  ? 1.8160 1.6233 1.7098 0.8737  0.1205  0.4167  4  LEU D N   
650 C CA  . LEU D 4  ? 1.7614 1.4508 1.6204 0.8037  0.1260  0.4118  4  LEU D CA  
651 C C   . LEU D 4  ? 1.7175 1.3633 1.5772 0.7564  0.1553  0.3746  4  LEU D C   
652 O O   . LEU D 4  ? 1.6369 1.2727 1.5108 0.6717  0.1494  0.3580  4  LEU D O   
653 C CB  . LEU D 4  ? 1.8805 1.3965 1.6389 0.7971  0.1337  0.4142  4  LEU D CB  
654 C CG  . LEU D 4  ? 1.8933 1.2949 1.6071 0.7221  0.1405  0.4076  4  LEU D CG  
655 C CD1 . LEU D 4  ? 1.7546 1.2652 1.5306 0.6703  0.1048  0.4186  4  LEU D CD1 
656 C CD2 . LEU D 4  ? 2.0633 1.2982 1.6674 0.7161  0.1524  0.4087  4  LEU D CD2 
657 N N   . LEU D 5  ? 1.8157 1.4391 1.6591 0.8103  0.1860  0.3593  5  LEU D N   
658 C CA  . LEU D 5  ? 1.8496 1.4297 1.6870 0.7618  0.2153  0.3231  5  LEU D CA  
659 C C   . LEU D 5  ? 1.8070 1.5589 1.7408 0.7041  0.1964  0.3102  5  LEU D C   
660 O O   . LEU D 5  ? 1.6307 1.3612 1.5719 0.6243  0.1979  0.2894  5  LEU D O   
661 C CB  . LEU D 5  ? 1.9130 1.4146 1.6971 0.8381  0.2548  0.3080  5  LEU D CB  
662 C CG  . LEU D 5  ? 1.9241 1.3526 1.6802 0.7912  0.2912  0.2698  5  LEU D CG  
663 C CD1 . LEU D 5  ? 1.9416 1.2100 1.6252 0.7131  0.3020  0.2608  5  LEU D CD1 
664 C CD2 . LEU D 5  ? 2.0480 1.4017 1.7473 0.8777  0.3298  0.2541  5  LEU D CD2 
665 N N   . PHE D 6  ? 1.9719 1.8965 1.9744 0.7407  0.1766  0.3232  6  PHE D N   
666 C CA  . PHE D 6  ? 1.8993 1.9836 1.9794 0.6788  0.1561  0.3139  6  PHE D CA  
667 C C   . PHE D 6  ? 1.7705 1.8709 1.8719 0.5948  0.1183  0.3223  6  PHE D C   
668 O O   . PHE D 6  ? 1.7400 1.9044 1.8770 0.5249  0.1033  0.3092  6  PHE D O   
669 C CB  . PHE D 6  ? 1.9835 2.2590 2.1243 0.7321  0.1430  0.3272  6  PHE D CB  
670 C CG  . PHE D 6  ? 1.9409 2.3845 2.1492 0.6590  0.1170  0.3226  6  PHE D CG  
671 C CD1 . PHE D 6  ? 1.9062 2.4747 2.1538 0.6311  0.0750  0.3473  6  PHE D CD1 
672 C CD2 . PHE D 6  ? 1.9381 2.4065 2.1597 0.6116  0.1336  0.2940  6  PHE D CD2 
673 C CE1 . PHE D 6  ? 1.8423 2.5480 2.1337 0.5557  0.0496  0.3439  6  PHE D CE1 
674 C CE2 . PHE D 6  ? 1.8673 2.4768 2.1361 0.5376  0.1072  0.2919  6  PHE D CE2 
675 C CZ  . PHE D 6  ? 1.8200 2.5431 2.1197 0.5087  0.0649  0.3170  6  PHE D CZ  
676 N N   . ILE D 7  ? 1.6077 1.6447 1.6807 0.6011  0.1025  0.3425  7  ILE D N   
677 C CA  . ILE D 7  ? 1.4837 1.5339 1.5727 0.5301  0.0679  0.3470  7  ILE D CA  
678 C C   . ILE D 7  ? 1.4201 1.3367 1.4696 0.4754  0.0801  0.3246  7  ILE D C   
679 O O   . ILE D 7  ? 1.1533 1.0919 1.2256 0.4099  0.0574  0.3135  7  ILE D O   
680 C CB  . ILE D 7  ? 1.2404 1.3115 1.3227 0.5592  0.0432  0.3783  7  ILE D CB  
681 C CG1 . ILE D 7  ? 1.3368 1.5747 1.4679 0.6020  0.0251  0.4000  7  ILE D CG1 
682 C CG2 . ILE D 7  ? 1.1774 1.2411 1.2638 0.4903  0.0118  0.3782  7  ILE D CG2 
683 C CD1 . ILE D 7  ? 1.2935 1.5600 1.4152 0.6406  0.0027  0.4336  7  ILE D CD1 
684 N N   . LEU D 8  ? 1.6093 1.3880 1.5947 0.5003  0.1147  0.3171  8  LEU D N   
685 C CA  . LEU D 8  ? 1.6041 1.2731 1.5503 0.4433  0.1276  0.2952  8  LEU D CA  
686 C C   . LEU D 8  ? 1.5969 1.2696 1.5576 0.4011  0.1430  0.2666  8  LEU D C   
687 O O   . LEU D 8  ? 1.5589 1.2192 1.5267 0.3390  0.1333  0.2494  8  LEU D O   
688 C CB  . LEU D 8  ? 1.7029 1.2190 1.5605 0.4709  0.1585  0.2981  8  LEU D CB  
689 C CG  . LEU D 8  ? 1.7776 1.2640 1.6051 0.4904  0.1417  0.3241  8  LEU D CG  
690 C CD1 . LEU D 8  ? 1.9569 1.2735 1.6793 0.5010  0.1725  0.3251  8  LEU D CD1 
691 C CD2 . LEU D 8  ? 1.6726 1.2145 1.5370 0.4299  0.1101  0.3200  8  LEU D CD2 
692 N N   . VAL D 9  ? 1.5688 1.2629 1.5328 0.4361  0.1665  0.2601  9  VAL D N   
693 C CA  . VAL D 9  ? 1.5597 1.2620 1.5344 0.3927  0.1815  0.2335  9  VAL D CA  
694 C C   . VAL D 9  ? 1.4486 1.2755 1.4905 0.3396  0.1430  0.2330  9  VAL D C   
695 O O   . VAL D 9  ? 1.4330 1.2510 1.4801 0.2798  0.1382  0.2147  9  VAL D O   
696 C CB  . VAL D 9  ? 1.6478 1.3460 1.6057 0.4466  0.2179  0.2239  9  VAL D CB  
697 C CG1 . VAL D 9  ? 1.6070 1.3253 1.5767 0.3956  0.2326  0.1962  9  VAL D CG1 
698 C CG2 . VAL D 9  ? 1.8084 1.3476 1.6774 0.4955  0.2546  0.2229  9  VAL D CG2 
699 N N   . ALA D 10 ? 1.3514 1.2916 1.4372 0.3578  0.1129  0.2544  10 ALA D N   
700 C CA  . ALA D 10 ? 1.2589 1.2989 1.3895 0.3006  0.0726  0.2565  10 ALA D CA  
701 C C   . ALA D 10 ? 1.2286 1.2143 1.3505 0.2498  0.0444  0.2524  10 ALA D C   
702 O O   . ALA D 10 ? 1.1226 1.1332 1.2590 0.1944  0.0182  0.2438  10 ALA D O   
703 C CB  . ALA D 10 ? 1.1978 1.3672 1.3651 0.3245  0.0470  0.2809  10 ALA D CB  
704 N N   . ILE D 11 ? 1.3016 1.2131 1.3958 0.2694  0.0485  0.2577  11 ILE D N   
705 C CA  . ILE D 11 ? 1.3081 1.1737 1.3938 0.2279  0.0273  0.2476  11 ILE D CA  
706 C C   . ILE D 11 ? 1.2983 1.0933 1.3626 0.1941  0.0488  0.2209  11 ILE D C   
707 O O   . ILE D 11 ? 1.2707 1.0661 1.3448 0.1513  0.0254  0.2069  11 ILE D O   
708 C CB  . ILE D 11 ? 1.3374 1.1593 1.3982 0.2543  0.0270  0.2599  11 ILE D CB  
709 C CG1 . ILE D 11 ? 1.3372 1.2422 1.4213 0.2775  -0.0013 0.2869  11 ILE D CG1 
710 C CG2 . ILE D 11 ? 1.3210 1.0999 1.3713 0.2157  0.0131  0.2424  11 ILE D CG2 
711 C CD1 . ILE D 11 ? 1.3521 1.2200 1.4094 0.3017  -0.0034 0.3017  11 ILE D CD1 
712 N N   . LEU D 12 ? 1.2923 1.0245 1.3222 0.2140  0.0922  0.2129  12 LEU D N   
713 C CA  . LEU D 12 ? 1.2614 0.9306 1.2642 0.1752  0.1152  0.1876  12 LEU D CA  
714 C C   . LEU D 12 ? 1.3332 1.0594 1.3684 0.1336  0.0990  0.1762  12 LEU D C   
715 O O   . LEU D 12 ? 1.3652 1.0779 1.3997 0.0886  0.0887  0.1595  12 LEU D O   
716 C CB  . LEU D 12 ? 1.2637 0.8434 1.2092 0.2030  0.1653  0.1819  12 LEU D CB  
717 C CG  . LEU D 12 ? 1.2837 0.7837 1.1828 0.1573  0.1945  0.1563  12 LEU D CG  
718 C CD1 . LEU D 12 ? 1.2560 0.7062 1.1242 0.1307  0.1928  0.1508  12 LEU D CD1 
719 C CD2 . LEU D 12 ? 1.4424 0.8539 1.2795 0.1834  0.2427  0.1492  12 LEU D CD2 
720 N N   . GLY D 13 ? 1.3892 1.1861 1.4505 0.1467  0.0954  0.1850  13 GLY D N   
721 C CA  . GLY D 13 ? 1.4158 1.2678 1.5000 0.1000  0.0772  0.1769  13 GLY D CA  
722 C C   . GLY D 13 ? 1.3503 1.2358 1.4556 0.0619  0.0239  0.1824  13 GLY D C   
723 O O   . GLY D 13 ? 1.4004 1.2803 1.5048 0.0163  0.0054  0.1709  13 GLY D O   
724 N N   . GLY D 14 ? 1.1583 1.0721 1.2760 0.0812  -0.0032 0.1999  14 GLY D N   
725 C CA  . GLY D 14 ? 1.0749 0.9990 1.1988 0.0504  -0.0533 0.2028  14 GLY D CA  
726 C C   . GLY D 14 ? 1.1347 0.9958 1.2461 0.0392  -0.0604 0.1848  14 GLY D C   
727 O O   . GLY D 14 ? 1.0801 0.9382 1.1912 0.0130  -0.1010 0.1798  14 GLY D O   
728 N N   . LEU D 15 ? 1.1891 1.0000 1.2844 0.0583  -0.0226 0.1741  15 LEU D N   
729 C CA  . LEU D 15 ? 1.2292 1.0020 1.3143 0.0430  -0.0248 0.1536  15 LEU D CA  
730 C C   . LEU D 15 ? 1.3054 1.0685 1.3855 0.0064  -0.0170 0.1352  15 LEU D C   
731 O O   . LEU D 15 ? 1.3296 1.0978 1.4159 -0.0140 -0.0443 0.1214  15 LEU D O   
732 C CB  . LEU D 15 ? 1.1478 0.8737 1.2061 0.0653  0.0114  0.1503  15 LEU D CB  
733 C CG  . LEU D 15 ? 1.1405 0.8720 1.1988 0.0954  -0.0012 0.1652  15 LEU D CG  
734 C CD1 . LEU D 15 ? 1.2267 0.8998 1.2446 0.1115  0.0376  0.1650  15 LEU D CD1 
735 C CD2 . LEU D 15 ? 1.0825 0.8364 1.1565 0.0841  -0.0426 0.1547  15 LEU D CD2 
736 N N   . PHE D 16 ? 1.3514 1.1021 1.4182 0.0006  0.0193  0.1338  16 PHE D N   
737 C CA  . PHE D 16 ? 1.4593 1.2020 1.5167 -0.0399 0.0288  0.1166  16 PHE D CA  
738 C C   . PHE D 16 ? 1.5097 1.2953 1.5867 -0.0699 -0.0156 0.1211  16 PHE D C   
739 O O   . PHE D 16 ? 1.5091 1.2946 1.5843 -0.1014 -0.0337 0.1089  16 PHE D O   
740 C CB  . PHE D 16 ? 1.5480 1.2586 1.5775 -0.0381 0.0803  0.1119  16 PHE D CB  
741 C CG  . PHE D 16 ? 1.5882 1.2888 1.6011 -0.0853 0.0942  0.0936  16 PHE D CG  
742 C CD1 . PHE D 16 ? 1.6251 1.2903 1.6111 -0.1124 0.1117  0.0751  16 PHE D CD1 
743 C CD2 . PHE D 16 ? 1.5648 1.3000 1.5861 -0.1085 0.0898  0.0947  16 PHE D CD2 
744 C CE1 . PHE D 16 ? 1.6210 1.2844 1.5898 -0.1601 0.1236  0.0591  16 PHE D CE1 
745 C CE2 . PHE D 16 ? 1.5430 1.2701 1.5457 -0.1557 0.1020  0.0786  16 PHE D CE2 
746 C CZ  . PHE D 16 ? 1.5748 1.2654 1.5517 -0.1807 0.1183  0.0615  16 PHE D CZ  
747 N N   . GLY D 17 ? 1.5272 1.3512 1.6172 -0.0636 -0.0353 0.1396  17 GLY D N   
748 C CA  . GLY D 17 ? 1.5054 1.3577 1.5981 -0.1000 -0.0819 0.1466  17 GLY D CA  
749 C C   . GLY D 17 ? 1.4525 1.2848 1.5430 -0.1019 -0.1326 0.1450  17 GLY D C   
750 O O   . GLY D 17 ? 1.5321 1.3559 1.6110 -0.1321 -0.1695 0.1428  17 GLY D O   
751 N N   . ALA D 18 ? 1.3362 1.1569 1.4326 -0.0669 -0.1358 0.1453  18 ALA D N   
752 C CA  . ALA D 18 ? 1.1994 0.9997 1.2919 -0.0594 -0.1793 0.1375  18 ALA D CA  
753 C C   . ALA D 18 ? 1.2207 1.0113 1.3159 -0.0637 -0.1744 0.1136  18 ALA D C   
754 O O   . ALA D 18 ? 1.2240 1.0056 1.3144 -0.0632 -0.2173 0.1049  18 ALA D O   
755 C CB  . ALA D 18 ? 1.1759 0.9735 1.2728 -0.0235 -0.1786 0.1410  18 ALA D CB  
756 N N   . ILE D 19 ? 1.1507 0.9427 1.2475 -0.0676 -0.1242 0.1023  19 ILE D N   
757 C CA  . ILE D 19 ? 1.1137 0.9127 1.2104 -0.0820 -0.1165 0.0793  19 ILE D CA  
758 C C   . ILE D 19 ? 1.1735 0.9810 1.2656 -0.1169 -0.1411 0.0788  19 ILE D C   
759 O O   . ILE D 19 ? 1.1904 1.0112 1.2862 -0.1182 -0.1762 0.0676  19 ILE D O   
760 C CB  . ILE D 19 ? 1.0243 0.8099 1.1062 -0.0894 -0.0554 0.0689  19 ILE D CB  
761 C CG1 . ILE D 19 ? 1.0016 0.7753 1.0797 -0.0587 -0.0382 0.0679  19 ILE D CG1 
762 C CG2 . ILE D 19 ? 1.0034 0.8081 1.0791 -0.1217 -0.0447 0.0465  19 ILE D CG2 
763 C CD1 . ILE D 19 ? 0.9550 0.6945 0.9995 -0.0697 0.0185  0.0598  19 ILE D CD1 
764 N N   . VAL D 20 ? 1.2189 1.0229 1.3010 -0.1434 -0.1240 0.0906  20 VAL D N   
765 C CA  . VAL D 20 ? 1.3231 1.1347 1.3944 -0.1846 -0.1439 0.0911  20 VAL D CA  
766 C C   . VAL D 20 ? 1.3433 1.1448 1.4052 -0.1874 -0.2110 0.1044  20 VAL D C   
767 O O   . VAL D 20 ? 1.3409 1.1397 1.3920 -0.2047 -0.2469 0.1010  20 VAL D O   
768 C CB  . VAL D 20 ? 1.3577 1.1729 1.4177 -0.2123 -0.1055 0.0973  20 VAL D CB  
769 C CG1 . VAL D 20 ? 1.3878 1.2127 1.4320 -0.2623 -0.1245 0.0973  20 VAL D CG1 
770 C CG2 . VAL D 20 ? 1.3481 1.1466 1.3998 -0.2046 -0.0407 0.0833  20 VAL D CG2 
771 N N   . ALA D 21 ? 1.3375 1.1281 1.3953 -0.1720 -0.2309 0.1206  21 ALA D N   
772 C CA  . ALA D 21 ? 1.3374 1.0975 1.3678 -0.1796 -0.2956 0.1335  21 ALA D CA  
773 C C   . ALA D 21 ? 1.3425 1.0784 1.3713 -0.1452 -0.3339 0.1187  21 ALA D C   
774 O O   . ALA D 21 ? 1.4217 1.1221 1.4200 -0.1521 -0.3879 0.1223  21 ALA D O   
775 C CB  . ALA D 21 ? 1.3173 1.0753 1.3383 -0.1749 -0.3054 0.1518  21 ALA D CB  
776 N N   . PHE D 22 ? 1.2554 1.0101 1.3121 -0.1061 -0.3076 0.1013  22 PHE D N   
777 C CA  . PHE D 22 ? 1.2179 0.9717 1.2801 -0.0688 -0.3376 0.0810  22 PHE D CA  
778 C C   . PHE D 22 ? 1.2472 1.0314 1.3168 -0.0810 -0.3429 0.0665  22 PHE D C   
779 O O   . PHE D 22 ? 1.3536 1.1184 1.4052 -0.0697 -0.3961 0.0647  22 PHE D O   
780 C CB  . PHE D 22 ? 1.2309 1.0115 1.3192 -0.0340 -0.3027 0.0645  22 PHE D CB  
781 C CG  . PHE D 22 ? 1.3112 1.0603 1.3873 -0.0042 -0.3265 0.0700  22 PHE D CG  
782 C CD1 . PHE D 22 ? 1.2880 1.0486 1.3740 0.0373  -0.3338 0.0474  22 PHE D CD1 
783 C CD2 . PHE D 22 ? 1.3555 1.0717 1.4075 -0.0219 -0.3410 0.0959  22 PHE D CD2 
784 C CE1 . PHE D 22 ? 1.2733 1.0013 1.3421 0.0610  -0.3545 0.0508  22 PHE D CE1 
785 C CE2 . PHE D 22 ? 1.3092 0.9978 1.3435 -0.0020 -0.3630 0.1011  22 PHE D CE2 
786 C CZ  . PHE D 22 ? 1.2607 0.9489 1.3016 0.0398  -0.3696 0.0786  22 PHE D CZ  
787 N N   . LEU D 23 ? 1.1245 0.9518 1.2135 -0.1047 -0.2893 0.0568  23 LEU D N   
788 C CA  . LEU D 23 ? 1.1184 0.9895 1.2147 -0.1225 -0.2890 0.0414  23 LEU D CA  
789 C C   . LEU D 23 ? 1.1344 0.9831 1.2050 -0.1501 -0.3347 0.0564  23 LEU D C   
790 O O   . LEU D 23 ? 1.0786 0.9532 1.1499 -0.1433 -0.3684 0.0472  23 LEU D O   
791 C CB  . LEU D 23 ? 1.1072 1.0066 1.2089 -0.1588 -0.2215 0.0325  23 LEU D CB  
792 C CG  . LEU D 23 ? 1.1358 1.0501 1.2483 -0.1419 -0.1740 0.0176  23 LEU D CG  
793 C CD1 . LEU D 23 ? 1.1512 1.0597 1.2449 -0.1838 -0.1108 0.0131  23 LEU D CD1 
794 C CD2 . LEU D 23 ? 1.1801 1.1550 1.3139 -0.1151 -0.1898 -0.0081 23 LEU D CD2 
795 N N   . LEU D 24 ? 1.1810 0.9881 1.2263 -0.1823 -0.3378 0.0798  24 LEU D N   
796 C CA  . LEU D 24 ? 1.2379 1.0180 1.2477 -0.2184 -0.3820 0.0964  24 LEU D CA  
797 C C   . LEU D 24 ? 1.4471 1.1692 1.4233 -0.1874 -0.4566 0.1049  24 LEU D C   
798 O O   . LEU D 24 ? 1.5515 1.2598 1.5048 -0.1872 -0.5040 0.1068  24 LEU D O   
799 C CB  . LEU D 24 ? 1.1793 0.9455 1.1694 -0.2673 -0.3600 0.1158  24 LEU D CB  
800 C CG  . LEU D 24 ? 1.1814 0.9839 1.1758 -0.3156 -0.3106 0.1105  24 LEU D CG  
801 C CD1 . LEU D 24 ? 1.1589 0.9972 1.1843 -0.3007 -0.2510 0.0873  24 LEU D CD1 
802 C CD2 . LEU D 24 ? 1.1669 0.9688 1.1481 -0.3498 -0.2856 0.1246  24 LEU D CD2 
803 N N   . ALA D 25 ? 1.5725 1.2534 1.5379 -0.1599 -0.4696 0.1105  25 ALA D N   
804 C CA  . ALA D 25 ? 1.7690 1.3746 1.6878 -0.1294 -0.5391 0.1163  25 ALA D CA  
805 C C   . ALA D 25 ? 1.8349 1.4589 1.7755 -0.0622 -0.5598 0.0895  25 ALA D C   
806 O O   . ALA D 25 ? 1.9346 1.4953 1.8323 -0.0291 -0.6228 0.0898  25 ALA D O   
807 C CB  . ALA D 25 ? 1.8080 1.3658 1.7017 -0.1283 -0.5445 0.1291  25 ALA D CB  
808 N N   . LEU D 26 ? 1.8217 1.5300 1.8217 -0.0415 -0.5092 0.0652  26 LEU D N   
809 C CA  . LEU D 26 ? 1.8694 1.6254 1.8975 0.0179  -0.5225 0.0353  26 LEU D CA  
810 C C   . LEU D 26 ? 1.9144 1.7195 1.9494 0.0153  -0.5449 0.0281  26 LEU D C   
811 O O   . LEU D 26 ? 1.9921 1.7876 2.0137 0.0656  -0.5996 0.0182  26 LEU D O   
812 C CB  . LEU D 26 ? 1.8374 1.6707 1.9171 0.0283  -0.4593 0.0127  26 LEU D CB  
813 C CG  . LEU D 26 ? 1.8495 1.7687 1.9667 0.0761  -0.4585 -0.0231 26 LEU D CG  
814 C CD1 . LEU D 26 ? 1.9382 1.8152 2.0360 0.1455  -0.5158 -0.0357 26 LEU D CD1 
815 C CD2 . LEU D 26 ? 1.7818 1.7640 1.9337 0.0672  -0.3927 -0.0402 26 LEU D CD2 
# 
loop_
_pdbx_poly_seq_scheme.asym_id 
_pdbx_poly_seq_scheme.entity_id 
_pdbx_poly_seq_scheme.seq_id 
_pdbx_poly_seq_scheme.mon_id 
_pdbx_poly_seq_scheme.ndb_seq_num 
_pdbx_poly_seq_scheme.pdb_seq_num 
_pdbx_poly_seq_scheme.auth_seq_num 
_pdbx_poly_seq_scheme.pdb_mon_id 
_pdbx_poly_seq_scheme.auth_mon_id 
_pdbx_poly_seq_scheme.pdb_strand_id 
_pdbx_poly_seq_scheme.pdb_ins_code 
_pdbx_poly_seq_scheme.hetero 
A 1 1  GLU 1  1  ?  ?   ?   A . n 
A 1 2  PRO 2  2  2  PRO PRO A . n 
A 1 3  GLU 3  3  3  GLU GLU A . n 
A 1 4  LEU 4  4  4  LEU LEU A . n 
A 1 5  LEU 5  5  5  LEU LEU A . n 
A 1 6  PHE 6  6  6  PHE PHE A . n 
A 1 7  ILE 7  7  7  ILE ILE A . n 
A 1 8  LEU 8  8  8  LEU LEU A . n 
A 1 9  VAL 9  9  9  VAL VAL A . n 
A 1 10 ALA 10 10 10 ALA ALA A . n 
A 1 11 ILE 11 11 11 ILE ILE A . n 
A 1 12 LEU 12 12 12 LEU LEU A . n 
A 1 13 GLY 13 13 13 GLY GLY A . n 
A 1 14 GLY 14 14 14 GLY GLY A . n 
A 1 15 LEU 15 15 15 LEU LEU A . n 
A 1 16 PHE 16 16 16 PHE PHE A . n 
A 1 17 GLY 17 17 17 GLY GLY A . n 
A 1 18 ALA 18 18 18 ALA ALA A . n 
A 1 19 ILE 19 19 19 ILE ILE A . n 
A 1 20 VAL 20 20 20 VAL VAL A . n 
A 1 21 ALA 21 21 21 ALA ALA A . n 
A 1 22 PHE 22 22 22 PHE PHE A . n 
A 1 23 LEU 23 23 23 LEU LEU A . n 
A 1 24 LEU 24 24 24 LEU LEU A . n 
A 1 25 ALA 25 25 25 ALA ALA A . n 
A 1 26 LEU 26 26 26 LEU LEU A . n 
A 1 27 ARG 27 27 27 ARG ARG A . n 
A 1 28 ARG 28 28 28 ARG ARG A . n 
A 1 29 LEU 29 29 29 LEU LEU A . n 
A 1 30 SCH 30 30 ?  ?   ?   A . n 
B 1 1  GLU 1  1  ?  ?   ?   B . n 
B 1 2  PRO 2  2  2  PRO PRO B . n 
B 1 3  GLU 3  3  3  GLU GLU B . n 
B 1 4  LEU 4  4  4  LEU LEU B . n 
B 1 5  LEU 5  5  5  LEU LEU B . n 
B 1 6  PHE 6  6  6  PHE PHE B . n 
B 1 7  ILE 7  7  7  ILE ILE B . n 
B 1 8  LEU 8  8  8  LEU LEU B . n 
B 1 9  VAL 9  9  9  VAL VAL B . n 
B 1 10 ALA 10 10 10 ALA ALA B . n 
B 1 11 ILE 11 11 11 ILE ILE B . n 
B 1 12 LEU 12 12 12 LEU LEU B . n 
B 1 13 GLY 13 13 13 GLY GLY B . n 
B 1 14 GLY 14 14 14 GLY GLY B . n 
B 1 15 LEU 15 15 15 LEU LEU B . n 
B 1 16 PHE 16 16 16 PHE PHE B . n 
B 1 17 GLY 17 17 17 GLY GLY B . n 
B 1 18 ALA 18 18 18 ALA ALA B . n 
B 1 19 ILE 19 19 19 ILE ILE B . n 
B 1 20 VAL 20 20 20 VAL VAL B . n 
B 1 21 ALA 21 21 21 ALA ALA B . n 
B 1 22 PHE 22 22 22 PHE PHE B . n 
B 1 23 LEU 23 23 23 LEU LEU B . n 
B 1 24 LEU 24 24 24 LEU LEU B . n 
B 1 25 ALA 25 25 25 ALA ALA B . n 
B 1 26 LEU 26 26 26 LEU LEU B . n 
B 1 27 ARG 27 27 27 ARG ARG B . n 
B 1 28 ARG 28 28 28 ARG ARG B . n 
B 1 29 LEU 29 29 29 LEU LEU B . n 
B 1 30 SCH 30 30 ?  ?   ?   B . n 
C 1 1  GLU 1  1  ?  ?   ?   C . n 
C 1 2  PRO 2  2  2  PRO PRO C . n 
C 1 3  GLU 3  3  3  GLU GLU C . n 
C 1 4  LEU 4  4  4  LEU LEU C . n 
C 1 5  LEU 5  5  5  LEU LEU C . n 
C 1 6  PHE 6  6  6  PHE PHE C . n 
C 1 7  ILE 7  7  7  ILE ILE C . n 
C 1 8  LEU 8  8  8  LEU LEU C . n 
C 1 9  VAL 9  9  9  VAL VAL C . n 
C 1 10 ALA 10 10 10 ALA ALA C . n 
C 1 11 ILE 11 11 11 ILE ILE C . n 
C 1 12 LEU 12 12 12 LEU LEU C . n 
C 1 13 GLY 13 13 13 GLY GLY C . n 
C 1 14 GLY 14 14 14 GLY GLY C . n 
C 1 15 LEU 15 15 15 LEU LEU C . n 
C 1 16 PHE 16 16 16 PHE PHE C . n 
C 1 17 GLY 17 17 17 GLY GLY C . n 
C 1 18 ALA 18 18 18 ALA ALA C . n 
C 1 19 ILE 19 19 19 ILE ILE C . n 
C 1 20 VAL 20 20 20 VAL VAL C . n 
C 1 21 ALA 21 21 21 ALA ALA C . n 
C 1 22 PHE 22 22 22 PHE PHE C . n 
C 1 23 LEU 23 23 23 LEU LEU C . n 
C 1 24 LEU 24 24 24 LEU LEU C . n 
C 1 25 ALA 25 25 25 ALA ALA C . n 
C 1 26 LEU 26 26 26 LEU LEU C . n 
C 1 27 ARG 27 27 27 ARG ARG C . n 
C 1 28 ARG 28 28 28 ARG ARG C . n 
C 1 29 LEU 29 29 29 LEU LEU C . n 
C 1 30 SCH 30 30 ?  ?   ?   C . n 
D 1 1  GLU 1  1  ?  ?   ?   D . n 
D 1 2  PRO 2  2  ?  ?   ?   D . n 
D 1 3  GLU 3  3  3  GLU GLU D . n 
D 1 4  LEU 4  4  4  LEU LEU D . n 
D 1 5  LEU 5  5  5  LEU LEU D . n 
D 1 6  PHE 6  6  6  PHE PHE D . n 
D 1 7  ILE 7  7  7  ILE ILE D . n 
D 1 8  LEU 8  8  8  LEU LEU D . n 
D 1 9  VAL 9  9  9  VAL VAL D . n 
D 1 10 ALA 10 10 10 ALA ALA D . n 
D 1 11 ILE 11 11 11 ILE ILE D . n 
D 1 12 LEU 12 12 12 LEU LEU D . n 
D 1 13 GLY 13 13 13 GLY GLY D . n 
D 1 14 GLY 14 14 14 GLY GLY D . n 
D 1 15 LEU 15 15 15 LEU LEU D . n 
D 1 16 PHE 16 16 16 PHE PHE D . n 
D 1 17 GLY 17 17 17 GLY GLY D . n 
D 1 18 ALA 18 18 18 ALA ALA D . n 
D 1 19 ILE 19 19 19 ILE ILE D . n 
D 1 20 VAL 20 20 20 VAL VAL D . n 
D 1 21 ALA 21 21 21 ALA ALA D . n 
D 1 22 PHE 22 22 22 PHE PHE D . n 
D 1 23 LEU 23 23 23 LEU LEU D . n 
D 1 24 LEU 24 24 24 LEU LEU D . n 
D 1 25 ALA 25 25 25 ALA ALA D . n 
D 1 26 LEU 26 26 26 LEU LEU D . n 
D 1 27 ARG 27 27 ?  ?   ?   D . n 
D 1 28 ARG 28 28 ?  ?   ?   D . n 
D 1 29 LEU 29 29 ?  ?   ?   D . n 
D 1 30 SCH 30 30 ?  ?   ?   D . n 
# 
_pdbx_nonpoly_scheme.asym_id         E 
_pdbx_nonpoly_scheme.entity_id       2 
_pdbx_nonpoly_scheme.mon_id          OLB 
_pdbx_nonpoly_scheme.ndb_seq_num     1 
_pdbx_nonpoly_scheme.pdb_seq_num     101 
_pdbx_nonpoly_scheme.auth_seq_num    1 
_pdbx_nonpoly_scheme.pdb_mon_id      OLB 
_pdbx_nonpoly_scheme.auth_mon_id     OLB 
_pdbx_nonpoly_scheme.pdb_strand_id   A 
_pdbx_nonpoly_scheme.pdb_ins_code    . 
# 
loop_
_pdbx_struct_assembly.id 
_pdbx_struct_assembly.details 
_pdbx_struct_assembly.method_details 
_pdbx_struct_assembly.oligomeric_details 
_pdbx_struct_assembly.oligomeric_count 
1 author_defined_assembly ? trimeric  3 
2 author_defined_assembly ? monomeric 1 
# 
loop_
_pdbx_struct_assembly_gen.assembly_id 
_pdbx_struct_assembly_gen.oper_expression 
_pdbx_struct_assembly_gen.asym_id_list 
1 1 A,B,C,E 
2 1 D       
# 
loop_
_pdbx_struct_assembly_prop.biol_id 
_pdbx_struct_assembly_prop.type 
_pdbx_struct_assembly_prop.value 
_pdbx_struct_assembly_prop.details 
1 'ABSA (A^2)' 2200 ? 
1 MORE         -28  ? 
1 'SSA (A^2)'  6690 ? 
2 'ABSA (A^2)' 0    ? 
2 MORE         0    ? 
2 'SSA (A^2)'  2460 ? 
# 
_pdbx_struct_oper_list.id                   1 
_pdbx_struct_oper_list.type                 'identity operation' 
_pdbx_struct_oper_list.name                 1_555 
_pdbx_struct_oper_list.symmetry_operation   x,y,z 
_pdbx_struct_oper_list.matrix[1][1]         1.0000000000 
_pdbx_struct_oper_list.matrix[1][2]         0.0000000000 
_pdbx_struct_oper_list.matrix[1][3]         0.0000000000 
_pdbx_struct_oper_list.vector[1]            0.0000000000 
_pdbx_struct_oper_list.matrix[2][1]         0.0000000000 
_pdbx_struct_oper_list.matrix[2][2]         1.0000000000 
_pdbx_struct_oper_list.matrix[2][3]         0.0000000000 
_pdbx_struct_oper_list.vector[2]            0.0000000000 
_pdbx_struct_oper_list.matrix[3][1]         0.0000000000 
_pdbx_struct_oper_list.matrix[3][2]         0.0000000000 
_pdbx_struct_oper_list.matrix[3][3]         1.0000000000 
_pdbx_struct_oper_list.vector[3]            0.0000000000 
# 
loop_
_pdbx_audit_revision_history.ordinal 
_pdbx_audit_revision_history.data_content_type 
_pdbx_audit_revision_history.major_revision 
_pdbx_audit_revision_history.minor_revision 
_pdbx_audit_revision_history.revision_date 
1 'Structure model' 1 0 2021-03-31 
2 'Structure model' 1 1 2023-10-18 
# 
_pdbx_audit_revision_details.ordinal             1 
_pdbx_audit_revision_details.revision_ordinal    1 
_pdbx_audit_revision_details.data_content_type   'Structure model' 
_pdbx_audit_revision_details.provider            repository 
_pdbx_audit_revision_details.type                'Initial release' 
_pdbx_audit_revision_details.description         ? 
_pdbx_audit_revision_details.details             ? 
# 
loop_
_pdbx_audit_revision_group.ordinal 
_pdbx_audit_revision_group.revision_ordinal 
_pdbx_audit_revision_group.data_content_type 
_pdbx_audit_revision_group.group 
1 2 'Structure model' 'Data collection'        
2 2 'Structure model' 'Database references'    
3 2 'Structure model' 'Refinement description' 
# 
loop_
_pdbx_audit_revision_category.ordinal 
_pdbx_audit_revision_category.revision_ordinal 
_pdbx_audit_revision_category.data_content_type 
_pdbx_audit_revision_category.category 
1 2 'Structure model' chem_comp_atom                
2 2 'Structure model' chem_comp_bond                
3 2 'Structure model' database_2                    
4 2 'Structure model' pdbx_initial_refinement_model 
# 
loop_
_pdbx_audit_revision_item.ordinal 
_pdbx_audit_revision_item.revision_ordinal 
_pdbx_audit_revision_item.data_content_type 
_pdbx_audit_revision_item.item 
1 2 'Structure model' '_database_2.pdbx_DOI'                
2 2 'Structure model' '_database_2.pdbx_database_accession' 
# 
loop_
_space_group_symop.id 
_space_group_symop.operation_xyz 
1 x,y,z               
2 x,-y,-z             
3 -x,y,-z+1/2         
4 -x,-y,z+1/2         
5 x+1/2,y+1/2,z       
6 x+1/2,-y+1/2,-z     
7 -x+1/2,y+1/2,-z+1/2 
8 -x+1/2,-y+1/2,z+1/2 
# 
loop_
_pdbx_refine_tls.id 
_pdbx_refine_tls.pdbx_refine_id 
_pdbx_refine_tls.details 
_pdbx_refine_tls.method 
_pdbx_refine_tls.origin_x 
_pdbx_refine_tls.origin_y 
_pdbx_refine_tls.origin_z 
_pdbx_refine_tls.T[1][1] 
_pdbx_refine_tls.T[1][1]_esd 
_pdbx_refine_tls.T[1][2] 
_pdbx_refine_tls.T[1][2]_esd 
_pdbx_refine_tls.T[1][3] 
_pdbx_refine_tls.T[1][3]_esd 
_pdbx_refine_tls.T[2][2] 
_pdbx_refine_tls.T[2][2]_esd 
_pdbx_refine_tls.T[2][3] 
_pdbx_refine_tls.T[2][3]_esd 
_pdbx_refine_tls.T[3][3] 
_pdbx_refine_tls.T[3][3]_esd 
_pdbx_refine_tls.L[1][1] 
_pdbx_refine_tls.L[1][1]_esd 
_pdbx_refine_tls.L[1][2] 
_pdbx_refine_tls.L[1][2]_esd 
_pdbx_refine_tls.L[1][3] 
_pdbx_refine_tls.L[1][3]_esd 
_pdbx_refine_tls.L[2][2] 
_pdbx_refine_tls.L[2][2]_esd 
_pdbx_refine_tls.L[2][3] 
_pdbx_refine_tls.L[2][3]_esd 
_pdbx_refine_tls.L[3][3] 
_pdbx_refine_tls.L[3][3]_esd 
_pdbx_refine_tls.S[1][1] 
_pdbx_refine_tls.S[1][1]_esd 
_pdbx_refine_tls.S[1][2] 
_pdbx_refine_tls.S[1][2]_esd 
_pdbx_refine_tls.S[1][3] 
_pdbx_refine_tls.S[1][3]_esd 
_pdbx_refine_tls.S[2][1] 
_pdbx_refine_tls.S[2][1]_esd 
_pdbx_refine_tls.S[2][2] 
_pdbx_refine_tls.S[2][2]_esd 
_pdbx_refine_tls.S[2][3] 
_pdbx_refine_tls.S[2][3]_esd 
_pdbx_refine_tls.S[3][1] 
_pdbx_refine_tls.S[3][1]_esd 
_pdbx_refine_tls.S[3][2] 
_pdbx_refine_tls.S[3][2]_esd 
_pdbx_refine_tls.S[3][3] 
_pdbx_refine_tls.S[3][3]_esd 
1 'X-RAY DIFFRACTION' ? refined -0.0391 -0.8362 -5.9517 0.7116 ? -0.0515 ? -0.1915 ? 0.4302 ? -0.0767 ? 0.7320 ? 7.6457 ? 3.2797 ? 0.8701  ? 3.3685 ? 0.1843  ? 2.0293  ? 0.4375  ? -0.1721 ? -0.9402 ? -0.2361 ? 0.0436  ? 1.2072  ? 0.3523  ? -0.4798 ? -0.7241 ? 
2 'X-RAY DIFFRACTION' ? refined 5.3469  4.7566  -2.2207 0.4065 ? -0.0143 ? -0.0575 ? 0.2866 ? -0.0734 ? 0.6879 ? 5.2996 ? 1.1017 ? 1.6072  ? 4.2711 ? -3.7550 ? 13.7733 ? -0.5799 ? 0.3409  ? 0.7288  ? 0.0257  ? 0.0538  ? -0.2473 ? -1.3938 ? 0.4494  ? 0.3455  ? 
3 'X-RAY DIFFRACTION' ? refined 0.1352  0.1662  1.9076  0.5828 ? 0.0212  ? -0.0012 ? 0.5055 ? 0.0734  ? 0.6051 ? 4.5453 ? 1.3451 ? -2.4033 ? 8.0200 ? 3.0712  ? 7.2340  ? 0.0306  ? -1.0967 ? -0.3226 ? 0.4500  ? 0.8600  ? -0.7724 ? -0.5218 ? -0.2235 ? -0.5778 ? 
4 'X-RAY DIFFRACTION' ? refined -6.6806 -3.8421 6.4591  0.9557 ? 0.0633  ? 0.0141  ? 0.7589 ? 0.1719  ? 1.0417 ? 2.9380 ? 2.4849 ? 0.9618  ? 2.1087 ? 0.9613  ? 12.3288 ? 1.1443  ? -0.2339 ? 0.4762  ? -0.0868 ? -0.0970 ? 0.2495  ? -0.8851 ? -1.0830 ? -0.8951 ? 
# 
loop_
_pdbx_refine_tls_group.id 
_pdbx_refine_tls_group.pdbx_refine_id 
_pdbx_refine_tls_group.refine_tls_id 
_pdbx_refine_tls_group.beg_label_asym_id 
_pdbx_refine_tls_group.beg_label_seq_id 
_pdbx_refine_tls_group.beg_auth_asym_id 
_pdbx_refine_tls_group.beg_auth_seq_id 
_pdbx_refine_tls_group.end_label_asym_id 
_pdbx_refine_tls_group.end_label_seq_id 
_pdbx_refine_tls_group.end_auth_asym_id 
_pdbx_refine_tls_group.end_auth_seq_id 
_pdbx_refine_tls_group.selection 
_pdbx_refine_tls_group.selection_details 
1 'X-RAY DIFFRACTION' 1 ? ? A 2 ? ? A 29 ? 
;chain 'A' and (resid 2 through 29 )
;
2 'X-RAY DIFFRACTION' 2 ? ? B 2 ? ? B 29 ? 
;chain 'B' and (resid 2 through 29 )
;
3 'X-RAY DIFFRACTION' 3 ? ? C 2 ? ? C 29 ? 
;chain 'C' and (resid 2 through 29 )
;
4 'X-RAY DIFFRACTION' 4 ? ? D 3 ? ? D 26 ? 
;chain 'D' and (resid 3 through 26 )
;
# 
loop_
_software.citation_id 
_software.classification 
_software.compiler_name 
_software.compiler_version 
_software.contact_author 
_software.contact_author_email 
_software.date 
_software.description 
_software.dependencies 
_software.hardware 
_software.language 
_software.location 
_software.mods 
_software.name 
_software.os 
_software.os_version 
_software.type 
_software.version 
_software.pdbx_ordinal 
? refinement       ? ? ? ? ? ? ? ? ? ? ? PHENIX  ? ? ? 1.16_3549                      1 
? 'data reduction' ? ? ? ? ? ? ? ? ? ? ? XDS     ? ? ? 'Mar 15, 2019  BUILT=20190315' 2 
? 'data scaling'   ? ? ? ? ? ? ? ? ? ? ? Aimless ? ? ? 0.7.4                          3 
? phasing          ? ? ? ? ? ? ? ? ? ? ? PHASER  ? ? ? 2.8.2                          4 
# 
_pdbx_entry_details.entry_id                 6W9Y 
_pdbx_entry_details.has_ligand_of_interest   N 
_pdbx_entry_details.compound_details         ? 
_pdbx_entry_details.source_details           ? 
_pdbx_entry_details.nonpolymer_details       ? 
_pdbx_entry_details.sequence_details         ? 
# 
loop_
_pdbx_unobs_or_zero_occ_residues.id 
_pdbx_unobs_or_zero_occ_residues.PDB_model_num 
_pdbx_unobs_or_zero_occ_residues.polymer_flag 
_pdbx_unobs_or_zero_occ_residues.occupancy_flag 
_pdbx_unobs_or_zero_occ_residues.auth_asym_id 
_pdbx_unobs_or_zero_occ_residues.auth_comp_id 
_pdbx_unobs_or_zero_occ_residues.auth_seq_id 
_pdbx_unobs_or_zero_occ_residues.PDB_ins_code 
_pdbx_unobs_or_zero_occ_residues.label_asym_id 
_pdbx_unobs_or_zero_occ_residues.label_comp_id 
_pdbx_unobs_or_zero_occ_residues.label_seq_id 
1  1 Y 1 A GLU 1  ? A GLU 1  
2  1 Y 1 A SCH 30 ? A SCH 30 
3  1 Y 1 B GLU 1  ? B GLU 1  
4  1 Y 1 B SCH 30 ? B SCH 30 
5  1 Y 1 C GLU 1  ? C GLU 1  
6  1 Y 1 C SCH 30 ? C SCH 30 
7  1 Y 1 D GLU 1  ? D GLU 1  
8  1 Y 1 D PRO 2  ? D PRO 2  
9  1 Y 1 D ARG 27 ? D ARG 27 
10 1 Y 1 D ARG 28 ? D ARG 28 
11 1 Y 1 D LEU 29 ? D LEU 29 
12 1 Y 1 D SCH 30 ? D SCH 30 
# 
loop_
_chem_comp_atom.comp_id 
_chem_comp_atom.atom_id 
_chem_comp_atom.type_symbol 
_chem_comp_atom.pdbx_aromatic_flag 
_chem_comp_atom.pdbx_stereo_config 
_chem_comp_atom.pdbx_ordinal 
ALA N    N N N 1   
ALA CA   C N S 2   
ALA C    C N N 3   
ALA O    O N N 4   
ALA CB   C N N 5   
ALA OXT  O N N 6   
ALA H    H N N 7   
ALA H2   H N N 8   
ALA HA   H N N 9   
ALA HB1  H N N 10  
ALA HB2  H N N 11  
ALA HB3  H N N 12  
ALA HXT  H N N 13  
ARG N    N N N 14  
ARG CA   C N S 15  
ARG C    C N N 16  
ARG O    O N N 17  
ARG CB   C N N 18  
ARG CG   C N N 19  
ARG CD   C N N 20  
ARG NE   N N N 21  
ARG CZ   C N N 22  
ARG NH1  N N N 23  
ARG NH2  N N N 24  
ARG OXT  O N N 25  
ARG H    H N N 26  
ARG H2   H N N 27  
ARG HA   H N N 28  
ARG HB2  H N N 29  
ARG HB3  H N N 30  
ARG HG2  H N N 31  
ARG HG3  H N N 32  
ARG HD2  H N N 33  
ARG HD3  H N N 34  
ARG HE   H N N 35  
ARG HH11 H N N 36  
ARG HH12 H N N 37  
ARG HH21 H N N 38  
ARG HH22 H N N 39  
ARG HXT  H N N 40  
GLU N    N N N 41  
GLU CA   C N S 42  
GLU C    C N N 43  
GLU O    O N N 44  
GLU CB   C N N 45  
GLU CG   C N N 46  
GLU CD   C N N 47  
GLU OE1  O N N 48  
GLU OE2  O N N 49  
GLU OXT  O N N 50  
GLU H    H N N 51  
GLU H2   H N N 52  
GLU HA   H N N 53  
GLU HB2  H N N 54  
GLU HB3  H N N 55  
GLU HG2  H N N 56  
GLU HG3  H N N 57  
GLU HE2  H N N 58  
GLU HXT  H N N 59  
GLY N    N N N 60  
GLY CA   C N N 61  
GLY C    C N N 62  
GLY O    O N N 63  
GLY OXT  O N N 64  
GLY H    H N N 65  
GLY H2   H N N 66  
GLY HA2  H N N 67  
GLY HA3  H N N 68  
GLY HXT  H N N 69  
ILE N    N N N 70  
ILE CA   C N S 71  
ILE C    C N N 72  
ILE O    O N N 73  
ILE CB   C N S 74  
ILE CG1  C N N 75  
ILE CG2  C N N 76  
ILE CD1  C N N 77  
ILE OXT  O N N 78  
ILE H    H N N 79  
ILE H2   H N N 80  
ILE HA   H N N 81  
ILE HB   H N N 82  
ILE HG12 H N N 83  
ILE HG13 H N N 84  
ILE HG21 H N N 85  
ILE HG22 H N N 86  
ILE HG23 H N N 87  
ILE HD11 H N N 88  
ILE HD12 H N N 89  
ILE HD13 H N N 90  
ILE HXT  H N N 91  
LEU N    N N N 92  
LEU CA   C N S 93  
LEU C    C N N 94  
LEU O    O N N 95  
LEU CB   C N N 96  
LEU CG   C N N 97  
LEU CD1  C N N 98  
LEU CD2  C N N 99  
LEU OXT  O N N 100 
LEU H    H N N 101 
LEU H2   H N N 102 
LEU HA   H N N 103 
LEU HB2  H N N 104 
LEU HB3  H N N 105 
LEU HG   H N N 106 
LEU HD11 H N N 107 
LEU HD12 H N N 108 
LEU HD13 H N N 109 
LEU HD21 H N N 110 
LEU HD22 H N N 111 
LEU HD23 H N N 112 
LEU HXT  H N N 113 
OLB C1   C N N 114 
OLB C2   C N N 115 
OLB C3   C N N 116 
OLB C4   C N N 117 
OLB C5   C N N 118 
OLB O19  O N N 119 
OLB O20  O N N 120 
OLB C21  C N N 121 
OLB C22  C N S 122 
OLB O23  O N N 123 
OLB C24  C N N 124 
OLB O25  O N N 125 
OLB C6   C N N 126 
OLB C7   C N N 127 
OLB C8   C N N 128 
OLB C9   C N N 129 
OLB C10  C N N 130 
OLB C11  C N N 131 
OLB H2   H N N 132 
OLB H2A  H N N 133 
OLB H3   H N N 134 
OLB H3A  H N N 135 
OLB H4   H N N 136 
OLB H4A  H N N 137 
OLB H5   H N N 138 
OLB H5A  H N N 139 
OLB H21  H N N 140 
OLB H21A H N N 141 
OLB H22  H N N 142 
OLB HO23 H N N 143 
OLB H24  H N N 144 
OLB H24A H N N 145 
OLB HO25 H N N 146 
OLB H16  H N N 147 
OLB H17  H N N 148 
OLB H18  H N N 149 
OLB H19  H N N 150 
OLB H20  H N N 151 
OLB H211 H N N 152 
OLB H221 H N N 153 
OLB H23  H N N 154 
OLB H241 H N N 155 
OLB H25  H N N 156 
OLB C12  C N N 157 
OLB H26  H N N 158 
OLB C13  C N N 159 
OLB H27  H N N 160 
OLB C14  C N N 161 
OLB H28  H N N 162 
OLB H29  H N N 163 
OLB H30  H N N 164 
OLB H31  H N N 165 
OLB C15  C N N 166 
OLB C16  C N N 167 
OLB H32  H N N 168 
OLB H33  H N N 169 
OLB H34  H N N 170 
OLB H35  H N N 171 
OLB C17  C N N 172 
OLB C18  C N N 173 
OLB H36  H N N 174 
OLB H37  H N N 175 
OLB H38  H N N 176 
OLB H39  H N N 177 
OLB H40  H N N 178 
PHE N    N N N 179 
PHE CA   C N S 180 
PHE C    C N N 181 
PHE O    O N N 182 
PHE CB   C N N 183 
PHE CG   C Y N 184 
PHE CD1  C Y N 185 
PHE CD2  C Y N 186 
PHE CE1  C Y N 187 
PHE CE2  C Y N 188 
PHE CZ   C Y N 189 
PHE OXT  O N N 190 
PHE H    H N N 191 
PHE H2   H N N 192 
PHE HA   H N N 193 
PHE HB2  H N N 194 
PHE HB3  H N N 195 
PHE HD1  H N N 196 
PHE HD2  H N N 197 
PHE HE1  H N N 198 
PHE HE2  H N N 199 
PHE HZ   H N N 200 
PHE HXT  H N N 201 
PRO N    N N N 202 
PRO CA   C N S 203 
PRO C    C N N 204 
PRO O    O N N 205 
PRO CB   C N N 206 
PRO CG   C N N 207 
PRO CD   C N N 208 
PRO OXT  O N N 209 
PRO H    H N N 210 
PRO HA   H N N 211 
PRO HB2  H N N 212 
PRO HB3  H N N 213 
PRO HG2  H N N 214 
PRO HG3  H N N 215 
PRO HD2  H N N 216 
PRO HD3  H N N 217 
PRO HXT  H N N 218 
SCH N    N N N 219 
SCH CA   C N R 220 
SCH CB   C N N 221 
SCH SG   S N N 222 
SCH SD   S N N 223 
SCH CE   C N N 224 
SCH C    C N N 225 
SCH O    O N N 226 
SCH OXT  O N N 227 
SCH H    H N N 228 
SCH H2   H N N 229 
SCH HA   H N N 230 
SCH HB2  H N N 231 
SCH HB3  H N N 232 
SCH HE1  H N N 233 
SCH HE2  H N N 234 
SCH HE3  H N N 235 
SCH HXT  H N N 236 
VAL N    N N N 237 
VAL CA   C N S 238 
VAL C    C N N 239 
VAL O    O N N 240 
VAL CB   C N N 241 
VAL CG1  C N N 242 
VAL CG2  C N N 243 
VAL OXT  O N N 244 
VAL H    H N N 245 
VAL H2   H N N 246 
VAL HA   H N N 247 
VAL HB   H N N 248 
VAL HG11 H N N 249 
VAL HG12 H N N 250 
VAL HG13 H N N 251 
VAL HG21 H N N 252 
VAL HG22 H N N 253 
VAL HG23 H N N 254 
VAL HXT  H N N 255 
# 
loop_
_chem_comp_bond.comp_id 
_chem_comp_bond.atom_id_1 
_chem_comp_bond.atom_id_2 
_chem_comp_bond.value_order 
_chem_comp_bond.pdbx_aromatic_flag 
_chem_comp_bond.pdbx_stereo_config 
_chem_comp_bond.pdbx_ordinal 
ALA N   CA   sing N N 1   
ALA N   H    sing N N 2   
ALA N   H2   sing N N 3   
ALA CA  C    sing N N 4   
ALA CA  CB   sing N N 5   
ALA CA  HA   sing N N 6   
ALA C   O    doub N N 7   
ALA C   OXT  sing N N 8   
ALA CB  HB1  sing N N 9   
ALA CB  HB2  sing N N 10  
ALA CB  HB3  sing N N 11  
ALA OXT HXT  sing N N 12  
ARG N   CA   sing N N 13  
ARG N   H    sing N N 14  
ARG N   H2   sing N N 15  
ARG CA  C    sing N N 16  
ARG CA  CB   sing N N 17  
ARG CA  HA   sing N N 18  
ARG C   O    doub N N 19  
ARG C   OXT  sing N N 20  
ARG CB  CG   sing N N 21  
ARG CB  HB2  sing N N 22  
ARG CB  HB3  sing N N 23  
ARG CG  CD   sing N N 24  
ARG CG  HG2  sing N N 25  
ARG CG  HG3  sing N N 26  
ARG CD  NE   sing N N 27  
ARG CD  HD2  sing N N 28  
ARG CD  HD3  sing N N 29  
ARG NE  CZ   sing N N 30  
ARG NE  HE   sing N N 31  
ARG CZ  NH1  sing N N 32  
ARG CZ  NH2  doub N N 33  
ARG NH1 HH11 sing N N 34  
ARG NH1 HH12 sing N N 35  
ARG NH2 HH21 sing N N 36  
ARG NH2 HH22 sing N N 37  
ARG OXT HXT  sing N N 38  
GLU N   CA   sing N N 39  
GLU N   H    sing N N 40  
GLU N   H2   sing N N 41  
GLU CA  C    sing N N 42  
GLU CA  CB   sing N N 43  
GLU CA  HA   sing N N 44  
GLU C   O    doub N N 45  
GLU C   OXT  sing N N 46  
GLU CB  CG   sing N N 47  
GLU CB  HB2  sing N N 48  
GLU CB  HB3  sing N N 49  
GLU CG  CD   sing N N 50  
GLU CG  HG2  sing N N 51  
GLU CG  HG3  sing N N 52  
GLU CD  OE1  doub N N 53  
GLU CD  OE2  sing N N 54  
GLU OE2 HE2  sing N N 55  
GLU OXT HXT  sing N N 56  
GLY N   CA   sing N N 57  
GLY N   H    sing N N 58  
GLY N   H2   sing N N 59  
GLY CA  C    sing N N 60  
GLY CA  HA2  sing N N 61  
GLY CA  HA3  sing N N 62  
GLY C   O    doub N N 63  
GLY C   OXT  sing N N 64  
GLY OXT HXT  sing N N 65  
ILE N   CA   sing N N 66  
ILE N   H    sing N N 67  
ILE N   H2   sing N N 68  
ILE CA  C    sing N N 69  
ILE CA  CB   sing N N 70  
ILE CA  HA   sing N N 71  
ILE C   O    doub N N 72  
ILE C   OXT  sing N N 73  
ILE CB  CG1  sing N N 74  
ILE CB  CG2  sing N N 75  
ILE CB  HB   sing N N 76  
ILE CG1 CD1  sing N N 77  
ILE CG1 HG12 sing N N 78  
ILE CG1 HG13 sing N N 79  
ILE CG2 HG21 sing N N 80  
ILE CG2 HG22 sing N N 81  
ILE CG2 HG23 sing N N 82  
ILE CD1 HD11 sing N N 83  
ILE CD1 HD12 sing N N 84  
ILE CD1 HD13 sing N N 85  
ILE OXT HXT  sing N N 86  
LEU N   CA   sing N N 87  
LEU N   H    sing N N 88  
LEU N   H2   sing N N 89  
LEU CA  C    sing N N 90  
LEU CA  CB   sing N N 91  
LEU CA  HA   sing N N 92  
LEU C   O    doub N N 93  
LEU C   OXT  sing N N 94  
LEU CB  CG   sing N N 95  
LEU CB  HB2  sing N N 96  
LEU CB  HB3  sing N N 97  
LEU CG  CD1  sing N N 98  
LEU CG  CD2  sing N N 99  
LEU CG  HG   sing N N 100 
LEU CD1 HD11 sing N N 101 
LEU CD1 HD12 sing N N 102 
LEU CD1 HD13 sing N N 103 
LEU CD2 HD21 sing N N 104 
LEU CD2 HD22 sing N N 105 
LEU CD2 HD23 sing N N 106 
LEU OXT HXT  sing N N 107 
OLB C1  O19  doub N N 108 
OLB C1  O20  sing N N 109 
OLB C2  C1   sing N N 110 
OLB C3  C2   sing N N 111 
OLB C4  C3   sing N N 112 
OLB C5  C4   sing N N 113 
OLB C5  C6   sing N N 114 
OLB O20 C21  sing N N 115 
OLB C21 C22  sing N N 116 
OLB C22 C24  sing N N 117 
OLB O23 C22  sing N N 118 
OLB C24 O25  sing N N 119 
OLB C6  C7   sing N N 120 
OLB C7  C8   sing N N 121 
OLB C8  C9   sing N N 122 
OLB C9  C10  doub N Z 123 
OLB C10 C11  sing N N 124 
OLB C2  H2   sing N N 125 
OLB C2  H2A  sing N N 126 
OLB C3  H3   sing N N 127 
OLB C3  H3A  sing N N 128 
OLB C4  H4   sing N N 129 
OLB C4  H4A  sing N N 130 
OLB C5  H5   sing N N 131 
OLB C5  H5A  sing N N 132 
OLB C21 H21  sing N N 133 
OLB C21 H21A sing N N 134 
OLB C22 H22  sing N N 135 
OLB O23 HO23 sing N N 136 
OLB C24 H24  sing N N 137 
OLB C24 H24A sing N N 138 
OLB O25 HO25 sing N N 139 
OLB C6  H16  sing N N 140 
OLB C6  H17  sing N N 141 
OLB C7  H18  sing N N 142 
OLB C7  H19  sing N N 143 
OLB C8  H20  sing N N 144 
OLB C8  H211 sing N N 145 
OLB C9  H221 sing N N 146 
OLB C10 H23  sing N N 147 
OLB C11 H241 sing N N 148 
OLB C11 H25  sing N N 149 
OLB C11 C12  sing N N 150 
OLB C12 H26  sing N N 151 
OLB C12 C13  sing N N 152 
OLB C12 H27  sing N N 153 
OLB C13 C14  sing N N 154 
OLB C13 H28  sing N N 155 
OLB C13 H29  sing N N 156 
OLB C14 H30  sing N N 157 
OLB C14 H31  sing N N 158 
OLB C14 C15  sing N N 159 
OLB C15 C16  sing N N 160 
OLB C15 H32  sing N N 161 
OLB C15 H33  sing N N 162 
OLB C16 H34  sing N N 163 
OLB C16 H35  sing N N 164 
OLB C16 C17  sing N N 165 
OLB C17 C18  sing N N 166 
OLB C17 H36  sing N N 167 
OLB C17 H37  sing N N 168 
OLB C18 H38  sing N N 169 
OLB C18 H39  sing N N 170 
OLB C18 H40  sing N N 171 
PHE N   CA   sing N N 172 
PHE N   H    sing N N 173 
PHE N   H2   sing N N 174 
PHE CA  C    sing N N 175 
PHE CA  CB   sing N N 176 
PHE CA  HA   sing N N 177 
PHE C   O    doub N N 178 
PHE C   OXT  sing N N 179 
PHE CB  CG   sing N N 180 
PHE CB  HB2  sing N N 181 
PHE CB  HB3  sing N N 182 
PHE CG  CD1  doub Y N 183 
PHE CG  CD2  sing Y N 184 
PHE CD1 CE1  sing Y N 185 
PHE CD1 HD1  sing N N 186 
PHE CD2 CE2  doub Y N 187 
PHE CD2 HD2  sing N N 188 
PHE CE1 CZ   doub Y N 189 
PHE CE1 HE1  sing N N 190 
PHE CE2 CZ   sing Y N 191 
PHE CE2 HE2  sing N N 192 
PHE CZ  HZ   sing N N 193 
PHE OXT HXT  sing N N 194 
PRO N   CA   sing N N 195 
PRO N   CD   sing N N 196 
PRO N   H    sing N N 197 
PRO CA  C    sing N N 198 
PRO CA  CB   sing N N 199 
PRO CA  HA   sing N N 200 
PRO C   O    doub N N 201 
PRO C   OXT  sing N N 202 
PRO CB  CG   sing N N 203 
PRO CB  HB2  sing N N 204 
PRO CB  HB3  sing N N 205 
PRO CG  CD   sing N N 206 
PRO CG  HG2  sing N N 207 
PRO CG  HG3  sing N N 208 
PRO CD  HD2  sing N N 209 
PRO CD  HD3  sing N N 210 
PRO OXT HXT  sing N N 211 
SCH N   CA   sing N N 212 
SCH N   H    sing N N 213 
SCH N   H2   sing N N 214 
SCH CA  CB   sing N N 215 
SCH CA  C    sing N N 216 
SCH CA  HA   sing N N 217 
SCH CB  SG   sing N N 218 
SCH CB  HB2  sing N N 219 
SCH CB  HB3  sing N N 220 
SCH SG  SD   sing N N 221 
SCH SD  CE   sing N N 222 
SCH CE  HE1  sing N N 223 
SCH CE  HE2  sing N N 224 
SCH CE  HE3  sing N N 225 
SCH C   O    doub N N 226 
SCH C   OXT  sing N N 227 
SCH OXT HXT  sing N N 228 
VAL N   CA   sing N N 229 
VAL N   H    sing N N 230 
VAL N   H2   sing N N 231 
VAL CA  C    sing N N 232 
VAL CA  CB   sing N N 233 
VAL CA  HA   sing N N 234 
VAL C   O    doub N N 235 
VAL C   OXT  sing N N 236 
VAL CB  CG1  sing N N 237 
VAL CB  CG2  sing N N 238 
VAL CB  HB   sing N N 239 
VAL CG1 HG11 sing N N 240 
VAL CG1 HG12 sing N N 241 
VAL CG1 HG13 sing N N 242 
VAL CG2 HG21 sing N N 243 
VAL CG2 HG22 sing N N 244 
VAL CG2 HG23 sing N N 245 
VAL OXT HXT  sing N N 246 
# 
_pdbx_audit_support.funding_organization   'National Health and Medical Research Council (NHMRC, Australia)' 
_pdbx_audit_support.country                Australia 
_pdbx_audit_support.grant_number           APP1158249 
_pdbx_audit_support.ordinal                1 
# 
_pdbx_entity_nonpoly.entity_id   2 
_pdbx_entity_nonpoly.name        '(2S)-2,3-dihydroxypropyl (9Z)-octadec-9-enoate' 
_pdbx_entity_nonpoly.comp_id     OLB 
# 
_pdbx_initial_refinement_model.id               1 
_pdbx_initial_refinement_model.entity_id_list   ? 
_pdbx_initial_refinement_model.type             'experimental model' 
_pdbx_initial_refinement_model.source_name      PDB 
_pdbx_initial_refinement_model.accession_code   5EH6 
_pdbx_initial_refinement_model.details          ? 
# 
loop_
_pdbx_struct_assembly_auth_evidence.id 
_pdbx_struct_assembly_auth_evidence.assembly_id 
_pdbx_struct_assembly_auth_evidence.experimental_support 
_pdbx_struct_assembly_auth_evidence.details 
1 1 'assay for oligomerization'  'Deep sequencing - ToxCAT beta-Lactamase assay in E.coli' 
2 1 'native gel electrophoresis' 'Heat resistant oligomerization in SDS-PAGE'              
# 
_space_group.crystal_system   orthorhombic 
_space_group.name_H-M_alt     'C 2 2 21' 
_space_group.IT_number        20 
_space_group.name_Hall        'C 2c 2' 
_space_group.id               1 
# 
